data_8TC4
# 
_entry.id   8TC4 
# 
_audit_conform.dict_name       mmcif_pdbx.dic 
_audit_conform.dict_version    5.383 
_audit_conform.dict_location   http://mmcif.pdb.org/dictionaries/ascii/mmcif_pdbx.dic 
# 
loop_
_database_2.database_id 
_database_2.database_code 
_database_2.pdbx_database_accession 
_database_2.pdbx_DOI 
PDB   8TC4         pdb_00008tc4 10.2210/pdb8tc4/pdb 
WWPDB D_1000275297 ?            ?                   
# 
_pdbx_database_status.status_code                     REL 
_pdbx_database_status.status_code_sf                  REL 
_pdbx_database_status.status_code_mr                  ? 
_pdbx_database_status.entry_id                        8TC4 
_pdbx_database_status.recvd_initial_deposition_date   2023-06-29 
_pdbx_database_status.SG_entry                        N 
_pdbx_database_status.deposit_site                    RCSB 
_pdbx_database_status.process_site                    RCSB 
_pdbx_database_status.status_code_cs                  ? 
_pdbx_database_status.status_code_nmr_data            ? 
_pdbx_database_status.methods_development_category    ? 
_pdbx_database_status.pdb_format_compatible           Y 
# 
loop_
_audit_author.name 
_audit_author.pdbx_ordinal 
_audit_author.identifier_ORCID 
'Simmons, C.R.'      1 0000-0002-2290-6132 
'MacCulloch, T.'     2 0000-0001-5875-3361 
'Stephanopoulos, N.' 3 0000-0001-7859-410X 
'Yan, H.'            4 0000-0001-7397-9852 
# 
_citation.abstract                  ? 
_citation.abstract_id_CAS           ? 
_citation.book_id_ISBN              ? 
_citation.book_publisher            ? 
_citation.book_publisher_city       ? 
_citation.book_title                ? 
_citation.coordinate_linkage        ? 
_citation.country                   US 
_citation.database_id_Medline       ? 
_citation.details                   ? 
_citation.id                        primary 
_citation.journal_abbrev            J.Am.Chem.Soc. 
_citation.journal_id_ASTM           JACSAT 
_citation.journal_id_CSD            ? 
_citation.journal_id_ISSN           1520-5126 
_citation.journal_full              ? 
_citation.journal_issue             ? 
_citation.journal_volume            145 
_citation.language                  ? 
_citation.page_first                26075 
_citation.page_last                 26085 
_citation.title                     
;Site-Specific Arrangement and Structure Determination of Minor Groove Binding Molecules in Self-Assembled Three-Dimensional DNA Crystals.
;
_citation.year                      2023 
_citation.database_id_CSD           ? 
_citation.pdbx_database_id_DOI      10.1021/jacs.3c07802 
_citation.pdbx_database_id_PubMed   37987645 
_citation.pdbx_database_id_patent   ? 
_citation.unpublished_flag          ? 
# 
loop_
_citation_author.citation_id 
_citation_author.name 
_citation_author.ordinal 
_citation_author.identifier_ORCID 
primary 'Simmons, C.R.'      1 0000-0002-2290-6132 
primary 'Buchberger, A.'     2 ?                   
primary 'Henry, S.J.W.'      3 0000-0002-5132-3948 
primary 'Novacek, A.'        4 ?                   
primary 'Fahmi, N.E.'        5 ?                   
primary 'MacCulloch, T.'     6 ?                   
primary 'Stephanopoulos, N.' 7 0000-0001-7859-410X 
primary 'Yan, H.'            8 0000-0001-7397-9852 
# 
_cell.angle_alpha                  90.00 
_cell.angle_alpha_esd              ? 
_cell.angle_beta                   90.00 
_cell.angle_beta_esd               ? 
_cell.angle_gamma                  120.00 
_cell.angle_gamma_esd              ? 
_cell.entry_id                     8TC4 
_cell.details                      ? 
_cell.formula_units_Z              ? 
_cell.length_a                     68.653 
_cell.length_a_esd                 ? 
_cell.length_b                     68.653 
_cell.length_b_esd                 ? 
_cell.length_c                     62.183 
_cell.length_c_esd                 ? 
_cell.volume                       ? 
_cell.volume_esd                   ? 
_cell.Z_PDB                        3 
_cell.reciprocal_angle_alpha       ? 
_cell.reciprocal_angle_beta        ? 
_cell.reciprocal_angle_gamma       ? 
_cell.reciprocal_angle_alpha_esd   ? 
_cell.reciprocal_angle_beta_esd    ? 
_cell.reciprocal_angle_gamma_esd   ? 
_cell.reciprocal_length_a          ? 
_cell.reciprocal_length_b          ? 
_cell.reciprocal_length_c          ? 
_cell.reciprocal_length_a_esd      ? 
_cell.reciprocal_length_b_esd      ? 
_cell.reciprocal_length_c_esd      ? 
_cell.pdbx_unique_axis             ? 
_cell.pdbx_esd_method              ? 
# 
_symmetry.entry_id                         8TC4 
_symmetry.cell_setting                     ? 
_symmetry.Int_Tables_number                145 
_symmetry.space_group_name_Hall            ? 
_symmetry.space_group_name_H-M             'P 32' 
_symmetry.pdbx_full_space_group_name_H-M   ? 
# 
loop_
_entity.id 
_entity.type 
_entity.src_method 
_entity.pdbx_description 
_entity.formula_weight 
_entity.pdbx_number_of_molecules 
_entity.pdbx_ec 
_entity.pdbx_mutation 
_entity.pdbx_fragment 
_entity.details 
1 polymer     syn 
;DNA (5'-D(*GP*AP*GP*CP*AP*GP*AP*CP*CP*TP*GP*AP*CP*GP*AP*TP*GP*TP*CP*AP*C)-3')
;
6457.187 1 ? ? ? ? 
2 polymer     syn 
;DNA (5'-D(P*CP*GP*TP*CP*A)-3')
;
1480.012 1 ? ? ? ? 
3 polymer     syn 
;DNA (5'-D(*TP*CP*GP*TP*GP*AP*CP*AP*T)-3')
;
2730.810 1 ? ? ? ? 
4 polymer     syn 
;DNA (5'-D(P*GP*GP*TP*CP*TP*GP*C)-3')
;
2129.409 1 ? ? ? ? 
5 non-polymer syn 
;N-[5-({5-[(3-{[3-(dimethylamino)propyl]amino}-3-oxopropyl)carbamoyl]-1-methyl-1H-pyrrol-3-yl}carbamoyl)-1-methyl-1H-pyrrol-3-yl]-1-methyl-1H-imidazole-2-carboxamide
;
525.603  2 ? ? ? ? 
6 non-polymer syn 'MAGNESIUM ION' 24.305   2 ? ? ? ? 
7 water       nat water 18.015   1 ? ? ? ? 
# 
loop_
_entity_poly.entity_id 
_entity_poly.type 
_entity_poly.nstd_linkage 
_entity_poly.nstd_monomer 
_entity_poly.pdbx_seq_one_letter_code 
_entity_poly.pdbx_seq_one_letter_code_can 
_entity_poly.pdbx_strand_id 
_entity_poly.pdbx_target_identifier 
1 polydeoxyribonucleotide no no 
;(DG)(DA)(DG)(DC)(DA)(DG)(DA)(DC)(DC)(DT)(DG)(DA)(DC)(DG)(DA)(DT)(DG)(DT)(DC)(DA)
(DC)
;
GAGCAGACCTGACGATGTCAC A ? 
2 polydeoxyribonucleotide no no '(DC)(DG)(DT)(DC)(DA)'                                                                  CGTCA B ? 
3 polydeoxyribonucleotide no no '(DT)(DC)(DG)(DT)(DG)(DA)(DC)(DA)(DT)'                                                  TCGTGACAT 
C ? 
4 polydeoxyribonucleotide no no '(DG)(DG)(DT)(DC)(DT)(DG)(DC)'                                                          GGTCTGC D 
? 
# 
loop_
_entity_poly_seq.entity_id 
_entity_poly_seq.num 
_entity_poly_seq.mon_id 
_entity_poly_seq.hetero 
1 1  DG n 
1 2  DA n 
1 3  DG n 
1 4  DC n 
1 5  DA n 
1 6  DG n 
1 7  DA n 
1 8  DC n 
1 9  DC n 
1 10 DT n 
1 11 DG n 
1 12 DA n 
1 13 DC n 
1 14 DG n 
1 15 DA n 
1 16 DT n 
1 17 DG n 
1 18 DT n 
1 19 DC n 
1 20 DA n 
1 21 DC n 
2 1  DC n 
2 2  DG n 
2 3  DT n 
2 4  DC n 
2 5  DA n 
3 1  DT n 
3 2  DC n 
3 3  DG n 
3 4  DT n 
3 5  DG n 
3 6  DA n 
3 7  DC n 
3 8  DA n 
3 9  DT n 
4 1  DG n 
4 2  DG n 
4 3  DT n 
4 4  DC n 
4 5  DT n 
4 6  DG n 
4 7  DC n 
# 
loop_
_pdbx_entity_src_syn.entity_id 
_pdbx_entity_src_syn.pdbx_src_id 
_pdbx_entity_src_syn.pdbx_alt_source_flag 
_pdbx_entity_src_syn.pdbx_beg_seq_num 
_pdbx_entity_src_syn.pdbx_end_seq_num 
_pdbx_entity_src_syn.organism_scientific 
_pdbx_entity_src_syn.organism_common_name 
_pdbx_entity_src_syn.ncbi_taxonomy_id 
_pdbx_entity_src_syn.details 
1 1 sample 1 21 'synthetic construct' ? 32630 ? 
2 1 sample 1 5  'synthetic construct' ? 32630 ? 
3 1 sample 1 9  'synthetic construct' ? 32630 ? 
4 1 sample 1 7  'synthetic construct' ? 32630 ? 
# 
loop_
_struct_ref.id 
_struct_ref.db_name 
_struct_ref.db_code 
_struct_ref.pdbx_db_accession 
_struct_ref.pdbx_db_isoform 
_struct_ref.entity_id 
_struct_ref.pdbx_seq_one_letter_code 
_struct_ref.pdbx_align_begin 
1 PDB 8TC4 8TC4 ? 1 ? 1 
2 PDB 8TC4 8TC4 ? 2 ? 1 
3 PDB 8TC4 8TC4 ? 3 ? 1 
4 PDB 8TC4 8TC4 ? 4 ? 1 
# 
loop_
_struct_ref_seq.align_id 
_struct_ref_seq.ref_id 
_struct_ref_seq.pdbx_PDB_id_code 
_struct_ref_seq.pdbx_strand_id 
_struct_ref_seq.seq_align_beg 
_struct_ref_seq.pdbx_seq_align_beg_ins_code 
_struct_ref_seq.seq_align_end 
_struct_ref_seq.pdbx_seq_align_end_ins_code 
_struct_ref_seq.pdbx_db_accession 
_struct_ref_seq.db_align_beg 
_struct_ref_seq.pdbx_db_align_beg_ins_code 
_struct_ref_seq.db_align_end 
_struct_ref_seq.pdbx_db_align_end_ins_code 
_struct_ref_seq.pdbx_auth_seq_align_beg 
_struct_ref_seq.pdbx_auth_seq_align_end 
1 1 8TC4 A 1 ? 21 ? 8TC4 1  ? 21 ? 1  21 
2 2 8TC4 B 1 ? 5  ? 8TC4 1  ? 5  ? 1  5  
3 3 8TC4 C 1 ? 9  ? 8TC4 1  ? 9  ? 1  9  
4 4 8TC4 D 1 ? 7  ? 8TC4 10 ? 16 ? 10 16 
# 
loop_
_chem_comp.id 
_chem_comp.type 
_chem_comp.mon_nstd_flag 
_chem_comp.name 
_chem_comp.pdbx_synonyms 
_chem_comp.formula 
_chem_comp.formula_weight 
DA  'DNA linking' y "2'-DEOXYADENOSINE-5'-MONOPHOSPHATE" ? 'C10 H14 N5 O6 P' 331.222 
DC  'DNA linking' y "2'-DEOXYCYTIDINE-5'-MONOPHOSPHATE" ? 'C9 H14 N3 O7 P'  307.197 
DG  'DNA linking' y "2'-DEOXYGUANOSINE-5'-MONOPHOSPHATE" ? 'C10 H14 N5 O7 P' 347.221 
DT  'DNA linking' y "THYMIDINE-5'-MONOPHOSPHATE" ? 'C10 H15 N2 O8 P' 322.208 
HOH non-polymer   . WATER ? 'H2 O'            18.015  
MG  non-polymer   . 'MAGNESIUM ION' ? 'Mg 2'            24.305  
ZQQ non-polymer   . 
;N-[5-({5-[(3-{[3-(dimethylamino)propyl]amino}-3-oxopropyl)carbamoyl]-1-methyl-1H-pyrrol-3-yl}carbamoyl)-1-methyl-1H-pyrrol-3-yl]-1-methyl-1H-imidazole-2-carboxamide
;
? 'C25 H35 N9 O4'   525.603 
# 
_exptl.absorpt_coefficient_mu     ? 
_exptl.absorpt_correction_T_max   ? 
_exptl.absorpt_correction_T_min   ? 
_exptl.absorpt_correction_type    ? 
_exptl.absorpt_process_details    ? 
_exptl.entry_id                   8TC4 
_exptl.crystals_number            1 
_exptl.details                    ? 
_exptl.method                     'X-RAY DIFFRACTION' 
_exptl.method_details             ? 
# 
_exptl_crystal.colour                       ? 
_exptl_crystal.density_diffrn               ? 
_exptl_crystal.density_Matthews             6.61 
_exptl_crystal.density_method               ? 
_exptl_crystal.density_percent_sol          81.40 
_exptl_crystal.description                  ? 
_exptl_crystal.F_000                        ? 
_exptl_crystal.id                           1 
_exptl_crystal.preparation                  ? 
_exptl_crystal.size_max                     ? 
_exptl_crystal.size_mid                     ? 
_exptl_crystal.size_min                     ? 
_exptl_crystal.size_rad                     ? 
_exptl_crystal.colour_lustre                ? 
_exptl_crystal.colour_modifier              ? 
_exptl_crystal.colour_primary               ? 
_exptl_crystal.density_meas                 ? 
_exptl_crystal.density_meas_esd             ? 
_exptl_crystal.density_meas_gt              ? 
_exptl_crystal.density_meas_lt              ? 
_exptl_crystal.density_meas_temp            ? 
_exptl_crystal.density_meas_temp_esd        ? 
_exptl_crystal.density_meas_temp_gt         ? 
_exptl_crystal.density_meas_temp_lt         ? 
_exptl_crystal.pdbx_crystal_image_url       ? 
_exptl_crystal.pdbx_crystal_image_format    ? 
_exptl_crystal.pdbx_mosaicity               ? 
_exptl_crystal.pdbx_mosaicity_esd           ? 
_exptl_crystal.pdbx_mosaic_method           ? 
_exptl_crystal.pdbx_mosaic_block_size       ? 
_exptl_crystal.pdbx_mosaic_block_size_esd   ? 
# 
_exptl_crystal_grow.apparatus       ? 
_exptl_crystal_grow.atmosphere      ? 
_exptl_crystal_grow.crystal_id      1 
_exptl_crystal_grow.details         ? 
_exptl_crystal_grow.method          'VAPOR DIFFUSION, SITTING DROP' 
_exptl_crystal_grow.method_ref      ? 
_exptl_crystal_grow.pH              ? 
_exptl_crystal_grow.pressure        ? 
_exptl_crystal_grow.pressure_esd    ? 
_exptl_crystal_grow.seeding         ? 
_exptl_crystal_grow.seeding_ref     ? 
_exptl_crystal_grow.temp_details    'temperature gradient generated from 60 to 25 C at 0.3 degrees per hour' 
_exptl_crystal_grow.temp_esd        ? 
_exptl_crystal_grow.time            ? 
_exptl_crystal_grow.pdbx_details    
;0.5 mL of 0.05 M HEPES pH 7.5 with 20 mM MgCl2, 1.0 mM spermine, and 5% PEG 8000 was added to the reservoir with 2 uL added to the drop containing 4 uL of DNA stock.
;
_exptl_crystal_grow.pdbx_pH_range   ? 
_exptl_crystal_grow.temp            298 
# 
_diffrn.ambient_environment              ? 
_diffrn.ambient_temp                     100 
_diffrn.ambient_temp_details             ? 
_diffrn.ambient_temp_esd                 ? 
_diffrn.crystal_id                       1 
_diffrn.crystal_support                  ? 
_diffrn.crystal_treatment                ? 
_diffrn.details                          ? 
_diffrn.id                               1 
_diffrn.ambient_pressure                 ? 
_diffrn.ambient_pressure_esd             ? 
_diffrn.ambient_pressure_gt              ? 
_diffrn.ambient_pressure_lt              ? 
_diffrn.ambient_temp_gt                  ? 
_diffrn.ambient_temp_lt                  ? 
_diffrn.pdbx_serial_crystal_experiment   N 
# 
_diffrn_detector.details                      ? 
_diffrn_detector.detector                     PIXEL 
_diffrn_detector.diffrn_id                    1 
_diffrn_detector.type                         'DECTRIS PILATUS3 6M' 
_diffrn_detector.area_resol_mean              ? 
_diffrn_detector.dtime                        ? 
_diffrn_detector.pdbx_frames_total            ? 
_diffrn_detector.pdbx_collection_time_total   ? 
_diffrn_detector.pdbx_collection_date         2019-09-21 
_diffrn_detector.pdbx_frequency               ? 
_diffrn_detector.id                           ? 
_diffrn_detector.number_of_axes               ? 
# 
_diffrn_radiation.collimation                      ? 
_diffrn_radiation.diffrn_id                        1 
_diffrn_radiation.filter_edge                      ? 
_diffrn_radiation.inhomogeneity                    ? 
_diffrn_radiation.monochromator                    ? 
_diffrn_radiation.polarisn_norm                    ? 
_diffrn_radiation.polarisn_ratio                   ? 
_diffrn_radiation.probe                            ? 
_diffrn_radiation.type                             ? 
_diffrn_radiation.xray_symbol                      ? 
_diffrn_radiation.wavelength_id                    1 
_diffrn_radiation.pdbx_monochromatic_or_laue_m_l   M 
_diffrn_radiation.pdbx_wavelength_list             ? 
_diffrn_radiation.pdbx_wavelength                  ? 
_diffrn_radiation.pdbx_diffrn_protocol             'SINGLE WAVELENGTH' 
_diffrn_radiation.pdbx_analyzer                    ? 
_diffrn_radiation.pdbx_scattering_type             x-ray 
# 
_diffrn_radiation_wavelength.id           1 
_diffrn_radiation_wavelength.wavelength   0.92 
_diffrn_radiation_wavelength.wt           1.0 
# 
_diffrn_source.current                     ? 
_diffrn_source.details                     ? 
_diffrn_source.diffrn_id                   1 
_diffrn_source.power                       ? 
_diffrn_source.size                        ? 
_diffrn_source.source                      SYNCHROTRON 
_diffrn_source.target                      ? 
_diffrn_source.type                        'ALS BEAMLINE 5.0.2' 
_diffrn_source.voltage                     ? 
_diffrn_source.take-off_angle              ? 
_diffrn_source.pdbx_wavelength_list        0.92 
_diffrn_source.pdbx_wavelength             ? 
_diffrn_source.pdbx_synchrotron_beamline   5.0.2 
_diffrn_source.pdbx_synchrotron_site       ALS 
# 
_reflns.B_iso_Wilson_estimate                          ? 
_reflns.entry_id                                       8TC4 
_reflns.data_reduction_details                         ? 
_reflns.data_reduction_method                          ? 
_reflns.d_resolution_high                              3.05 
_reflns.d_resolution_low                               50.00 
_reflns.details                                        ? 
_reflns.limit_h_max                                    ? 
_reflns.limit_h_min                                    ? 
_reflns.limit_k_max                                    ? 
_reflns.limit_k_min                                    ? 
_reflns.limit_l_max                                    ? 
_reflns.limit_l_min                                    ? 
_reflns.number_all                                     ? 
_reflns.number_obs                                     5432 
_reflns.observed_criterion                             ? 
_reflns.observed_criterion_F_max                       ? 
_reflns.observed_criterion_F_min                       ? 
_reflns.observed_criterion_I_max                       ? 
_reflns.observed_criterion_I_min                       ? 
_reflns.observed_criterion_sigma_F                     ? 
_reflns.observed_criterion_sigma_I                     ? 
_reflns.percent_possible_obs                           87.2 
_reflns.R_free_details                                 ? 
_reflns.Rmerge_F_all                                   ? 
_reflns.Rmerge_F_obs                                   ? 
_reflns.Friedel_coverage                               ? 
_reflns.number_gt                                      ? 
_reflns.threshold_expression                           ? 
_reflns.pdbx_redundancy                                9.2 
_reflns.pdbx_netI_over_av_sigmaI                       ? 
_reflns.pdbx_netI_over_sigmaI                          5.5 
_reflns.pdbx_res_netI_over_av_sigmaI_2                 ? 
_reflns.pdbx_res_netI_over_sigmaI_2                    ? 
_reflns.pdbx_chi_squared                               1.064 
_reflns.pdbx_scaling_rejects                           ? 
_reflns.pdbx_d_res_high_opt                            ? 
_reflns.pdbx_d_res_low_opt                             ? 
_reflns.pdbx_d_res_opt_method                          ? 
_reflns.phase_calculation_details                      ? 
_reflns.pdbx_Rrim_I_all                                0.094 
_reflns.pdbx_Rpim_I_all                                0.029 
_reflns.pdbx_d_opt                                     ? 
_reflns.pdbx_number_measured_all                       ? 
_reflns.pdbx_diffrn_id                                 1 
_reflns.pdbx_ordinal                                   1 
_reflns.pdbx_CC_half                                   1.00 
_reflns.pdbx_CC_star                                   ? 
_reflns.pdbx_R_split                                   ? 
_reflns.pdbx_Rmerge_I_obs                              0.089 
_reflns.pdbx_Rmerge_I_all                              ? 
_reflns.pdbx_Rsym_value                                ? 
_reflns.pdbx_CC_split_method                           ? 
_reflns.pdbx_aniso_diffraction_limit_axis_1_ortho[1]   ? 
_reflns.pdbx_aniso_diffraction_limit_axis_1_ortho[2]   ? 
_reflns.pdbx_aniso_diffraction_limit_axis_1_ortho[3]   ? 
_reflns.pdbx_aniso_diffraction_limit_axis_2_ortho[1]   ? 
_reflns.pdbx_aniso_diffraction_limit_axis_2_ortho[2]   ? 
_reflns.pdbx_aniso_diffraction_limit_axis_2_ortho[3]   ? 
_reflns.pdbx_aniso_diffraction_limit_axis_3_ortho[1]   ? 
_reflns.pdbx_aniso_diffraction_limit_axis_3_ortho[2]   ? 
_reflns.pdbx_aniso_diffraction_limit_axis_3_ortho[3]   ? 
_reflns.pdbx_aniso_diffraction_limit_1                 ? 
_reflns.pdbx_aniso_diffraction_limit_2                 ? 
_reflns.pdbx_aniso_diffraction_limit_3                 ? 
_reflns.pdbx_aniso_B_tensor_eigenvector_1_ortho[1]     ? 
_reflns.pdbx_aniso_B_tensor_eigenvector_1_ortho[2]     ? 
_reflns.pdbx_aniso_B_tensor_eigenvector_1_ortho[3]     ? 
_reflns.pdbx_aniso_B_tensor_eigenvector_2_ortho[1]     ? 
_reflns.pdbx_aniso_B_tensor_eigenvector_2_ortho[2]     ? 
_reflns.pdbx_aniso_B_tensor_eigenvector_2_ortho[3]     ? 
_reflns.pdbx_aniso_B_tensor_eigenvector_3_ortho[1]     ? 
_reflns.pdbx_aniso_B_tensor_eigenvector_3_ortho[2]     ? 
_reflns.pdbx_aniso_B_tensor_eigenvector_3_ortho[3]     ? 
_reflns.pdbx_aniso_B_tensor_eigenvalue_1               ? 
_reflns.pdbx_aniso_B_tensor_eigenvalue_2               ? 
_reflns.pdbx_aniso_B_tensor_eigenvalue_3               ? 
_reflns.pdbx_orthogonalization_convention              ? 
_reflns.pdbx_percent_possible_ellipsoidal              ? 
_reflns.pdbx_percent_possible_spherical                ? 
_reflns.pdbx_percent_possible_ellipsoidal_anomalous    ? 
_reflns.pdbx_percent_possible_spherical_anomalous      ? 
_reflns.pdbx_redundancy_anomalous                      ? 
_reflns.pdbx_CC_half_anomalous                         ? 
_reflns.pdbx_absDiff_over_sigma_anomalous              ? 
_reflns.pdbx_percent_possible_anomalous                ? 
_reflns.pdbx_observed_signal_threshold                 ? 
_reflns.pdbx_signal_type                               ? 
_reflns.pdbx_signal_details                            ? 
_reflns.pdbx_signal_software_id                        ? 
# 
loop_
_reflns_shell.d_res_high 
_reflns_shell.d_res_low 
_reflns_shell.meanI_over_sigI_all 
_reflns_shell.meanI_over_sigI_obs 
_reflns_shell.number_measured_all 
_reflns_shell.number_measured_obs 
_reflns_shell.number_possible 
_reflns_shell.number_unique_all 
_reflns_shell.number_unique_obs 
_reflns_shell.percent_possible_obs 
_reflns_shell.Rmerge_F_all 
_reflns_shell.Rmerge_F_obs 
_reflns_shell.meanI_over_sigI_gt 
_reflns_shell.meanI_over_uI_all 
_reflns_shell.meanI_over_uI_gt 
_reflns_shell.number_measured_gt 
_reflns_shell.number_unique_gt 
_reflns_shell.percent_possible_gt 
_reflns_shell.Rmerge_F_gt 
_reflns_shell.Rmerge_I_gt 
_reflns_shell.pdbx_redundancy 
_reflns_shell.pdbx_chi_squared 
_reflns_shell.pdbx_netI_over_sigmaI_all 
_reflns_shell.pdbx_netI_over_sigmaI_obs 
_reflns_shell.pdbx_Rrim_I_all 
_reflns_shell.pdbx_Rpim_I_all 
_reflns_shell.pdbx_rejects 
_reflns_shell.pdbx_ordinal 
_reflns_shell.pdbx_diffrn_id 
_reflns_shell.pdbx_CC_half 
_reflns_shell.pdbx_CC_star 
_reflns_shell.pdbx_R_split 
_reflns_shell.percent_possible_all 
_reflns_shell.Rmerge_I_all 
_reflns_shell.Rmerge_I_obs 
_reflns_shell.pdbx_Rsym_value 
_reflns_shell.pdbx_percent_possible_ellipsoidal 
_reflns_shell.pdbx_percent_possible_spherical 
_reflns_shell.pdbx_percent_possible_ellipsoidal_anomalous 
_reflns_shell.pdbx_percent_possible_spherical_anomalous 
_reflns_shell.pdbx_redundancy_anomalous 
_reflns_shell.pdbx_CC_half_anomalous 
_reflns_shell.pdbx_absDiff_over_sigma_anomalous 
_reflns_shell.pdbx_percent_possible_anomalous 
3.05 3.10  ? ? ? ? ? ? 181 ? ? ? ? ? ? ? ? ? ? ? 8.3  0.401 ? ? 1.764 0.576 ? 1  1 0.628 0.878 ? 54.2  ? 1.663 ? ? ? ? ? ? ? ? ? 
3.10 3.16  ? ? ? ? ? ? 161 ? ? ? ? ? ? ? ? ? ? ? 8.3  0.441 ? ? 0.840 0.277 ? 2  1 0.894 0.972 ? 56.9  ? 0.791 ? ? ? ? ? ? ? ? ? 
3.16 3.22  ? ? ? ? ? ? 205 ? ? ? ? ? ? ? ? ? ? ? 8.5  0.557 ? ? 0.253 0.082 ? 3  1 0.992 0.998 ? 64.5  ? 0.239 ? ? ? ? ? ? ? ? ? 
3.22 3.29  ? ? ? ? ? ? 221 ? ? ? ? ? ? ? ? ? ? ? 8.3  0.691 ? ? 0.174 0.056 ? 4  1 0.996 0.999 ? 66.0  ? 0.164 ? ? ? ? ? ? ? ? ? 
3.29 3.36  ? ? ? ? ? ? 202 ? ? ? ? ? ? ? ? ? ? ? 8.6  0.475 ? ? 0.399 0.130 ? 5  1 0.976 0.994 ? 69.4  ? 0.377 ? ? ? ? ? ? ? ? ? 
3.36 3.43  ? ? ? ? ? ? 257 ? ? ? ? ? ? ? ? ? ? ? 7.7  0.496 ? ? 0.331 0.111 ? 6  1 0.977 0.994 ? 79.1  ? 0.312 ? ? ? ? ? ? ? ? ? 
3.43 3.52  ? ? ? ? ? ? 227 ? ? ? ? ? ? ? ? ? ? ? 7.8  0.601 ? ? 0.262 0.091 ? 7  1 0.987 0.997 ? 78.3  ? 0.245 ? ? ? ? ? ? ? ? ? 
3.52 3.62  ? ? ? ? ? ? 288 ? ? ? ? ? ? ? ? ? ? ? 8.3  0.527 ? ? 0.242 0.080 ? 8  1 0.993 0.998 ? 86.2  ? 0.228 ? ? ? ? ? ? ? ? ? 
3.62 3.72  ? ? ? ? ? ? 284 ? ? ? ? ? ? ? ? ? ? ? 8.6  0.485 ? ? 0.347 0.112 ? 9  1 0.981 0.995 ? 92.8  ? 0.328 ? ? ? ? ? ? ? ? ? 
3.72 3.84  ? ? ? ? ? ? 300 ? ? ? ? ? ? ? ? ? ? ? 9.2  0.457 ? ? 0.351 0.110 ? 10 1 0.978 0.994 ? 98.4  ? 0.332 ? ? ? ? ? ? ? ? ? 
3.84 3.98  ? ? ? ? ? ? 299 ? ? ? ? ? ? ? ? ? ? ? 9.5  0.511 ? ? 0.383 0.121 ? 11 1 0.977 0.994 ? 99.0  ? 0.363 ? ? ? ? ? ? ? ? ? 
3.98 4.14  ? ? ? ? ? ? 314 ? ? ? ? ? ? ? ? ? ? ? 9.8  0.495 ? ? 0.313 0.098 ? 12 1 0.985 0.996 ? 100.0 ? 0.297 ? ? ? ? ? ? ? ? ? 
4.14 4.33  ? ? ? ? ? ? 313 ? ? ? ? ? ? ? ? ? ? ? 9.8  0.540 ? ? 0.233 0.074 ? 13 1 0.987 0.997 ? 100.0 ? 0.221 ? ? ? ? ? ? ? ? ? 
4.33 4.56  ? ? ? ? ? ? 323 ? ? ? ? ? ? ? ? ? ? ? 9.2  0.617 ? ? 0.204 0.067 ? 14 1 0.989 0.997 ? 100.0 ? 0.192 ? ? ? ? ? ? ? ? ? 
4.56 4.84  ? ? ? ? ? ? 296 ? ? ? ? ? ? ? ? ? ? ? 9.7  0.790 ? ? 0.166 0.053 ? 15 1 0.991 0.998 ? 100.0 ? 0.158 ? ? ? ? ? ? ? ? ? 
4.84 5.21  ? ? ? ? ? ? 317 ? ? ? ? ? ? ? ? ? ? ? 10.5 1.108 ? ? 0.124 0.038 ? 16 1 0.993 0.998 ? 100.0 ? 0.118 ? ? ? ? ? ? ? ? ? 
5.21 5.74  ? ? ? ? ? ? 313 ? ? ? ? ? ? ? ? ? ? ? 10.5 1.681 ? ? 0.106 0.033 ? 17 1 0.995 0.999 ? 100.0 ? 0.101 ? ? ? ? ? ? ? ? ? 
5.74 6.57  ? ? ? ? ? ? 308 ? ? ? ? ? ? ? ? ? ? ? 9.8  1.764 ? ? 0.100 0.032 ? 18 1 0.995 0.999 ? 100.0 ? 0.095 ? ? ? ? ? ? ? ? ? 
6.57 8.27  ? ? ? ? ? ? 313 ? ? ? ? ? ? ? ? ? ? ? 9.9  2.571 ? ? 0.089 0.028 ? 19 1 0.997 0.999 ? 100.0 ? 0.084 ? ? ? ? ? ? ? ? ? 
8.27 50.00 ? ? ? ? ? ? 310 ? ? ? ? ? ? ? ? ? ? ? 10.0 3.809 ? ? 0.072 0.023 ? 20 1 0.997 0.999 ? 100.0 ? 0.069 ? ? ? ? ? ? ? ? ? 
# 
_refine.aniso_B[1][1]                            ? 
_refine.aniso_B[1][2]                            ? 
_refine.aniso_B[1][3]                            ? 
_refine.aniso_B[2][2]                            ? 
_refine.aniso_B[2][3]                            ? 
_refine.aniso_B[3][3]                            ? 
_refine.B_iso_max                                ? 
_refine.B_iso_mean                               ? 
_refine.B_iso_min                                ? 
_refine.correlation_coeff_Fo_to_Fc               ? 
_refine.correlation_coeff_Fo_to_Fc_free          ? 
_refine.details                                  ? 
_refine.diff_density_max                         ? 
_refine.diff_density_max_esd                     ? 
_refine.diff_density_min                         ? 
_refine.diff_density_min_esd                     ? 
_refine.diff_density_rms                         ? 
_refine.diff_density_rms_esd                     ? 
_refine.entry_id                                 8TC4 
_refine.pdbx_refine_id                           'X-RAY DIFFRACTION' 
_refine.ls_abs_structure_details                 ? 
_refine.ls_abs_structure_Flack                   ? 
_refine.ls_abs_structure_Flack_esd               ? 
_refine.ls_abs_structure_Rogers                  ? 
_refine.ls_abs_structure_Rogers_esd              ? 
_refine.ls_d_res_high                            3.06 
_refine.ls_d_res_low                             34.33 
_refine.ls_extinction_coef                       ? 
_refine.ls_extinction_coef_esd                   ? 
_refine.ls_extinction_expression                 ? 
_refine.ls_extinction_method                     ? 
_refine.ls_goodness_of_fit_all                   ? 
_refine.ls_goodness_of_fit_all_esd               ? 
_refine.ls_goodness_of_fit_obs                   ? 
_refine.ls_goodness_of_fit_obs_esd               ? 
_refine.ls_hydrogen_treatment                    ? 
_refine.ls_matrix_type                           ? 
_refine.ls_number_constraints                    ? 
_refine.ls_number_parameters                     ? 
_refine.ls_number_reflns_all                     ? 
_refine.ls_number_reflns_obs                     5365 
_refine.ls_number_reflns_R_free                  583 
_refine.ls_number_reflns_R_work                  ? 
_refine.ls_number_restraints                     ? 
_refine.ls_percent_reflns_obs                    86.52 
_refine.ls_percent_reflns_R_free                 10.87 
_refine.ls_R_factor_all                          ? 
_refine.ls_R_factor_obs                          0.2318 
_refine.ls_R_factor_R_free                       0.2535 
_refine.ls_R_factor_R_free_error                 ? 
_refine.ls_R_factor_R_free_error_details         ? 
_refine.ls_R_factor_R_work                       0.2289 
_refine.ls_R_Fsqd_factor_obs                     ? 
_refine.ls_R_I_factor_obs                        ? 
_refine.ls_redundancy_reflns_all                 ? 
_refine.ls_redundancy_reflns_obs                 ? 
_refine.ls_restrained_S_all                      ? 
_refine.ls_restrained_S_obs                      ? 
_refine.ls_shift_over_esd_max                    ? 
_refine.ls_shift_over_esd_mean                   ? 
_refine.ls_structure_factor_coef                 ? 
_refine.ls_weighting_details                     ? 
_refine.ls_weighting_scheme                      ? 
_refine.ls_wR_factor_all                         ? 
_refine.ls_wR_factor_obs                         ? 
_refine.ls_wR_factor_R_free                      ? 
_refine.ls_wR_factor_R_work                      ? 
_refine.occupancy_max                            ? 
_refine.occupancy_min                            ? 
_refine.solvent_model_details                    'FLAT BULK SOLVENT MODEL' 
_refine.solvent_model_param_bsol                 ? 
_refine.solvent_model_param_ksol                 ? 
_refine.pdbx_R_complete                          ? 
_refine.ls_R_factor_gt                           ? 
_refine.ls_goodness_of_fit_gt                    ? 
_refine.ls_goodness_of_fit_ref                   ? 
_refine.ls_shift_over_su_max                     ? 
_refine.ls_shift_over_su_max_lt                  ? 
_refine.ls_shift_over_su_mean                    ? 
_refine.ls_shift_over_su_mean_lt                 ? 
_refine.pdbx_ls_sigma_I                          ? 
_refine.pdbx_ls_sigma_F                          1.96 
_refine.pdbx_ls_sigma_Fsqd                       ? 
_refine.pdbx_data_cutoff_high_absF               ? 
_refine.pdbx_data_cutoff_high_rms_absF           ? 
_refine.pdbx_data_cutoff_low_absF                ? 
_refine.pdbx_isotropic_thermal_model             ? 
_refine.pdbx_ls_cross_valid_method               THROUGHOUT 
_refine.pdbx_method_to_determine_struct          'MOLECULAR REPLACEMENT' 
_refine.pdbx_starting_model                      ? 
_refine.pdbx_stereochemistry_target_values       ML 
_refine.pdbx_R_Free_selection_details            ? 
_refine.pdbx_stereochem_target_val_spec_case     ? 
_refine.pdbx_overall_ESU_R                       ? 
_refine.pdbx_overall_ESU_R_Free                  ? 
_refine.pdbx_solvent_vdw_probe_radii             1.11 
_refine.pdbx_solvent_ion_probe_radii             ? 
_refine.pdbx_solvent_shrinkage_radii             0.90 
_refine.pdbx_real_space_R                        ? 
_refine.pdbx_density_correlation                 ? 
_refine.pdbx_pd_number_of_powder_patterns        ? 
_refine.pdbx_pd_number_of_points                 ? 
_refine.pdbx_pd_meas_number_of_points            ? 
_refine.pdbx_pd_proc_ls_prof_R_factor            ? 
_refine.pdbx_pd_proc_ls_prof_wR_factor           ? 
_refine.pdbx_pd_Marquardt_correlation_coeff      ? 
_refine.pdbx_pd_Fsqrd_R_factor                   ? 
_refine.pdbx_pd_ls_matrix_band_width             ? 
_refine.pdbx_overall_phase_error                 45.31 
_refine.pdbx_overall_SU_R_free_Cruickshank_DPI   ? 
_refine.pdbx_overall_SU_R_free_Blow_DPI          ? 
_refine.pdbx_overall_SU_R_Blow_DPI               ? 
_refine.pdbx_TLS_residual_ADP_flag               ? 
_refine.pdbx_diffrn_id                           1 
_refine.overall_SU_B                             ? 
_refine.overall_SU_ML                            0.18 
_refine.overall_SU_R_Cruickshank_DPI             ? 
_refine.overall_SU_R_free                        ? 
_refine.overall_FOM_free_R_set                   ? 
_refine.overall_FOM_work_R_set                   ? 
_refine.pdbx_average_fsc_overall                 ? 
_refine.pdbx_average_fsc_work                    ? 
_refine.pdbx_average_fsc_free                    ? 
# 
_refine_hist.pdbx_refine_id                   'X-RAY DIFFRACTION' 
_refine_hist.cycle_id                         LAST 
_refine_hist.pdbx_number_atoms_protein        0 
_refine_hist.pdbx_number_atoms_nucleic_acid   855 
_refine_hist.pdbx_number_atoms_ligand         78 
_refine_hist.number_atoms_solvent             1 
_refine_hist.number_atoms_total               934 
_refine_hist.d_res_high                       3.06 
_refine_hist.d_res_low                        34.33 
# 
loop_
_refine_ls_restr.pdbx_refine_id 
_refine_ls_restr.criterion 
_refine_ls_restr.dev_ideal 
_refine_ls_restr.dev_ideal_target 
_refine_ls_restr.number 
_refine_ls_restr.rejects 
_refine_ls_restr.type 
_refine_ls_restr.weight 
_refine_ls_restr.pdbx_restraint_function 
'X-RAY DIFFRACTION' ? 0.006  ? 1036 ? f_bond_d           ? ? 
'X-RAY DIFFRACTION' ? 0.813  ? 1577 ? f_angle_d          ? ? 
'X-RAY DIFFRACTION' ? 34.394 ? 426  ? f_dihedral_angle_d ? ? 
'X-RAY DIFFRACTION' ? 0.040  ? 166  ? f_chiral_restr     ? ? 
'X-RAY DIFFRACTION' ? 0.004  ? 56   ? f_plane_restr      ? ? 
# 
loop_
_refine_ls_shell.pdbx_refine_id 
_refine_ls_shell.d_res_high 
_refine_ls_shell.d_res_low 
_refine_ls_shell.number_reflns_all 
_refine_ls_shell.number_reflns_obs 
_refine_ls_shell.number_reflns_R_free 
_refine_ls_shell.number_reflns_R_work 
_refine_ls_shell.percent_reflns_obs 
_refine_ls_shell.percent_reflns_R_free 
_refine_ls_shell.R_factor_all 
_refine_ls_shell.R_factor_obs 
_refine_ls_shell.R_factor_R_free_error 
_refine_ls_shell.R_factor_R_work 
_refine_ls_shell.redundancy_reflns_all 
_refine_ls_shell.redundancy_reflns_obs 
_refine_ls_shell.wR_factor_all 
_refine_ls_shell.wR_factor_obs 
_refine_ls_shell.wR_factor_R_free 
_refine_ls_shell.wR_factor_R_work 
_refine_ls_shell.pdbx_R_complete 
_refine_ls_shell.pdbx_total_number_of_bins_used 
_refine_ls_shell.pdbx_phase_error 
_refine_ls_shell.pdbx_fsc_work 
_refine_ls_shell.pdbx_fsc_free 
_refine_ls_shell.R_factor_R_free 
'X-RAY DIFFRACTION' 3.06 3.37  . . 108 818  59.00  . . . . 0.4159 . . . . . . . . . . . 0.3985 
'X-RAY DIFFRACTION' 3.37 3.85  . . 102 1256 87.00  . . . . 0.3499 . . . . . . . . . . . 0.3965 
'X-RAY DIFFRACTION' 3.85 4.84  . . 157 1374 100.00 . . . . 0.3372 . . . . . . . . . . . 0.3291 
'X-RAY DIFFRACTION' 4.85 34.33 . . 216 1334 100.00 . . . . 0.1639 . . . . . . . . . . . 0.2136 
# 
_struct.entry_id                     8TC4 
_struct.title                        
;Sequence specific (TGTCA) orientation of ImPyPy molecules at a unique minor groove binding site within a self-assembled 3D DNA lattice (4x5)
;
_struct.pdbx_model_details           ? 
_struct.pdbx_formula_weight          ? 
_struct.pdbx_formula_weight_method   ? 
_struct.pdbx_model_type_details      ? 
_struct.pdbx_CASP_flag               N 
# 
_struct_keywords.entry_id        8TC4 
_struct_keywords.text            
;Self-Assembly, DNA Nanotechnology, DNA Scaffold, Crystal Lattice, DNA, Minor Groove Binders, Netropsin, DAPI, Hoechst, ImPyPy, polyamide, host-guest
;
_struct_keywords.pdbx_keywords   DNA 
# 
loop_
_struct_asym.id 
_struct_asym.pdbx_blank_PDB_chainid_flag 
_struct_asym.pdbx_modified 
_struct_asym.entity_id 
_struct_asym.details 
A N N 1 ? 
B N N 2 ? 
C N N 3 ? 
D N N 4 ? 
E N N 5 ? 
F N N 6 ? 
G N N 5 ? 
H N N 6 ? 
I N N 7 ? 
# 
loop_
_struct_conn.id 
_struct_conn.conn_type_id 
_struct_conn.pdbx_leaving_atom_flag 
_struct_conn.pdbx_PDB_id 
_struct_conn.ptnr1_label_asym_id 
_struct_conn.ptnr1_label_comp_id 
_struct_conn.ptnr1_label_seq_id 
_struct_conn.ptnr1_label_atom_id 
_struct_conn.pdbx_ptnr1_label_alt_id 
_struct_conn.pdbx_ptnr1_PDB_ins_code 
_struct_conn.pdbx_ptnr1_standard_comp_id 
_struct_conn.ptnr1_symmetry 
_struct_conn.ptnr2_label_asym_id 
_struct_conn.ptnr2_label_comp_id 
_struct_conn.ptnr2_label_seq_id 
_struct_conn.ptnr2_label_atom_id 
_struct_conn.pdbx_ptnr2_label_alt_id 
_struct_conn.pdbx_ptnr2_PDB_ins_code 
_struct_conn.ptnr1_auth_asym_id 
_struct_conn.ptnr1_auth_comp_id 
_struct_conn.ptnr1_auth_seq_id 
_struct_conn.ptnr2_auth_asym_id 
_struct_conn.ptnr2_auth_comp_id 
_struct_conn.ptnr2_auth_seq_id 
_struct_conn.ptnr2_symmetry 
_struct_conn.pdbx_ptnr3_label_atom_id 
_struct_conn.pdbx_ptnr3_label_seq_id 
_struct_conn.pdbx_ptnr3_label_comp_id 
_struct_conn.pdbx_ptnr3_label_asym_id 
_struct_conn.pdbx_ptnr3_label_alt_id 
_struct_conn.pdbx_ptnr3_PDB_ins_code 
_struct_conn.details 
_struct_conn.pdbx_dist_value 
_struct_conn.pdbx_value_order 
_struct_conn.pdbx_role 
hydrog1  hydrog ? ? A DG 3  N1 ? ? ? 1_555 D DC 7 N3 ? ? A DG 3  D DC 16 1_555 ? ? ? ? ? ? WATSON-CRICK ? ? ? 
hydrog2  hydrog ? ? A DG 3  N2 ? ? ? 1_555 D DC 7 O2 ? ? A DG 3  D DC 16 1_555 ? ? ? ? ? ? WATSON-CRICK ? ? ? 
hydrog3  hydrog ? ? A DG 3  O6 ? ? ? 1_555 D DC 7 N4 ? ? A DG 3  D DC 16 1_555 ? ? ? ? ? ? WATSON-CRICK ? ? ? 
hydrog4  hydrog ? ? A DC 4  O2 ? ? ? 1_555 D DG 6 N2 ? ? A DC 4  D DG 15 1_555 ? ? ? ? ? ? 'DC-DG PAIR' ? ? ? 
hydrog5  hydrog ? ? A DA 5  N1 ? ? ? 1_555 D DT 5 N3 ? ? A DA 5  D DT 14 1_555 ? ? ? ? ? ? WATSON-CRICK ? ? ? 
hydrog6  hydrog ? ? A DA 5  N6 ? ? ? 1_555 D DT 5 O4 ? ? A DA 5  D DT 14 1_555 ? ? ? ? ? ? WATSON-CRICK ? ? ? 
hydrog7  hydrog ? ? A DG 6  N1 ? ? ? 1_555 D DC 4 N3 ? ? A DG 6  D DC 13 1_555 ? ? ? ? ? ? WATSON-CRICK ? ? ? 
hydrog8  hydrog ? ? A DG 6  N2 ? ? ? 1_555 D DC 4 O2 ? ? A DG 6  D DC 13 1_555 ? ? ? ? ? ? WATSON-CRICK ? ? ? 
hydrog9  hydrog ? ? A DG 6  O6 ? ? ? 1_555 D DC 4 N4 ? ? A DG 6  D DC 13 1_555 ? ? ? ? ? ? WATSON-CRICK ? ? ? 
hydrog10 hydrog ? ? A DA 7  N1 ? ? ? 1_555 D DT 3 N3 ? ? A DA 7  D DT 12 1_555 ? ? ? ? ? ? WATSON-CRICK ? ? ? 
hydrog11 hydrog ? ? A DA 7  N6 ? ? ? 1_555 D DT 3 O4 ? ? A DA 7  D DT 12 1_555 ? ? ? ? ? ? WATSON-CRICK ? ? ? 
hydrog12 hydrog ? ? A DC 8  N3 ? ? ? 1_555 D DG 2 N1 ? ? A DC 8  D DG 11 1_555 ? ? ? ? ? ? WATSON-CRICK ? ? ? 
hydrog13 hydrog ? ? A DC 8  N4 ? ? ? 1_555 D DG 2 O6 ? ? A DC 8  D DG 11 1_555 ? ? ? ? ? ? WATSON-CRICK ? ? ? 
hydrog14 hydrog ? ? A DC 8  O2 ? ? ? 1_555 D DG 2 N2 ? ? A DC 8  D DG 11 1_555 ? ? ? ? ? ? WATSON-CRICK ? ? ? 
hydrog15 hydrog ? ? A DC 9  N3 ? ? ? 1_555 D DG 1 N1 ? ? A DC 9  D DG 10 1_555 ? ? ? ? ? ? WATSON-CRICK ? ? ? 
hydrog16 hydrog ? ? A DC 9  N4 ? ? ? 1_555 D DG 1 O6 ? ? A DC 9  D DG 10 1_555 ? ? ? ? ? ? WATSON-CRICK ? ? ? 
hydrog17 hydrog ? ? A DC 9  O2 ? ? ? 1_555 D DG 1 N2 ? ? A DC 9  D DG 10 1_555 ? ? ? ? ? ? WATSON-CRICK ? ? ? 
hydrog18 hydrog ? ? A DT 10 N3 ? ? ? 1_555 B DA 5 N1 ? ? A DT 10 B DA 5  1_555 ? ? ? ? ? ? 'DT-DA PAIR' ? ? ? 
hydrog19 hydrog ? ? A DG 11 N1 ? ? ? 1_555 B DC 4 N3 ? ? A DG 11 B DC 4  1_555 ? ? ? ? ? ? WATSON-CRICK ? ? ? 
hydrog20 hydrog ? ? A DG 11 N2 ? ? ? 1_555 B DC 4 O2 ? ? A DG 11 B DC 4  1_555 ? ? ? ? ? ? WATSON-CRICK ? ? ? 
hydrog21 hydrog ? ? A DG 11 O6 ? ? ? 1_555 B DC 4 N4 ? ? A DG 11 B DC 4  1_555 ? ? ? ? ? ? WATSON-CRICK ? ? ? 
hydrog22 hydrog ? ? A DA 12 N1 ? ? ? 1_555 B DT 3 N3 ? ? A DA 12 B DT 3  1_555 ? ? ? ? ? ? WATSON-CRICK ? ? ? 
hydrog23 hydrog ? ? A DA 12 N6 ? ? ? 1_555 B DT 3 O4 ? ? A DA 12 B DT 3  1_555 ? ? ? ? ? ? WATSON-CRICK ? ? ? 
hydrog24 hydrog ? ? A DC 13 N3 ? ? ? 1_555 B DG 2 N1 ? ? A DC 13 B DG 2  1_555 ? ? ? ? ? ? WATSON-CRICK ? ? ? 
hydrog25 hydrog ? ? A DC 13 N4 ? ? ? 1_555 B DG 2 O6 ? ? A DC 13 B DG 2  1_555 ? ? ? ? ? ? WATSON-CRICK ? ? ? 
hydrog26 hydrog ? ? A DC 13 O2 ? ? ? 1_555 B DG 2 N2 ? ? A DC 13 B DG 2  1_555 ? ? ? ? ? ? WATSON-CRICK ? ? ? 
hydrog27 hydrog ? ? A DG 14 N1 ? ? ? 1_555 B DC 1 N3 ? ? A DG 14 B DC 1  1_555 ? ? ? ? ? ? WATSON-CRICK ? ? ? 
hydrog28 hydrog ? ? A DG 14 N2 ? ? ? 1_555 B DC 1 O2 ? ? A DG 14 B DC 1  1_555 ? ? ? ? ? ? WATSON-CRICK ? ? ? 
hydrog29 hydrog ? ? A DG 14 O6 ? ? ? 1_555 B DC 1 N4 ? ? A DG 14 B DC 1  1_555 ? ? ? ? ? ? WATSON-CRICK ? ? ? 
hydrog30 hydrog ? ? A DA 15 N1 ? ? ? 1_555 C DT 9 N3 ? ? A DA 15 C DT 9  1_555 ? ? ? ? ? ? WATSON-CRICK ? ? ? 
hydrog31 hydrog ? ? A DA 15 N6 ? ? ? 1_555 C DT 9 O4 ? ? A DA 15 C DT 9  1_555 ? ? ? ? ? ? WATSON-CRICK ? ? ? 
hydrog32 hydrog ? ? A DT 16 N3 ? ? ? 1_555 C DA 8 N1 ? ? A DT 16 C DA 8  1_555 ? ? ? ? ? ? WATSON-CRICK ? ? ? 
hydrog33 hydrog ? ? A DT 16 O4 ? ? ? 1_555 C DA 8 N6 ? ? A DT 16 C DA 8  1_555 ? ? ? ? ? ? WATSON-CRICK ? ? ? 
hydrog34 hydrog ? ? A DG 17 N1 ? ? ? 1_555 C DA 6 N1 ? ? A DG 17 C DA 6  1_555 ? ? ? ? ? ? TYPE_8_PAIR  ? ? ? 
hydrog35 hydrog ? ? A DG 17 O6 ? ? ? 1_555 C DA 6 N6 ? ? A DG 17 C DA 6  1_555 ? ? ? ? ? ? TYPE_8_PAIR  ? ? ? 
hydrog36 hydrog ? ? A DG 17 N1 ? ? ? 1_555 C DC 7 N3 ? ? A DG 17 C DC 7  1_555 ? ? ? ? ? ? WATSON-CRICK ? ? ? 
hydrog37 hydrog ? ? A DG 17 N2 ? ? ? 1_555 C DC 7 O2 ? ? A DG 17 C DC 7  1_555 ? ? ? ? ? ? WATSON-CRICK ? ? ? 
hydrog38 hydrog ? ? A DG 17 O6 ? ? ? 1_555 C DC 7 N4 ? ? A DG 17 C DC 7  1_555 ? ? ? ? ? ? WATSON-CRICK ? ? ? 
hydrog39 hydrog ? ? A DT 18 N3 ? ? ? 1_555 C DA 6 N1 ? ? A DT 18 C DA 6  1_555 ? ? ? ? ? ? WATSON-CRICK ? ? ? 
hydrog40 hydrog ? ? A DT 18 O4 ? ? ? 1_555 C DA 6 N6 ? ? A DT 18 C DA 6  1_555 ? ? ? ? ? ? WATSON-CRICK ? ? ? 
hydrog41 hydrog ? ? A DC 19 N3 ? ? ? 1_555 C DG 5 N1 ? ? A DC 19 C DG 5  1_555 ? ? ? ? ? ? WATSON-CRICK ? ? ? 
hydrog42 hydrog ? ? A DC 19 N4 ? ? ? 1_555 C DG 5 O6 ? ? A DC 19 C DG 5  1_555 ? ? ? ? ? ? WATSON-CRICK ? ? ? 
hydrog43 hydrog ? ? A DC 19 O2 ? ? ? 1_555 C DG 5 N2 ? ? A DC 19 C DG 5  1_555 ? ? ? ? ? ? WATSON-CRICK ? ? ? 
hydrog44 hydrog ? ? A DA 20 N1 ? ? ? 1_555 C DG 3 N1 ? ? A DA 20 C DG 3  1_555 ? ? ? ? ? ? TYPE_8_PAIR  ? ? ? 
hydrog45 hydrog ? ? A DA 20 N6 ? ? ? 1_555 C DG 3 O6 ? ? A DA 20 C DG 3  1_555 ? ? ? ? ? ? TYPE_8_PAIR  ? ? ? 
hydrog46 hydrog ? ? A DC 21 N3 ? ? ? 1_555 C DG 3 N1 ? ? A DC 21 C DG 3  1_555 ? ? ? ? ? ? WATSON-CRICK ? ? ? 
hydrog47 hydrog ? ? A DC 21 N4 ? ? ? 1_555 C DG 3 O6 ? ? A DC 21 C DG 3  1_555 ? ? ? ? ? ? WATSON-CRICK ? ? ? 
hydrog48 hydrog ? ? A DC 21 O2 ? ? ? 1_555 C DG 3 N2 ? ? A DC 21 C DG 3  1_555 ? ? ? ? ? ? WATSON-CRICK ? ? ? 
# 
_struct_conn_type.id          hydrog 
_struct_conn_type.criteria    ? 
_struct_conn_type.reference   ? 
# 
_atom_sites.entry_id                    8TC4 
_atom_sites.Cartn_transf_matrix[1][1]   ? 
_atom_sites.Cartn_transf_matrix[1][2]   ? 
_atom_sites.Cartn_transf_matrix[1][3]   ? 
_atom_sites.Cartn_transf_matrix[2][1]   ? 
_atom_sites.Cartn_transf_matrix[2][2]   ? 
_atom_sites.Cartn_transf_matrix[2][3]   ? 
_atom_sites.Cartn_transf_matrix[3][1]   ? 
_atom_sites.Cartn_transf_matrix[3][2]   ? 
_atom_sites.Cartn_transf_matrix[3][3]   ? 
_atom_sites.Cartn_transf_vector[1]      ? 
_atom_sites.Cartn_transf_vector[2]      ? 
_atom_sites.Cartn_transf_vector[3]      ? 
_atom_sites.fract_transf_matrix[1][1]   -0.00871514 
_atom_sites.fract_transf_matrix[1][2]   0.01385270 
_atom_sites.fract_transf_matrix[1][3]   -0.00387886 
_atom_sites.fract_transf_matrix[2][1]   0.00754840 
_atom_sites.fract_transf_matrix[2][2]   0.01271625 
_atom_sites.fract_transf_matrix[2][3]   -0.00801233 
_atom_sites.fract_transf_matrix[3][1]   -0.00404817 
_atom_sites.fract_transf_matrix[3][2]   -0.00650590 
_atom_sites.fract_transf_matrix[3][3]   -0.01413918 
_atom_sites.fract_transf_vector[1]      -0.061556 
_atom_sites.fract_transf_vector[2]      -0.004548 
_atom_sites.fract_transf_vector[3]      -0.173357 
_atom_sites.solution_primary            ? 
_atom_sites.solution_secondary          ? 
_atom_sites.solution_hydrogens          ? 
_atom_sites.special_details             ? 
# 
loop_
_atom_type.symbol 
C  
MG 
N  
O  
P  
# 
loop_
_atom_site.group_PDB 
_atom_site.id 
_atom_site.type_symbol 
_atom_site.label_atom_id 
_atom_site.label_alt_id 
_atom_site.label_comp_id 
_atom_site.label_asym_id 
_atom_site.label_entity_id 
_atom_site.label_seq_id 
_atom_site.pdbx_PDB_ins_code 
_atom_site.Cartn_x 
_atom_site.Cartn_y 
_atom_site.Cartn_z 
_atom_site.occupancy 
_atom_site.B_iso_or_equiv 
_atom_site.pdbx_formal_charge 
_atom_site.auth_seq_id 
_atom_site.auth_comp_id 
_atom_site.auth_asym_id 
_atom_site.auth_atom_id 
_atom_site.pdbx_PDB_model_num 
ATOM   1   O  "O5'" . DG  A 1 1  ? -33.786 -7.533  12.138  1.00 173.40 ? 1   DG  A "O5'" 1 
ATOM   2   C  "C5'" . DG  A 1 1  ? -34.593 -7.189  13.259  1.00 158.95 ? 1   DG  A "C5'" 1 
ATOM   3   C  "C4'" . DG  A 1 1  ? -33.907 -7.581  14.556  1.00 157.24 ? 1   DG  A "C4'" 1 
ATOM   4   O  "O4'" . DG  A 1 1  ? -33.866 -9.012  14.659  1.00 150.80 ? 1   DG  A "O4'" 1 
ATOM   5   C  "C3'" . DG  A 1 1  ? -32.455 -7.138  14.669  1.00 157.77 ? 1   DG  A "C3'" 1 
ATOM   6   O  "O3'" . DG  A 1 1  ? -32.375 -5.900  15.363  1.00 164.06 ? 1   DG  A "O3'" 1 
ATOM   7   C  "C2'" . DG  A 1 1  ? -31.774 -8.265  15.461  1.00 149.28 ? 1   DG  A "C2'" 1 
ATOM   8   C  "C1'" . DG  A 1 1  ? -32.826 -9.370  15.532  1.00 146.49 ? 1   DG  A "C1'" 1 
ATOM   9   N  N9    . DG  A 1 1  ? -32.328 -10.685 15.141  1.00 142.91 ? 1   DG  A N9    1 
ATOM   10  C  C8    . DG  A 1 1  ? -32.524 -11.317 13.939  1.00 141.42 ? 1   DG  A C8    1 
ATOM   11  N  N7    . DG  A 1 1  ? -31.973 -12.497 13.873  1.00 138.01 ? 1   DG  A N7    1 
ATOM   12  C  C5    . DG  A 1 1  ? -31.370 -12.658 15.112  1.00 139.80 ? 1   DG  A C5    1 
ATOM   13  C  C6    . DG  A 1 1  ? -30.621 -13.743 15.626  1.00 137.42 ? 1   DG  A C6    1 
ATOM   14  O  O6    . DG  A 1 1  ? -30.329 -14.811 15.062  1.00 131.47 ? 1   DG  A O6    1 
ATOM   15  N  N1    . DG  A 1 1  ? -30.187 -13.497 16.927  1.00 140.18 ? 1   DG  A N1    1 
ATOM   16  C  C2    . DG  A 1 1  ? -30.450 -12.349 17.643  1.00 140.35 ? 1   DG  A C2    1 
ATOM   17  N  N2    . DG  A 1 1  ? -29.949 -12.297 18.886  1.00 137.32 ? 1   DG  A N2    1 
ATOM   18  N  N3    . DG  A 1 1  ? -31.154 -11.326 17.174  1.00 139.02 ? 1   DG  A N3    1 
ATOM   19  C  C4    . DG  A 1 1  ? -31.581 -11.550 15.907  1.00 141.03 ? 1   DG  A C4    1 
ATOM   20  P  P     . DA  A 1 2  ? -30.944 -5.266  15.726  1.00 176.21 ? 2   DA  A P     1 
ATOM   21  O  OP1   . DA  A 1 2  ? -31.129 -3.807  15.888  1.00 198.58 ? 2   DA  A OP1   1 
ATOM   22  O  OP2   . DA  A 1 2  ? -29.954 -5.783  14.753  1.00 170.87 ? 2   DA  A OP2   1 
ATOM   23  O  "O5'" . DA  A 1 2  ? -30.586 -5.890  17.155  1.00 159.41 ? 2   DA  A "O5'" 1 
ATOM   24  C  "C5'" . DA  A 1 2  ? -29.446 -5.422  17.856  1.00 151.86 ? 2   DA  A "C5'" 1 
ATOM   25  C  "C4'" . DA  A 1 2  ? -28.759 -6.555  18.594  1.00 146.48 ? 2   DA  A "C4'" 1 
ATOM   26  O  "O4'" . DA  A 1 2  ? -29.083 -7.828  17.969  1.00 144.74 ? 2   DA  A "O4'" 1 
ATOM   27  C  "C3'" . DA  A 1 2  ? -27.231 -6.475  18.622  1.00 144.64 ? 2   DA  A "C3'" 1 
ATOM   28  O  "O3'" . DA  A 1 2  ? -26.770 -6.799  19.933  1.00 144.68 ? 2   DA  A "O3'" 1 
ATOM   29  C  "C2'" . DA  A 1 2  ? -26.818 -7.528  17.593  1.00 145.66 ? 2   DA  A "C2'" 1 
ATOM   30  C  "C1'" . DA  A 1 2  ? -27.896 -8.569  17.814  1.00 144.07 ? 2   DA  A "C1'" 1 
ATOM   31  N  N9    . DA  A 1 2  ? -28.066 -9.504  16.705  1.00 146.52 ? 2   DA  A N9    1 
ATOM   32  C  C8    . DA  A 1 2  ? -28.715 -9.277  15.525  1.00 147.03 ? 2   DA  A C8    1 
ATOM   33  N  N7    . DA  A 1 2  ? -28.725 -10.311 14.716  1.00 146.60 ? 2   DA  A N7    1 
ATOM   34  C  C5    . DA  A 1 2  ? -28.029 -11.283 15.415  1.00 146.38 ? 2   DA  A C5    1 
ATOM   35  C  C6    . DA  A 1 2  ? -27.682 -12.615 15.102  1.00 144.71 ? 2   DA  A C6    1 
ATOM   36  N  N6    . DA  A 1 2  ? -28.013 -13.213 13.952  1.00 143.35 ? 2   DA  A N6    1 
ATOM   37  N  N1    . DA  A 1 2  ? -26.985 -13.312 16.025  1.00 141.38 ? 2   DA  A N1    1 
ATOM   38  C  C2    . DA  A 1 2  ? -26.658 -12.713 17.177  1.00 139.99 ? 2   DA  A C2    1 
ATOM   39  N  N3    . DA  A 1 2  ? -26.924 -11.471 17.580  1.00 140.80 ? 2   DA  A N3    1 
ATOM   40  C  C4    . DA  A 1 2  ? -27.619 -10.803 16.645  1.00 144.68 ? 2   DA  A C4    1 
ATOM   41  P  P     . DG  A 1 3  ? -25.238 -7.205  20.200  1.00 148.45 ? 3   DG  A P     1 
ATOM   42  O  OP1   . DG  A 1 3  ? -24.990 -6.985  21.642  1.00 149.98 ? 3   DG  A OP1   1 
ATOM   43  O  OP2   . DG  A 1 3  ? -24.362 -6.545  19.208  1.00 149.65 ? 3   DG  A OP2   1 
ATOM   44  O  "O5'" . DG  A 1 3  ? -25.206 -8.780  19.933  1.00 144.81 ? 3   DG  A "O5'" 1 
ATOM   45  C  "C5'" . DG  A 1 3  ? -24.977 -9.673  21.010  1.00 148.73 ? 3   DG  A "C5'" 1 
ATOM   46  C  "C4'" . DG  A 1 3  ? -23.606 -10.326 20.908  1.00 151.93 ? 3   DG  A "C4'" 1 
ATOM   47  O  "O4'" . DG  A 1 3  ? -23.563 -11.216 19.765  1.00 152.53 ? 3   DG  A "O4'" 1 
ATOM   48  C  "C3'" . DG  A 1 3  ? -22.429 -9.380  20.728  1.00 150.43 ? 3   DG  A "C3'" 1 
ATOM   49  O  "O3'" . DG  A 1 3  ? -21.280 -9.969  21.324  1.00 153.40 ? 3   DG  A "O3'" 1 
ATOM   50  C  "C2'" . DG  A 1 3  ? -22.302 -9.306  19.205  1.00 146.28 ? 3   DG  A "C2'" 1 
ATOM   51  C  "C1'" . DG  A 1 3  ? -22.636 -10.737 18.806  1.00 147.30 ? 3   DG  A "C1'" 1 
ATOM   52  N  N9    . DG  A 1 3  ? -23.262 -10.874 17.492  1.00 144.83 ? 3   DG  A N9    1 
ATOM   53  C  C8    . DG  A 1 3  ? -24.030 -9.950  16.821  1.00 143.34 ? 3   DG  A C8    1 
ATOM   54  N  N7    . DG  A 1 3  ? -24.481 -10.388 15.671  1.00 142.86 ? 3   DG  A N7    1 
ATOM   55  C  C5    . DG  A 1 3  ? -23.991 -11.687 15.587  1.00 142.71 ? 3   DG  A C5    1 
ATOM   56  C  C6    . DG  A 1 3  ? -24.147 -12.668 14.573  1.00 142.74 ? 3   DG  A C6    1 
ATOM   57  O  O6    . DG  A 1 3  ? -24.772 -12.586 13.502  1.00 141.36 ? 3   DG  A O6    1 
ATOM   58  N  N1    . DG  A 1 3  ? -23.482 -13.849 14.899  1.00 143.03 ? 3   DG  A N1    1 
ATOM   59  C  C2    . DG  A 1 3  ? -22.760 -14.057 16.053  1.00 140.46 ? 3   DG  A C2    1 
ATOM   60  N  N2    . DG  A 1 3  ? -22.186 -15.260 16.194  1.00 137.40 ? 3   DG  A N2    1 
ATOM   61  N  N3    . DG  A 1 3  ? -22.609 -13.151 17.003  1.00 140.36 ? 3   DG  A N3    1 
ATOM   62  C  C4    . DG  A 1 3  ? -23.248 -11.997 16.707  1.00 142.80 ? 3   DG  A C4    1 
ATOM   63  P  P     . DC  A 1 4  ? -19.944 -9.115  21.592  1.00 164.50 ? 4   DC  A P     1 
ATOM   64  O  OP1   . DC  A 1 4  ? -19.773 -8.993  23.057  1.00 160.15 ? 4   DC  A OP1   1 
ATOM   65  O  OP2   . DC  A 1 4  ? -19.981 -7.889  20.766  1.00 168.24 ? 4   DC  A OP2   1 
ATOM   66  O  "O5'" . DC  A 1 4  ? -18.795 -10.072 21.026  1.00 154.28 ? 4   DC  A "O5'" 1 
ATOM   67  C  "C5'" . DC  A 1 4  ? -18.851 -11.464 21.307  1.00 148.48 ? 4   DC  A "C5'" 1 
ATOM   68  C  "C4'" . DC  A 1 4  ? -18.446 -12.290 20.100  1.00 145.83 ? 4   DC  A "C4'" 1 
ATOM   69  O  "O4'" . DC  A 1 4  ? -19.391 -12.084 19.011  1.00 143.98 ? 4   DC  A "O4'" 1 
ATOM   70  C  "C3'" . DC  A 1 4  ? -17.062 -11.969 19.525  1.00 144.29 ? 4   DC  A "C3'" 1 
ATOM   71  O  "O3'" . DC  A 1 4  ? -16.356 -13.183 19.280  1.00 145.59 ? 4   DC  A "O3'" 1 
ATOM   72  C  "C2'" . DC  A 1 4  ? -17.397 -11.243 18.221  1.00 143.53 ? 4   DC  A "C2'" 1 
ATOM   73  C  "C1'" . DC  A 1 4  ? -18.658 -11.980 17.818  1.00 141.68 ? 4   DC  A "C1'" 1 
ATOM   74  N  N1    . DC  A 1 4  ? -19.489 -11.286 16.772  1.00 141.64 ? 4   DC  A N1    1 
ATOM   75  C  C2    . DC  A 1 4  ? -19.899 -11.998 15.636  1.00 139.82 ? 4   DC  A C2    1 
ATOM   76  O  O2    . DC  A 1 4  ? -19.570 -13.184 15.519  1.00 136.75 ? 4   DC  A O2    1 
ATOM   77  N  N3    . DC  A 1 4  ? -20.648 -11.366 14.696  1.00 138.90 ? 4   DC  A N3    1 
ATOM   78  C  C4    . DC  A 1 4  ? -20.983 -10.085 14.860  1.00 138.01 ? 4   DC  A C4    1 
ATOM   79  N  N4    . DC  A 1 4  ? -21.723 -9.506  13.909  1.00 133.27 ? 4   DC  A N4    1 
ATOM   80  C  C5    . DC  A 1 4  ? -20.573 -9.343  16.009  1.00 138.27 ? 4   DC  A C5    1 
ATOM   81  C  C6    . DC  A 1 4  ? -19.830 -9.974  16.927  1.00 141.03 ? 4   DC  A C6    1 
ATOM   82  P  P     . DA  A 1 5  ? -14.780 -13.288 19.581  1.00 150.77 ? 5   DA  A P     1 
ATOM   83  O  OP1   . DA  A 1 5  ? -14.578 -13.027 21.025  1.00 154.21 ? 5   DA  A OP1   1 
ATOM   84  O  OP2   . DA  A 1 5  ? -14.076 -12.474 18.563  1.00 148.70 ? 5   DA  A OP2   1 
ATOM   85  O  "O5'" . DA  A 1 5  ? -14.433 -14.826 19.299  1.00 141.51 ? 5   DA  A "O5'" 1 
ATOM   86  C  "C5'" . DA  A 1 5  ? -13.251 -15.163 18.586  1.00 131.46 ? 5   DA  A "C5'" 1 
ATOM   87  C  "C4'" . DA  A 1 5  ? -13.584 -15.921 17.317  1.00 130.74 ? 5   DA  A "C4'" 1 
ATOM   88  O  "O4'" . DA  A 1 5  ? -14.807 -15.394 16.729  1.00 135.23 ? 5   DA  A "O4'" 1 
ATOM   89  C  "C3'" . DA  A 1 5  ? -12.535 -15.824 16.215  1.00 130.05 ? 5   DA  A "C3'" 1 
ATOM   90  O  "O3'" . DA  A 1 5  ? -12.562 -17.021 15.458  1.00 130.72 ? 5   DA  A "O3'" 1 
ATOM   91  C  "C2'" . DA  A 1 5  ? -13.057 -14.647 15.401  1.00 134.39 ? 5   DA  A "C2'" 1 
ATOM   92  C  "C1'" . DA  A 1 5  ? -14.533 -14.990 15.401  1.00 134.67 ? 5   DA  A "C1'" 1 
ATOM   93  N  N9    . DA  A 1 5  ? -15.426 -13.889 15.043  1.00 136.32 ? 5   DA  A N9    1 
ATOM   94  C  C8    . DA  A 1 5  ? -15.766 -12.823 15.822  1.00 137.55 ? 5   DA  A C8    1 
ATOM   95  N  N7    . DA  A 1 5  ? -16.610 -11.998 15.250  1.00 136.94 ? 5   DA  A N7    1 
ATOM   96  C  C5    . DA  A 1 5  ? -16.850 -12.563 14.013  1.00 136.10 ? 5   DA  A C5    1 
ATOM   97  C  C6    . DA  A 1 5  ? -17.660 -12.163 12.932  1.00 137.76 ? 5   DA  A C6    1 
ATOM   98  N  N6    . DA  A 1 5  ? -18.406 -11.054 12.946  1.00 138.01 ? 5   DA  A N6    1 
ATOM   99  N  N1    . DA  A 1 5  ? -17.677 -12.952 11.834  1.00 139.12 ? 5   DA  A N1    1 
ATOM   100 C  C2    . DA  A 1 5  ? -16.921 -14.062 11.830  1.00 137.87 ? 5   DA  A C2    1 
ATOM   101 N  N3    . DA  A 1 5  ? -16.125 -14.541 12.791  1.00 135.16 ? 5   DA  A N3    1 
ATOM   102 C  C4    . DA  A 1 5  ? -16.131 -13.734 13.865  1.00 136.12 ? 5   DA  A C4    1 
ATOM   103 P  P     . DG  A 1 6  ? -11.349 -17.405 14.480  1.00 152.24 ? 6   DG  A P     1 
ATOM   104 O  OP1   . DG  A 1 6  ? -10.829 -18.716 14.934  1.00 150.54 ? 6   DG  A OP1   1 
ATOM   105 O  OP2   . DG  A 1 6  ? -10.433 -16.245 14.408  1.00 152.73 ? 6   DG  A OP2   1 
ATOM   106 O  "O5'" . DG  A 1 6  ? -12.048 -17.586 13.045  1.00 149.09 ? 6   DG  A "O5'" 1 
ATOM   107 C  "C5'" . DG  A 1 6  ? -13.158 -16.761 12.672  1.00 141.26 ? 6   DG  A "C5'" 1 
ATOM   108 C  "C4'" . DG  A 1 6  ? -12.849 -15.948 11.424  1.00 139.01 ? 6   DG  A "C4'" 1 
ATOM   109 O  "O4'" . DG  A 1 6  ? -13.709 -14.773 11.370  1.00 138.32 ? 6   DG  A "O4'" 1 
ATOM   110 C  "C3'" . DG  A 1 6  ? -11.420 -15.407 11.331  1.00 140.01 ? 6   DG  A "C3'" 1 
ATOM   111 O  "O3'" . DG  A 1 6  ? -11.009 -15.409 9.967   1.00 135.38 ? 6   DG  A "O3'" 1 
ATOM   112 C  "C2'" . DG  A 1 6  ? -11.589 -13.978 11.840  1.00 137.65 ? 6   DG  A "C2'" 1 
ATOM   113 C  "C1'" . DG  A 1 6  ? -12.901 -13.634 11.169  1.00 134.43 ? 6   DG  A "C1'" 1 
ATOM   114 N  N9    . DG  A 1 6  ? -13.582 -12.446 11.699  1.00 132.47 ? 6   DG  A N9    1 
ATOM   115 C  C8    . DG  A 1 6  ? -13.445 -11.878 12.943  1.00 129.90 ? 6   DG  A C8    1 
ATOM   116 N  N7    . DG  A 1 6  ? -14.197 -10.819 13.114  1.00 126.23 ? 6   DG  A N7    1 
ATOM   117 C  C5    . DG  A 1 6  ? -14.869 -10.678 11.903  1.00 130.57 ? 6   DG  A C5    1 
ATOM   118 C  C6    . DG  A 1 6  ? -15.823 -9.709  11.483  1.00 131.84 ? 6   DG  A C6    1 
ATOM   119 O  O6    . DG  A 1 6  ? -16.277 -8.754  12.125  1.00 128.15 ? 6   DG  A O6    1 
ATOM   120 N  N1    . DG  A 1 6  ? -16.253 -9.936  10.169  1.00 136.84 ? 6   DG  A N1    1 
ATOM   121 C  C2    . DG  A 1 6  ? -15.808 -10.975 9.376   1.00 138.45 ? 6   DG  A C2    1 
ATOM   122 N  N2    . DG  A 1 6  ? -16.319 -11.059 8.138   1.00 140.71 ? 6   DG  A N2    1 
ATOM   123 N  N3    . DG  A 1 6  ? -14.921 -11.877 9.765   1.00 137.53 ? 6   DG  A N3    1 
ATOM   124 C  C4    . DG  A 1 6  ? -14.496 -11.669 11.027  1.00 133.88 ? 6   DG  A C4    1 
ATOM   125 P  P     . DA  A 1 7  ? -10.221 -16.666 9.348   1.00 143.75 ? 7   DA  A P     1 
ATOM   126 O  OP1   . DA  A 1 7  ? -11.033 -17.879 9.590   1.00 166.79 ? 7   DA  A OP1   1 
ATOM   127 O  OP2   . DA  A 1 7  ? -8.828  -16.608 9.842   1.00 144.70 ? 7   DA  A OP2   1 
ATOM   128 O  "O5'" . DA  A 1 7  ? -10.204 -16.370 7.772   1.00 127.53 ? 7   DA  A "O5'" 1 
ATOM   129 C  "C5'" . DA  A 1 7  ? -11.180 -16.967 6.927   1.00 121.18 ? 7   DA  A "C5'" 1 
ATOM   130 C  "C4'" . DA  A 1 7  ? -11.685 -15.982 5.885   1.00 123.96 ? 7   DA  A "C4'" 1 
ATOM   131 O  "O4'" . DA  A 1 7  ? -12.348 -14.869 6.536   1.00 123.61 ? 7   DA  A "O4'" 1 
ATOM   132 C  "C3'" . DA  A 1 7  ? -10.614 -15.381 4.977   1.00 124.51 ? 7   DA  A "C3'" 1 
ATOM   133 O  "O3'" . DA  A 1 7  ? -11.037 -15.478 3.621   1.00 127.07 ? 7   DA  A "O3'" 1 
ATOM   134 C  "C2'" . DA  A 1 7  ? -10.516 -13.922 5.445   1.00 124.90 ? 7   DA  A "C2'" 1 
ATOM   135 C  "C1'" . DA  A 1 7  ? -11.923 -13.656 5.960   1.00 124.47 ? 7   DA  A "C1'" 1 
ATOM   136 N  N9    . DA  A 1 7  ? -12.001 -12.628 7.003   1.00 127.07 ? 7   DA  A N9    1 
ATOM   137 C  C8    . DA  A 1 7  ? -11.406 -12.671 8.232   1.00 127.32 ? 7   DA  A C8    1 
ATOM   138 N  N7    . DA  A 1 7  ? -11.661 -11.628 8.984   1.00 129.65 ? 7   DA  A N7    1 
ATOM   139 C  C5    . DA  A 1 7  ? -12.493 -10.843 8.205   1.00 129.43 ? 7   DA  A C5    1 
ATOM   140 C  C6    . DA  A 1 7  ? -13.108 -9.597  8.442   1.00 126.73 ? 7   DA  A C6    1 
ATOM   141 N  N6    . DA  A 1 7  ? -12.971 -8.919  9.585   1.00 123.59 ? 7   DA  A N6    1 
ATOM   142 N  N1    . DA  A 1 7  ? -13.878 -9.079  7.461   1.00 125.37 ? 7   DA  A N1    1 
ATOM   143 C  C2    . DA  A 1 7  ? -14.016 -9.771  6.318   1.00 127.90 ? 7   DA  A C2    1 
ATOM   144 N  N3    . DA  A 1 7  ? -13.480 -10.953 5.978   1.00 129.99 ? 7   DA  A N3    1 
ATOM   145 C  C4    . DA  A 1 7  ? -12.725 -11.443 6.980   1.00 129.53 ? 7   DA  A C4    1 
ATOM   146 P  P     . DC  A 1 8  ? -10.066 -15.021 2.424   1.00 136.36 ? 8   DC  A P     1 
ATOM   147 O  OP1   . DC  A 1 8  ? -10.379 -15.865 1.247   1.00 134.11 ? 8   DC  A OP1   1 
ATOM   148 O  OP2   . DC  A 1 8  ? -8.687  -14.994 2.956   1.00 136.55 ? 8   DC  A OP2   1 
ATOM   149 O  "O5'" . DC  A 1 8  ? -10.516 -13.515 2.121   1.00 126.75 ? 8   DC  A "O5'" 1 
ATOM   150 C  "C5'" . DC  A 1 8  ? -11.886 -13.220 1.891   1.00 127.64 ? 8   DC  A "C5'" 1 
ATOM   151 C  "C4'" . DC  A 1 8  ? -12.135 -11.721 1.878   1.00 132.39 ? 8   DC  A "C4'" 1 
ATOM   152 O  "O4'" . DC  A 1 8  ? -12.104 -11.195 3.231   1.00 132.10 ? 8   DC  A "O4'" 1 
ATOM   153 C  "C3'" . DC  A 1 8  ? -11.124 -10.891 1.076   1.00 132.75 ? 8   DC  A "C3'" 1 
ATOM   154 O  "O3'" . DC  A 1 8  ? -11.818 -10.044 0.168   1.00 137.62 ? 8   DC  A "O3'" 1 
ATOM   155 C  "C2'" . DC  A 1 8  ? -10.391 -10.079 2.152   1.00 133.70 ? 8   DC  A "C2'" 1 
ATOM   156 C  "C1'" . DC  A 1 8  ? -11.475 -9.937  3.200   1.00 132.12 ? 8   DC  A "C1'" 1 
ATOM   157 N  N1    . DC  A 1 8  ? -10.980 -9.603  4.581   1.00 130.64 ? 8   DC  A N1    1 
ATOM   158 C  C2    . DC  A 1 8  ? -11.365 -8.395  5.179   1.00 126.43 ? 8   DC  A C2    1 
ATOM   159 O  O2    . DC  A 1 8  ? -12.103 -7.624  4.553   1.00 123.75 ? 8   DC  A O2    1 
ATOM   160 N  N3    . DC  A 1 8  ? -10.927 -8.108  6.432   1.00 124.06 ? 8   DC  A N3    1 
ATOM   161 C  C4    . DC  A 1 8  ? -10.134 -8.972  7.074   1.00 126.22 ? 8   DC  A C4    1 
ATOM   162 N  N4    . DC  A 1 8  ? -9.725  -8.646  8.308   1.00 124.02 ? 8   DC  A N4    1 
ATOM   163 C  C5    . DC  A 1 8  ? -9.729  -10.205 6.481   1.00 128.49 ? 8   DC  A C5    1 
ATOM   164 C  C6    . DC  A 1 8  ? -10.170 -10.478 5.245   1.00 129.90 ? 8   DC  A C6    1 
ATOM   165 P  P     . DC  A 1 9  ? -11.030 -9.296  -1.015  1.00 146.88 ? 9   DC  A P     1 
ATOM   166 O  OP1   . DC  A 1 9  ? -11.793 -9.497  -2.267  1.00 153.37 ? 9   DC  A OP1   1 
ATOM   167 O  OP2   . DC  A 1 9  ? -9.611  -9.714  -0.934  1.00 156.52 ? 9   DC  A OP2   1 
ATOM   168 O  "O5'" . DC  A 1 9  ? -11.129 -7.745  -0.625  1.00 130.43 ? 9   DC  A "O5'" 1 
ATOM   169 C  "C5'" . DC  A 1 9  ? -12.277 -6.994  -0.997  1.00 122.80 ? 9   DC  A "C5'" 1 
ATOM   170 C  "C4'" . DC  A 1 9  ? -12.376 -5.705  -0.201  1.00 119.46 ? 9   DC  A "C4'" 1 
ATOM   171 O  "O4'" . DC  A 1 9  ? -11.902 -5.924  1.149   1.00 124.62 ? 9   DC  A "O4'" 1 
ATOM   172 C  "C3'" . DC  A 1 9  ? -11.571 -4.524  -0.757  1.00 115.90 ? 9   DC  A "C3'" 1 
ATOM   173 O  "O3'" . DC  A 1 9  ? -12.449 -3.413  -0.958  1.00 113.62 ? 9   DC  A "O3'" 1 
ATOM   174 C  "C2'" . DC  A 1 9  ? -10.523 -4.241  0.336   1.00 122.95 ? 9   DC  A "C2'" 1 
ATOM   175 C  "C1'" . DC  A 1 9  ? -11.209 -4.783  1.581   1.00 125.18 ? 9   DC  A "C1'" 1 
ATOM   176 N  N1    . DC  A 1 9  ? -10.276 -5.194  2.703   1.00 129.89 ? 9   DC  A N1    1 
ATOM   177 C  C2    . DC  A 1 9  ? -10.060 -4.331  3.794   1.00 126.23 ? 9   DC  A C2    1 
ATOM   178 O  O2    . DC  A 1 9  ? -10.624 -3.232  3.815   1.00 124.73 ? 9   DC  A O2    1 
ATOM   179 N  N3    . DC  A 1 9  ? -9.242  -4.734  4.806   1.00 124.79 ? 9   DC  A N3    1 
ATOM   180 C  C4    . DC  A 1 9  ? -8.657  -5.932  4.753   1.00 124.01 ? 9   DC  A C4    1 
ATOM   181 N  N4    . DC  A 1 9  ? -7.855  -6.287  5.768   1.00 124.24 ? 9   DC  A N4    1 
ATOM   182 C  C5    . DC  A 1 9  ? -8.866  -6.823  3.656   1.00 126.38 ? 9   DC  A C5    1 
ATOM   183 C  C6    . DC  A 1 9  ? -9.678  -6.421  2.669   1.00 129.32 ? 9   DC  A C6    1 
ATOM   184 P  P     . DT  A 1 10 ? -12.126 -2.282  -2.055  1.00 120.79 ? 10  DT  A P     1 
ATOM   185 O  OP1   . DT  A 1 10 ? -13.321 -1.417  -2.173  1.00 114.67 ? 10  DT  A OP1   1 
ATOM   186 O  OP2   . DT  A 1 10 ? -11.574 -2.934  -3.264  1.00 119.03 ? 10  DT  A OP2   1 
ATOM   187 O  "O5'" . DT  A 1 10 ? -10.956 -1.433  -1.380  1.00 124.02 ? 10  DT  A "O5'" 1 
ATOM   188 C  "C5'" . DT  A 1 10 ? -11.010 -0.017  -1.385  1.00 124.75 ? 10  DT  A "C5'" 1 
ATOM   189 C  "C4'" . DT  A 1 10 ? -10.952 0.526   0.030   1.00 125.27 ? 10  DT  A "C4'" 1 
ATOM   190 O  "O4'" . DT  A 1 10 ? -10.376 -0.452  0.904   1.00 127.17 ? 10  DT  A "O4'" 1 
ATOM   191 C  "C3'" . DT  A 1 10 ? -10.063 1.738   0.206   1.00 123.88 ? 10  DT  A "C3'" 1 
ATOM   192 O  "O3'" . DT  A 1 10 ? -10.802 2.906   -0.045  1.00 127.69 ? 10  DT  A "O3'" 1 
ATOM   193 C  "C2'" . DT  A 1 10 ? -9.631  1.656   1.678   1.00 121.55 ? 10  DT  A "C2'" 1 
ATOM   194 C  "C1'" . DT  A 1 10 ? -9.946  0.211   2.069   1.00 125.99 ? 10  DT  A "C1'" 1 
ATOM   195 N  N1    . DT  A 1 10 ? -8.804  -0.559  2.692   1.00 124.28 ? 10  DT  A N1    1 
ATOM   196 C  C2    . DT  A 1 10 ? -8.186  -0.074  3.830   1.00 121.65 ? 10  DT  A C2    1 
ATOM   197 O  O2    . DT  A 1 10 ? -8.486  0.980   4.364   1.00 117.74 ? 10  DT  A O2    1 
ATOM   198 N  N3    . DT  A 1 10 ? -7.194  -0.879  4.328   1.00 120.39 ? 10  DT  A N3    1 
ATOM   199 C  C4    . DT  A 1 10 ? -6.767  -2.093  3.822   1.00 117.71 ? 10  DT  A C4    1 
ATOM   200 O  O4    . DT  A 1 10 ? -5.863  -2.739  4.342   1.00 114.72 ? 10  DT  A O4    1 
ATOM   201 C  C5    . DT  A 1 10 ? -7.458  -2.548  2.641   1.00 119.03 ? 10  DT  A C5    1 
ATOM   202 C  C7    . DT  A 1 10 ? -7.080  -3.853  2.002   1.00 118.58 ? 10  DT  A C7    1 
ATOM   203 C  C6    . DT  A 1 10 ? -8.435  -1.773  2.143   1.00 121.67 ? 10  DT  A C6    1 
ATOM   204 P  P     . DG  A 1 11 ? -10.663 3.652   -1.458  1.00 143.64 ? 11  DG  A P     1 
ATOM   205 O  OP1   . DG  A 1 11 ? -12.029 3.842   -1.997  1.00 155.69 ? 11  DG  A OP1   1 
ATOM   206 O  OP2   . DG  A 1 11 ? -9.657  2.910   -2.254  1.00 137.34 ? 11  DG  A OP2   1 
ATOM   207 O  "O5'" . DG  A 1 11 ? -10.031 5.071   -1.077  1.00 132.39 ? 11  DG  A "O5'" 1 
ATOM   208 C  "C5'" . DG  A 1 11 ? -10.518 5.781   0.050   1.00 129.01 ? 11  DG  A "C5'" 1 
ATOM   209 C  "C4'" . DG  A 1 11 ? -9.375  6.207   0.953   1.00 123.60 ? 11  DG  A "C4'" 1 
ATOM   210 O  "O4'" . DG  A 1 11 ? -8.775  5.041   1.578   1.00 121.14 ? 11  DG  A "O4'" 1 
ATOM   211 C  "C3'" . DG  A 1 11 ? -8.237  6.953   0.254   1.00 119.29 ? 11  DG  A "C3'" 1 
ATOM   212 O  "O3'" . DG  A 1 11 ? -7.862  8.079   1.029   1.00 122.16 ? 11  DG  A "O3'" 1 
ATOM   213 C  "C2'" . DG  A 1 11 ? -7.118  5.914   0.204   1.00 114.46 ? 11  DG  A "C2'" 1 
ATOM   214 C  "C1'" . DG  A 1 11 ? -7.375  5.144   1.488   1.00 115.06 ? 11  DG  A "C1'" 1 
ATOM   215 N  N9    . DG  A 1 11 ? -6.807  3.797   1.490   1.00 113.01 ? 11  DG  A N9    1 
ATOM   216 C  C8    . DG  A 1 11 ? -6.964  2.833   0.525   1.00 114.66 ? 11  DG  A C8    1 
ATOM   217 N  N7    . DG  A 1 11 ? -6.351  1.715   0.798   1.00 111.11 ? 11  DG  A N7    1 
ATOM   218 C  C5    . DG  A 1 11 ? -5.723  1.962   2.010   1.00 108.97 ? 11  DG  A C5    1 
ATOM   219 C  C6    . DG  A 1 11 ? -4.899  1.121   2.794   1.00 110.12 ? 11  DG  A C6    1 
ATOM   220 O  O6    . DG  A 1 11 ? -4.553  -0.045  2.560   1.00 110.72 ? 11  DG  A O6    1 
ATOM   221 N  N1    . DG  A 1 11 ? -4.465  1.756   3.954   1.00 111.27 ? 11  DG  A N1    1 
ATOM   222 C  C2    . DG  A 1 11 ? -4.787  3.046   4.313   1.00 109.96 ? 11  DG  A C2    1 
ATOM   223 N  N2    . DG  A 1 11 ? -4.271  3.488   5.472   1.00 106.63 ? 11  DG  A N2    1 
ATOM   224 N  N3    . DG  A 1 11 ? -5.561  3.847   3.585   1.00 107.23 ? 11  DG  A N3    1 
ATOM   225 C  C4    . DG  A 1 11 ? -5.991  3.239   2.451   1.00 109.67 ? 11  DG  A C4    1 
ATOM   226 P  P     . DA  A 1 12 ? -7.184  9.360   0.336   1.00 134.57 ? 12  DA  A P     1 
ATOM   227 O  OP1   . DA  A 1 12 ? -7.945  10.555  0.768   1.00 127.48 ? 12  DA  A OP1   1 
ATOM   228 O  OP2   . DA  A 1 12 ? -7.015  9.063   -1.103  1.00 131.16 ? 12  DA  A OP2   1 
ATOM   229 O  "O5'" . DA  A 1 12 ? -5.736  9.436   1.009   1.00 125.67 ? 12  DA  A "O5'" 1 
ATOM   230 C  "C5'" . DA  A 1 12 ? -5.606  9.950   2.326   1.00 121.35 ? 12  DA  A "C5'" 1 
ATOM   231 C  "C4'" . DA  A 1 12 ? -4.570  9.174   3.117   1.00 119.12 ? 12  DA  A "C4'" 1 
ATOM   232 O  "O4'" . DA  A 1 12 ? -4.661  7.771   2.797   1.00 118.25 ? 12  DA  A "O4'" 1 
ATOM   233 C  "C3'" . DA  A 1 12 ? -3.122  9.569   2.835   1.00 111.30 ? 12  DA  A "C3'" 1 
ATOM   234 O  "O3'" . DA  A 1 12 ? -2.566  10.227  3.961   1.00 111.18 ? 12  DA  A "O3'" 1 
ATOM   235 C  "C2'" . DA  A 1 12 ? -2.405  8.241   2.551   1.00 109.20 ? 12  DA  A "C2'" 1 
ATOM   236 C  "C1'" . DA  A 1 12 ? -3.401  7.199   3.017   1.00 111.19 ? 12  DA  A "C1'" 1 
ATOM   237 N  N9    . DA  A 1 12 ? -3.317  5.942   2.274   1.00 113.80 ? 12  DA  A N9    1 
ATOM   238 C  C8    . DA  A 1 12 ? -3.931  5.641   1.093   1.00 115.76 ? 12  DA  A C8    1 
ATOM   239 N  N7    . DA  A 1 12 ? -3.677  4.432   0.654   1.00 113.89 ? 12  DA  A N7    1 
ATOM   240 C  C5    . DA  A 1 12 ? -2.830  3.900   1.611   1.00 112.67 ? 12  DA  A C5    1 
ATOM   241 C  C6    . DA  A 1 12 ? -2.199  2.646   1.727   1.00 109.66 ? 12  DA  A C6    1 
ATOM   242 N  N6    . DA  A 1 12 ? -2.341  1.665   0.827   1.00 105.40 ? 12  DA  A N6    1 
ATOM   243 N  N1    . DA  A 1 12 ? -1.417  2.435   2.806   1.00 113.19 ? 12  DA  A N1    1 
ATOM   244 C  C2    . DA  A 1 12 ? -1.283  3.420   3.706   1.00 114.49 ? 12  DA  A C2    1 
ATOM   245 N  N3    . DA  A 1 12 ? -1.823  4.642   3.703   1.00 113.89 ? 12  DA  A N3    1 
ATOM   246 C  C4    . DA  A 1 12 ? -2.593  4.819   2.619   1.00 113.65 ? 12  DA  A C4    1 
ATOM   247 P  P     . DC  A 1 13 ? -1.350  11.255  3.760   1.00 120.94 ? 13  DC  A P     1 
ATOM   248 O  OP1   . DC  A 1 13 ? -0.832  11.644  5.094   1.00 114.71 ? 13  DC  A OP1   1 
ATOM   249 O  OP2   . DC  A 1 13 ? -1.820  12.293  2.813   1.00 115.70 ? 13  DC  A OP2   1 
ATOM   250 O  "O5'" . DC  A 1 13 ? -0.241  10.380  3.007   1.00 113.04 ? 13  DC  A "O5'" 1 
ATOM   251 C  "C5'" . DC  A 1 13 ? 1.064   10.265  3.546   1.00 109.48 ? 13  DC  A "C5'" 1 
ATOM   252 C  "C4'" . DC  A 1 13 ? 1.307   8.868   4.081   1.00 101.90 ? 13  DC  A "C4'" 1 
ATOM   253 O  "O4'" . DC  A 1 13 ? 0.536   7.924   3.330   1.00 101.00 ? 13  DC  A "O4'" 1 
ATOM   254 C  "C3'" . DC  A 1 13 ? 2.731   8.386   3.942   1.00 102.01 ? 13  DC  A "C3'" 1 
ATOM   255 O  "O3'" . DC  A 1 13 ? 3.464   8.765   5.092   1.00 101.93 ? 13  DC  A "O3'" 1 
ATOM   256 C  "C2'" . DC  A 1 13 ? 2.582   6.858   3.840   1.00 101.87 ? 13  DC  A "C2'" 1 
ATOM   257 C  "C1'" . DC  A 1 13 ? 1.115   6.649   3.472   1.00 101.39 ? 13  DC  A "C1'" 1 
ATOM   258 N  N1    . DC  A 1 13 ? 0.847   5.859   2.207   1.00 99.74  ? 13  DC  A N1    1 
ATOM   259 C  C2    . DC  A 1 13 ? 1.299   4.532   2.064   1.00 104.61 ? 13  DC  A C2    1 
ATOM   260 O  O2    . DC  A 1 13 ? 1.976   4.010   2.956   1.00 108.91 ? 13  DC  A O2    1 
ATOM   261 N  N3    . DC  A 1 13 ? 0.993   3.856   0.925   1.00 103.85 ? 13  DC  A N3    1 
ATOM   262 C  C4    . DC  A 1 13 ? 0.264   4.437   -0.026  1.00 105.37 ? 13  DC  A C4    1 
ATOM   263 N  N4    . DC  A 1 13 ? -0.011  3.729   -1.128  1.00 107.68 ? 13  DC  A N4    1 
ATOM   264 C  C5    . DC  A 1 13 ? -0.216  5.768   0.108   1.00 104.18 ? 13  DC  A C5    1 
ATOM   265 C  C6    . DC  A 1 13 ? 0.089   6.429   1.227   1.00 100.76 ? 13  DC  A C6    1 
ATOM   266 P  P     . DG  A 1 14 ? 4.762   9.700   4.959   1.00 117.27 ? 14  DG  A P     1 
ATOM   267 O  OP1   . DG  A 1 14 ? 4.761   10.645  6.099   1.00 121.21 ? 14  DG  A OP1   1 
ATOM   268 O  OP2   . DG  A 1 14 ? 4.808   10.212  3.570   1.00 117.80 ? 14  DG  A OP2   1 
ATOM   269 O  "O5'" . DG  A 1 14 ? 5.973   8.676   5.141   1.00 112.98 ? 14  DG  A "O5'" 1 
ATOM   270 C  "C5'" . DG  A 1 14 ? 5.820   7.554   5.991   1.00 113.63 ? 14  DG  A "C5'" 1 
ATOM   271 C  "C4'" . DG  A 1 14 ? 6.311   6.298   5.301   1.00 112.62 ? 14  DG  A "C4'" 1 
ATOM   272 O  "O4'" . DG  A 1 14 ? 5.380   5.917   4.279   1.00 110.05 ? 14  DG  A "O4'" 1 
ATOM   273 C  "C3'" . DG  A 1 14 ? 7.653   6.446   4.598   1.00 106.65 ? 14  DG  A "C3'" 1 
ATOM   274 O  "O3'" . DG  A 1 14 ? 8.682   5.900   5.435   1.00 106.03 ? 14  DG  A "O3'" 1 
ATOM   275 C  "C2'" . DG  A 1 14 ? 7.482   5.687   3.266   1.00 103.23 ? 14  DG  A "C2'" 1 
ATOM   276 C  "C1'" . DG  A 1 14 ? 6.051   5.161   3.311   1.00 103.82 ? 14  DG  A "C1'" 1 
ATOM   277 N  N9    . DG  A 1 14 ? 5.337   5.304   2.045   1.00 103.16 ? 14  DG  A N9    1 
ATOM   278 C  C8    . DG  A 1 14 ? 4.668   6.413   1.590   1.00 107.55 ? 14  DG  A C8    1 
ATOM   279 N  N7    . DG  A 1 14 ? 4.116   6.247   0.423   1.00 106.79 ? 14  DG  A N7    1 
ATOM   280 C  C5    . DG  A 1 14 ? 4.454   4.950   0.074   1.00 102.14 ? 14  DG  A C5    1 
ATOM   281 C  C6    . DG  A 1 14 ? 4.143   4.216   -1.090  1.00 101.61 ? 14  DG  A C6    1 
ATOM   282 O  O6    . DG  A 1 14 ? 3.486   4.581   -2.070  1.00 102.31 ? 14  DG  A O6    1 
ATOM   283 N  N1    . DG  A 1 14 ? 4.681   2.932   -1.047  1.00 102.91 ? 14  DG  A N1    1 
ATOM   284 C  C2    . DG  A 1 14 ? 5.425   2.427   -0.006  1.00 105.07 ? 14  DG  A C2    1 
ATOM   285 N  N2    . DG  A 1 14 ? 5.863   1.166   -0.138  1.00 105.10 ? 14  DG  A N2    1 
ATOM   286 N  N3    . DG  A 1 14 ? 5.722   3.108   1.090   1.00 104.41 ? 14  DG  A N3    1 
ATOM   287 C  C4    . DG  A 1 14 ? 5.206   4.356   1.061   1.00 102.16 ? 14  DG  A C4    1 
ATOM   288 P  P     . DA  A 1 15 ? 9.925   5.072   4.841   1.00 109.02 ? 15  DA  A P     1 
ATOM   289 O  OP1   . DA  A 1 15 ? 10.852  4.857   5.972   1.00 112.00 ? 15  DA  A OP1   1 
ATOM   290 O  OP2   . DA  A 1 15 ? 10.444  5.730   3.620   1.00 104.75 ? 15  DA  A OP2   1 
ATOM   291 O  "O5'" . DA  A 1 15 ? 9.293   3.652   4.480   1.00 104.25 ? 15  DA  A "O5'" 1 
ATOM   292 C  "C5'" . DA  A 1 15 ? 10.060  2.485   4.636   1.00 104.72 ? 15  DA  A "C5'" 1 
ATOM   293 C  "C4'" . DA  A 1 15 ? 10.352  1.845   3.291   1.00 107.09 ? 15  DA  A "C4'" 1 
ATOM   294 O  "O4'" . DA  A 1 15 ? 9.366   2.250   2.318   1.00 110.18 ? 15  DA  A "O4'" 1 
ATOM   295 C  "C3'" . DA  A 1 15 ? 11.713  2.185   2.682   1.00 97.88  ? 15  DA  A "C3'" 1 
ATOM   296 O  "O3'" . DA  A 1 15 ? 12.459  0.992   2.564   1.00 96.71  ? 15  DA  A "O3'" 1 
ATOM   297 C  "C2'" . DA  A 1 15 ? 11.376  2.797   1.304   1.00 95.47  ? 15  DA  A "C2'" 1 
ATOM   298 C  "C1'" . DA  A 1 15 ? 9.975   2.267   1.053   1.00 101.20 ? 15  DA  A "C1'" 1 
ATOM   299 N  N9    . DA  A 1 15 ? 9.151   3.099   0.178   1.00 99.89  ? 15  DA  A N9    1 
ATOM   300 C  C8    . DA  A 1 15 ? 8.660   4.341   0.457   1.00 103.29 ? 15  DA  A C8    1 
ATOM   301 N  N7    . DA  A 1 15 ? 7.920   4.848   -0.498  1.00 102.92 ? 15  DA  A N7    1 
ATOM   302 C  C5    . DA  A 1 15 ? 7.909   3.865   -1.470  1.00 99.24  ? 15  DA  A C5    1 
ATOM   303 C  C6    . DA  A 1 15 ? 7.295   3.791   -2.736  1.00 101.10 ? 15  DA  A C6    1 
ATOM   304 N  N6    . DA  A 1 15 ? 6.545   4.776   -3.246  1.00 106.61 ? 15  DA  A N6    1 
ATOM   305 N  N1    . DA  A 1 15 ? 7.479   2.669   -3.458  1.00 101.07 ? 15  DA  A N1    1 
ATOM   306 C  C2    . DA  A 1 15 ? 8.231   1.686   -2.941  1.00 97.68  ? 15  DA  A C2    1 
ATOM   307 N  N3    . DA  A 1 15 ? 8.860   1.639   -1.763  1.00 91.97  ? 15  DA  A N3    1 
ATOM   308 C  C4    . DA  A 1 15 ? 8.656   2.772   -1.069  1.00 95.83  ? 15  DA  A C4    1 
ATOM   309 P  P     . DT  A 1 16 ? 14.000  1.018   2.121   1.00 102.07 ? 16  DT  A P     1 
ATOM   310 O  OP1   . DT  A 1 16 ? 14.788  0.346   3.182   1.00 105.01 ? 16  DT  A OP1   1 
ATOM   311 O  OP2   . DT  A 1 16 ? 14.367  2.391   1.695   1.00 92.18  ? 16  DT  A OP2   1 
ATOM   312 O  "O5'" . DT  A 1 16 ? 14.010  0.090   0.827   1.00 88.69  ? 16  DT  A "O5'" 1 
ATOM   313 C  "C5'" . DT  A 1 16 ? 14.666  0.532   -0.330  1.00 88.93  ? 16  DT  A "C5'" 1 
ATOM   314 C  "C4'" . DT  A 1 16 ? 13.987  -0.002  -1.562  1.00 86.81  ? 16  DT  A "C4'" 1 
ATOM   315 O  "O4'" . DT  A 1 16 ? 12.781  0.771   -1.831  1.00 87.62  ? 16  DT  A "O4'" 1 
ATOM   316 C  "C3'" . DT  A 1 16 ? 14.834  0.105   -2.827  1.00 91.05  ? 16  DT  A "C3'" 1 
ATOM   317 O  "O3'" . DT  A 1 16 ? 14.593  -1.011  -3.653  1.00 89.81  ? 16  DT  A "O3'" 1 
ATOM   318 C  "C2'" . DT  A 1 16 ? 14.298  1.377   -3.454  1.00 88.82  ? 16  DT  A "C2'" 1 
ATOM   319 C  "C1'" . DT  A 1 16 ? 12.827  1.188   -3.175  1.00 90.50  ? 16  DT  A "C1'" 1 
ATOM   320 N  N1    . DT  A 1 16 ? 11.997  2.418   -3.370  1.00 93.33  ? 16  DT  A N1    1 
ATOM   321 C  C2    . DT  A 1 16 ? 11.278  2.560   -4.541  1.00 100.13 ? 16  DT  A C2    1 
ATOM   322 O  O2    . DT  A 1 16 ? 11.284  1.729   -5.430  1.00 105.64 ? 16  DT  A O2    1 
ATOM   323 N  N3    . DT  A 1 16 ? 10.546  3.717   -4.631  1.00 99.91  ? 16  DT  A N3    1 
ATOM   324 C  C4    . DT  A 1 16 ? 10.465  4.724   -3.691  1.00 98.95  ? 16  DT  A C4    1 
ATOM   325 O  O4    . DT  A 1 16 ? 9.779   5.729   -3.861  1.00 100.94 ? 16  DT  A O4    1 
ATOM   326 C  C5    . DT  A 1 16 ? 11.245  4.514   -2.490  1.00 98.00  ? 16  DT  A C5    1 
ATOM   327 C  C7    . DT  A 1 16 ? 11.236  5.543   -1.399  1.00 104.69 ? 16  DT  A C7    1 
ATOM   328 C  C6    . DT  A 1 16 ? 11.967  3.386   -2.390  1.00 93.20  ? 16  DT  A C6    1 
ATOM   329 P  P     . DG  A 1 17 ? 15.778  -1.602  -4.560  1.00 96.39  ? 17  DG  A P     1 
ATOM   330 O  OP1   . DG  A 1 17 ? 16.542  -2.560  -3.728  1.00 86.51  ? 17  DG  A OP1   1 
ATOM   331 O  OP2   . DG  A 1 17 ? 16.479  -0.451  -5.171  1.00 91.19  ? 17  DG  A OP2   1 
ATOM   332 O  "O5'" . DG  A 1 17 ? 15.015  -2.402  -5.718  1.00 98.10  ? 17  DG  A "O5'" 1 
ATOM   333 C  "C5'" . DG  A 1 17 ? 15.738  -2.884  -6.838  1.00 95.37  ? 17  DG  A "C5'" 1 
ATOM   334 C  "C4'" . DG  A 1 17 ? 15.257  -2.230  -8.120  1.00 98.07  ? 17  DG  A "C4'" 1 
ATOM   335 O  "O4'" . DG  A 1 17 ? 14.399  -1.092  -7.817  1.00 96.76  ? 17  DG  A "O4'" 1 
ATOM   336 C  "C3'" . DG  A 1 17 ? 16.369  -1.687  -9.017  1.00 102.45 ? 17  DG  A "C3'" 1 
ATOM   337 O  "O3'" . DG  A 1 17 ? 16.079  -1.986  -10.369 1.00 103.04 ? 17  DG  A "O3'" 1 
ATOM   338 C  "C2'" . DG  A 1 17 ? 16.297  -0.186  -8.766  1.00 101.39 ? 17  DG  A "C2'" 1 
ATOM   339 C  "C1'" . DG  A 1 17 ? 14.803  0.004   -8.608  1.00 97.15  ? 17  DG  A "C1'" 1 
ATOM   340 N  N9    . DG  A 1 17 ? 14.424  1.238   -7.920  1.00 93.96  ? 17  DG  A N9    1 
ATOM   341 C  C8    . DG  A 1 17 ? 14.737  1.582   -6.631  1.00 92.52  ? 17  DG  A C8    1 
ATOM   342 N  N7    . DG  A 1 17 ? 14.254  2.736   -6.267  1.00 91.77  ? 17  DG  A N7    1 
ATOM   343 C  C5    . DG  A 1 17 ? 13.570  3.191   -7.381  1.00 95.01  ? 17  DG  A C5    1 
ATOM   344 C  C6    . DG  A 1 17 ? 12.842  4.390   -7.570  1.00 100.91 ? 17  DG  A C6    1 
ATOM   345 O  O6    . DG  A 1 17 ? 12.661  5.310   -6.762  1.00 103.43 ? 17  DG  A O6    1 
ATOM   346 N  N1    . DG  A 1 17 ? 12.300  4.473   -8.848  1.00 104.58 ? 17  DG  A N1    1 
ATOM   347 C  C2    . DG  A 1 17 ? 12.440  3.513   -9.823  1.00 107.31 ? 17  DG  A C2    1 
ATOM   348 N  N2    . DG  A 1 17 ? 11.839  3.772   -10.996 1.00 112.43 ? 17  DG  A N2    1 
ATOM   349 N  N3    . DG  A 1 17 ? 13.123  2.376   -9.659  1.00 101.57 ? 17  DG  A N3    1 
ATOM   350 C  C4    . DG  A 1 17 ? 13.658  2.283   -8.414  1.00 96.42  ? 17  DG  A C4    1 
ATOM   351 P  P     . DT  A 1 18 ? 17.120  -2.815  -11.269 1.00 121.08 ? 18  DT  A P     1 
ATOM   352 O  OP1   . DT  A 1 18 ? 16.322  -3.578  -12.254 1.00 123.94 ? 18  DT  A OP1   1 
ATOM   353 O  OP2   . DT  A 1 18 ? 18.041  -3.528  -10.358 1.00 113.45 ? 18  DT  A OP2   1 
ATOM   354 O  "O5'" . DT  A 1 18 ? 17.965  -1.690  -12.034 1.00 116.95 ? 18  DT  A "O5'" 1 
ATOM   355 C  "C5'" . DT  A 1 18 ? 17.505  -0.350  -12.055 1.00 106.22 ? 18  DT  A "C5'" 1 
ATOM   356 C  "C4'" . DT  A 1 18 ? 16.594  -0.087  -13.237 1.00 107.23 ? 18  DT  A "C4'" 1 
ATOM   357 O  "O4'" . DT  A 1 18 ? 15.527  0.803   -12.819 1.00 105.71 ? 18  DT  A "O4'" 1 
ATOM   358 C  "C3'" . DT  A 1 18 ? 17.268  0.631   -14.391 1.00 111.17 ? 18  DT  A "C3'" 1 
ATOM   359 O  "O3'" . DT  A 1 18 ? 16.571  0.389   -15.614 1.00 113.84 ? 18  DT  A "O3'" 1 
ATOM   360 C  "C2'" . DT  A 1 18 ? 17.154  2.084   -13.953 1.00 107.70 ? 18  DT  A "C2'" 1 
ATOM   361 C  "C1'" . DT  A 1 18 ? 15.779  2.118   -13.286 1.00 106.98 ? 18  DT  A "C1'" 1 
ATOM   362 N  N1    . DT  A 1 18 ? 15.704  3.060   -12.113 1.00 106.74 ? 18  DT  A N1    1 
ATOM   363 C  C2    . DT  A 1 18 ? 14.972  4.234   -12.211 1.00 110.55 ? 18  DT  A C2    1 
ATOM   364 O  O2    . DT  A 1 18 ? 14.373  4.564   -13.217 1.00 115.65 ? 18  DT  A O2    1 
ATOM   365 N  N3    . DT  A 1 18 ? 14.988  5.015   -11.071 1.00 108.97 ? 18  DT  A N3    1 
ATOM   366 C  C4    . DT  A 1 18 ? 15.635  4.731   -9.880  1.00 106.41 ? 18  DT  A C4    1 
ATOM   367 O  O4    . DT  A 1 18 ? 15.602  5.478   -8.912  1.00 105.00 ? 18  DT  A O4    1 
ATOM   368 C  C5    . DT  A 1 18 ? 16.370  3.497   -9.851  1.00 106.47 ? 18  DT  A C5    1 
ATOM   369 C  C7    . DT  A 1 18 ? 17.112  3.108   -8.608  1.00 112.95 ? 18  DT  A C7    1 
ATOM   370 C  C6    . DT  A 1 18 ? 16.370  2.728   -10.951 1.00 104.59 ? 18  DT  A C6    1 
ATOM   371 P  P     . DC  A 1 19 ? 17.176  0.916   -17.012 1.00 114.44 ? 19  DC  A P     1 
ATOM   372 O  OP1   . DC  A 1 19 ? 16.490  0.225   -18.127 1.00 108.84 ? 19  DC  A OP1   1 
ATOM   373 O  OP2   . DC  A 1 19 ? 18.651  0.848   -16.913 1.00 112.29 ? 19  DC  A OP2   1 
ATOM   374 O  "O5'" . DC  A 1 19 ? 16.759  2.459   -17.045 1.00 107.44 ? 19  DC  A "O5'" 1 
ATOM   375 C  "C5'" . DC  A 1 19 ? 16.569  3.116   -18.287 1.00 110.16 ? 19  DC  A "C5'" 1 
ATOM   376 C  "C4'" . DC  A 1 19 ? 15.968  4.496   -18.083 1.00 120.45 ? 19  DC  A "C4'" 1 
ATOM   377 O  "O4'" . DC  A 1 19 ? 15.863  4.787   -16.662 1.00 118.63 ? 19  DC  A "O4'" 1 
ATOM   378 C  "C3'" . DC  A 1 19 ? 16.779  5.632   -18.699 1.00 124.38 ? 19  DC  A "C3'" 1 
ATOM   379 O  "O3'" . DC  A 1 19 ? 15.973  6.397   -19.583 1.00 126.27 ? 19  DC  A "O3'" 1 
ATOM   380 C  "C2'" . DC  A 1 19 ? 17.249  6.458   -17.499 1.00 125.22 ? 19  DC  A "C2'" 1 
ATOM   381 C  "C1'" . DC  A 1 19 ? 16.234  6.126   -16.423 1.00 121.96 ? 19  DC  A "C1'" 1 
ATOM   382 N  N1    . DC  A 1 19 ? 16.789  6.218   -15.018 1.00 121.22 ? 19  DC  A N1    1 
ATOM   383 C  C2    . DC  A 1 19 ? 16.442  7.293   -14.167 1.00 122.54 ? 19  DC  A C2    1 
ATOM   384 O  O2    . DC  A 1 19 ? 15.679  8.178   -14.575 1.00 122.28 ? 19  DC  A O2    1 
ATOM   385 N  N3    . DC  A 1 19 ? 16.960  7.327   -12.906 1.00 120.14 ? 19  DC  A N3    1 
ATOM   386 C  C4    . DC  A 1 19 ? 17.780  6.355   -12.497 1.00 116.69 ? 19  DC  A C4    1 
ATOM   387 N  N4    . DC  A 1 19 ? 18.266  6.425   -11.251 1.00 115.81 ? 19  DC  A N4    1 
ATOM   388 C  C5    . DC  A 1 19 ? 18.140  5.268   -13.344 1.00 116.52 ? 19  DC  A C5    1 
ATOM   389 C  C6    . DC  A 1 19 ? 17.632  5.243   -14.580 1.00 118.06 ? 19  DC  A C6    1 
ATOM   390 P  P     . DA  A 1 20 ? 16.664  7.202   -20.789 1.00 133.40 ? 20  DA  A P     1 
ATOM   391 O  OP1   . DA  A 1 20 ? 15.732  7.205   -21.939 1.00 131.74 ? 20  DA  A OP1   1 
ATOM   392 O  OP2   . DA  A 1 20 ? 18.022  6.635   -20.944 1.00 134.09 ? 20  DA  A OP2   1 
ATOM   393 O  "O5'" . DA  A 1 20 ? 16.817  8.694   -20.226 1.00 126.15 ? 20  DA  A "O5'" 1 
ATOM   394 C  "C5'" . DA  A 1 20 ? 15.671  9.420   -19.817 1.00 129.54 ? 20  DA  A "C5'" 1 
ATOM   395 C  "C4'" . DA  A 1 20 ? 16.049  10.527  -18.848 1.00 135.85 ? 20  DA  A "C4'" 1 
ATOM   396 O  "O4'" . DA  A 1 20 ? 16.595  9.952   -17.632 1.00 131.44 ? 20  DA  A "O4'" 1 
ATOM   397 C  "C3'" . DA  A 1 20 ? 17.099  11.517  -19.366 1.00 138.69 ? 20  DA  A "C3'" 1 
ATOM   398 O  "O3'" . DA  A 1 20 ? 16.643  12.855  -19.165 1.00 147.96 ? 20  DA  A "O3'" 1 
ATOM   399 C  "C2'" . DA  A 1 20 ? 18.336  11.209  -18.516 1.00 133.54 ? 20  DA  A "C2'" 1 
ATOM   400 C  "C1'" . DA  A 1 20 ? 17.707  10.710  -17.226 1.00 131.21 ? 20  DA  A "C1'" 1 
ATOM   401 N  N9    . DA  A 1 20 ? 18.586  9.854   -16.434 1.00 128.75 ? 20  DA  A N9    1 
ATOM   402 C  C8    . DA  A 1 20 ? 19.218  8.720   -16.851 1.00 127.87 ? 20  DA  A C8    1 
ATOM   403 N  N7    . DA  A 1 20 ? 19.940  8.138   -15.926 1.00 124.63 ? 20  DA  A N7    1 
ATOM   404 C  C5    . DA  A 1 20 ? 19.789  8.960   -14.824 1.00 125.71 ? 20  DA  A C5    1 
ATOM   405 C  C6    . DA  A 1 20 ? 20.315  8.900   -13.519 1.00 125.17 ? 20  DA  A C6    1 
ATOM   406 N  N6    . DA  A 1 20 ? 21.132  7.928   -13.099 1.00 122.19 ? 20  DA  A N6    1 
ATOM   407 N  N1    . DA  A 1 20 ? 19.966  9.881   -12.660 1.00 128.49 ? 20  DA  A N1    1 
ATOM   408 C  C2    . DA  A 1 20 ? 19.147  10.851  -13.086 1.00 129.64 ? 20  DA  A C2    1 
ATOM   409 N  N3    . DA  A 1 20 ? 18.592  11.013  -14.287 1.00 130.05 ? 20  DA  A N3    1 
ATOM   410 C  C4    . DA  A 1 20 ? 18.955  10.024  -15.117 1.00 128.89 ? 20  DA  A C4    1 
ATOM   411 P  P     . DC  A 1 21 ? 17.166  14.046  -20.109 1.00 154.87 ? 21  DC  A P     1 
ATOM   412 O  OP1   . DC  A 1 21 ? 16.347  15.245  -19.819 1.00 144.28 ? 21  DC  A OP1   1 
ATOM   413 O  OP2   . DC  A 1 21 ? 17.232  13.517  -21.489 1.00 143.62 ? 21  DC  A OP2   1 
ATOM   414 O  "O5'" . DC  A 1 21 ? 18.666  14.301  -19.612 1.00 151.16 ? 21  DC  A "O5'" 1 
ATOM   415 C  "C5'" . DC  A 1 21 ? 19.038  15.569  -19.078 1.00 150.13 ? 21  DC  A "C5'" 1 
ATOM   416 C  "C4'" . DC  A 1 21 ? 18.787  15.630  -17.579 1.00 144.92 ? 21  DC  A "C4'" 1 
ATOM   417 O  "O4'" . DC  A 1 21 ? 19.148  14.359  -16.967 1.00 141.48 ? 21  DC  A "O4'" 1 
ATOM   418 C  "C3'" . DC  A 1 21 ? 19.588  16.702  -16.830 1.00 146.36 ? 21  DC  A "C3'" 1 
ATOM   419 O  "O3'" . DC  A 1 21 ? 18.760  17.348  -15.867 1.00 143.37 ? 21  DC  A "O3'" 1 
ATOM   420 C  "C2'" . DC  A 1 21 ? 20.698  15.892  -16.160 1.00 144.34 ? 21  DC  A "C2'" 1 
ATOM   421 C  "C1'" . DC  A 1 21 ? 19.954  14.610  -15.839 1.00 140.40 ? 21  DC  A "C1'" 1 
ATOM   422 N  N1    . DC  A 1 21 ? 20.831  13.408  -15.577 1.00 136.82 ? 21  DC  A N1    1 
ATOM   423 C  C2    . DC  A 1 21 ? 21.467  13.269  -14.334 1.00 133.68 ? 21  DC  A C2    1 
ATOM   424 O  O2    . DC  A 1 21 ? 21.319  14.151  -13.478 1.00 134.10 ? 21  DC  A O2    1 
ATOM   425 N  N3    . DC  A 1 21 ? 22.237  12.174  -14.106 1.00 128.83 ? 21  DC  A N3    1 
ATOM   426 C  C4    . DC  A 1 21 ? 22.375  11.245  -15.056 1.00 127.62 ? 21  DC  A C4    1 
ATOM   427 N  N4    . DC  A 1 21 ? 23.142  10.183  -14.781 1.00 125.21 ? 21  DC  A N4    1 
ATOM   428 C  C5    . DC  A 1 21 ? 21.728  11.362  -16.324 1.00 129.12 ? 21  DC  A C5    1 
ATOM   429 C  C6    . DC  A 1 21 ? 20.970  12.446  -16.537 1.00 133.03 ? 21  DC  A C6    1 
ATOM   430 P  P     . DC  B 2 1  ? 0.190   -4.609  -5.369  1.00 112.92 ? 1   DC  B P     1 
ATOM   431 O  OP1   . DC  B 2 1  ? -0.292  -3.213  -5.515  1.00 103.42 ? 1   DC  B OP1   1 
ATOM   432 O  OP2   . DC  B 2 1  ? 0.269   -5.248  -4.034  1.00 111.27 ? 1   DC  B OP2   1 
ATOM   433 O  "O5'" . DC  B 2 1  ? 1.623   -4.723  -6.075  1.00 101.01 ? 1   DC  B "O5'" 1 
ATOM   434 C  "C5'" . DC  B 2 1  ? 2.459   -3.572  -6.162  1.00 101.24 ? 1   DC  B "C5'" 1 
ATOM   435 C  "C4'" . DC  B 2 1  ? 3.846   -3.883  -5.651  1.00 101.34 ? 1   DC  B "C4'" 1 
ATOM   436 O  "O4'" . DC  B 2 1  ? 4.620   -2.664  -5.567  1.00 94.52  ? 1   DC  B "O4'" 1 
ATOM   437 C  "C3'" . DC  B 2 1  ? 3.883   -4.497  -4.267  1.00 98.35  ? 1   DC  B "C3'" 1 
ATOM   438 O  "O3'" . DC  B 2 1  ? 4.965   -5.401  -4.172  1.00 98.15  ? 1   DC  B "O3'" 1 
ATOM   439 C  "C2'" . DC  B 2 1  ? 4.064   -3.297  -3.339  1.00 95.92  ? 1   DC  B "C2'" 1 
ATOM   440 C  "C1'" . DC  B 2 1  ? 4.705   -2.227  -4.228  1.00 91.40  ? 1   DC  B "C1'" 1 
ATOM   441 N  N1    . DC  B 2 1  ? 4.028   -0.892  -4.123  1.00 93.21  ? 1   DC  B N1    1 
ATOM   442 C  C2    . DC  B 2 1  ? 4.162   -0.130  -2.951  1.00 99.57  ? 1   DC  B C2    1 
ATOM   443 O  O2    . DC  B 2 1  ? 4.847   -0.563  -2.019  1.00 100.69 ? 1   DC  B O2    1 
ATOM   444 N  N3    . DC  B 2 1  ? 3.536   1.072   -2.874  1.00 100.25 ? 1   DC  B N3    1 
ATOM   445 C  C4    . DC  B 2 1  ? 2.804   1.510   -3.898  1.00 99.45  ? 1   DC  B C4    1 
ATOM   446 N  N4    . DC  B 2 1  ? 2.205   2.701   -3.778  1.00 105.63 ? 1   DC  B N4    1 
ATOM   447 C  C5    . DC  B 2 1  ? 2.655   0.748   -5.095  1.00 95.03  ? 1   DC  B C5    1 
ATOM   448 C  C6    . DC  B 2 1  ? 3.275   -0.435  -5.163  1.00 92.51  ? 1   DC  B C6    1 
ATOM   449 P  P     . DG  B 2 2  ? 4.928   -6.576  -3.080  1.00 111.98 ? 2   DG  B P     1 
ATOM   450 O  OP1   . DG  B 2 2  ? 6.018   -7.530  -3.392  1.00 110.61 ? 2   DG  B OP1   1 
ATOM   451 O  OP2   . DG  B 2 2  ? 3.529   -7.058  -3.012  1.00 107.88 ? 2   DG  B OP2   1 
ATOM   452 O  "O5'" . DG  B 2 2  ? 5.254   -5.823  -1.706  1.00 109.41 ? 2   DG  B "O5'" 1 
ATOM   453 C  "C5'" . DG  B 2 2  ? 4.677   -6.285  -0.496  1.00 111.61 ? 2   DG  B "C5'" 1 
ATOM   454 C  "C4'" . DG  B 2 2  ? 5.119   -5.436  0.680   1.00 116.32 ? 2   DG  B "C4'" 1 
ATOM   455 O  "O4'" . DG  B 2 2  ? 4.983   -4.035  0.341   1.00 109.87 ? 2   DG  B "O4'" 1 
ATOM   456 C  "C3'" . DG  B 2 2  ? 4.318   -5.663  1.957   1.00 123.57 ? 2   DG  B "C3'" 1 
ATOM   457 O  "O3'" . DG  B 2 2  ? 5.173   -5.754  3.085   1.00 135.30 ? 2   DG  B "O3'" 1 
ATOM   458 C  "C2'" . DG  B 2 2  ? 3.400   -4.453  2.048   1.00 116.10 ? 2   DG  B "C2'" 1 
ATOM   459 C  "C1'" . DG  B 2 2  ? 4.122   -3.381  1.246   1.00 109.82 ? 2   DG  B "C1'" 1 
ATOM   460 N  N9    . DG  B 2 2  ? 3.201   -2.558  0.477   1.00 103.51 ? 2   DG  B N9    1 
ATOM   461 C  C8    . DG  B 2 2  ? 2.398   -2.969  -0.559  1.00 106.11 ? 2   DG  B C8    1 
ATOM   462 N  N7    . DG  B 2 2  ? 1.660   -2.015  -1.054  1.00 105.94 ? 2   DG  B N7    1 
ATOM   463 C  C5    . DG  B 2 2  ? 1.986   -0.905  -0.292  1.00 103.56 ? 2   DG  B C5    1 
ATOM   464 C  C6    . DG  B 2 2  ? 1.504   0.422   -0.366  1.00 103.75 ? 2   DG  B C6    1 
ATOM   465 O  O6    . DG  B 2 2  ? 0.666   0.892   -1.145  1.00 104.95 ? 2   DG  B O6    1 
ATOM   466 N  N1    . DG  B 2 2  ? 2.098   1.239   0.591   1.00 103.38 ? 2   DG  B N1    1 
ATOM   467 C  C2    . DG  B 2 2  ? 3.037   0.824   1.505   1.00 106.49 ? 2   DG  B C2    1 
ATOM   468 N  N2    . DG  B 2 2  ? 3.491   1.761   2.352   1.00 110.67 ? 2   DG  B N2    1 
ATOM   469 N  N3    . DG  B 2 2  ? 3.498   -0.418  1.586   1.00 101.35 ? 2   DG  B N3    1 
ATOM   470 C  C4    . DG  B 2 2  ? 2.931   -1.224  0.660   1.00 101.16 ? 2   DG  B C4    1 
ATOM   471 P  P     . DT  B 2 3  ? 4.574   -6.294  4.476   1.00 153.05 ? 3   DT  B P     1 
ATOM   472 O  OP1   . DT  B 2 3  ? 5.667   -6.910  5.263   1.00 162.67 ? 3   DT  B OP1   1 
ATOM   473 O  OP2   . DT  B 2 3  ? 3.368   -7.075  4.121   1.00 134.64 ? 3   DT  B OP2   1 
ATOM   474 O  "O5'" . DT  B 2 3  ? 4.054   -4.975  5.216   1.00 134.80 ? 3   DT  B "O5'" 1 
ATOM   475 C  "C5'" . DT  B 2 3  ? 4.977   -4.059  5.777   1.00 125.99 ? 3   DT  B "C5'" 1 
ATOM   476 C  "C4'" . DT  B 2 3  ? 4.257   -2.822  6.276   1.00 109.44 ? 3   DT  B "C4'" 1 
ATOM   477 O  "O4'" . DT  B 2 3  ? 3.787   -2.057  5.151   1.00 107.81 ? 3   DT  B "O4'" 1 
ATOM   478 C  "C3'" . DT  B 2 3  ? 3.000   -3.095  7.081   1.00 105.21 ? 3   DT  B "C3'" 1 
ATOM   479 O  "O3'" . DT  B 2 3  ? 3.315   -3.376  8.479   1.00 103.04 ? 3   DT  B "O3'" 1 
ATOM   480 C  "C2'" . DT  B 2 3  ? 2.183   -1.814  6.889   1.00 101.55 ? 3   DT  B "C2'" 1 
ATOM   481 C  "C1'" . DT  B 2 3  ? 2.715   -1.238  5.571   1.00 106.26 ? 3   DT  B "C1'" 1 
ATOM   482 N  N1    . DT  B 2 3  ? 1.689   -1.152  4.465   1.00 107.62 ? 3   DT  B N1    1 
ATOM   483 C  C2    . DT  B 2 3  ? 1.133   0.072   4.168   1.00 111.70 ? 3   DT  B C2    1 
ATOM   484 O  O2    . DT  B 2 3  ? 1.421   1.093   4.763   1.00 117.48 ? 3   DT  B O2    1 
ATOM   485 N  N3    . DT  B 2 3  ? 0.221   0.058   3.142   1.00 112.37 ? 3   DT  B N3    1 
ATOM   486 C  C4    . DT  B 2 3  ? -0.182  -1.034  2.397   1.00 108.57 ? 3   DT  B C4    1 
ATOM   487 O  O4    . DT  B 2 3  ? -1.010  -0.945  1.494   1.00 106.78 ? 3   DT  B O4    1 
ATOM   488 C  C5    . DT  B 2 3  ? 0.438   -2.287  2.754   1.00 105.35 ? 3   DT  B C5    1 
ATOM   489 C  C7    . DT  B 2 3  ? 0.070   -3.539  2.015   1.00 112.42 ? 3   DT  B C7    1 
ATOM   490 C  C6    . DT  B 2 3  ? 1.335   -2.289  3.760   1.00 104.92 ? 3   DT  B C6    1 
ATOM   491 P  P     . DC  B 2 4  ? 3.668   -2.216  9.546   1.00 104.35 ? 4   DC  B P     1 
ATOM   492 O  OP1   . DC  B 2 4  ? 4.610   -1.253  8.938   1.00 103.26 ? 4   DC  B OP1   1 
ATOM   493 O  OP2   . DC  B 2 4  ? 4.043   -2.901  10.806  1.00 92.09  ? 4   DC  B OP2   1 
ATOM   494 O  "O5'" . DC  B 2 4  ? 2.279   -1.470  9.822   1.00 97.67  ? 4   DC  B "O5'" 1 
ATOM   495 C  "C5'" . DC  B 2 4  ? 2.250   -0.315  10.651  1.00 91.50  ? 4   DC  B "C5'" 1 
ATOM   496 C  "C4'" . DC  B 2 4  ? 1.327   0.757   10.085  1.00 92.44  ? 4   DC  B "C4'" 1 
ATOM   497 O  "O4'" . DC  B 2 4  ? 0.832   0.377   8.783   1.00 100.34 ? 4   DC  B "O4'" 1 
ATOM   498 C  "C3'" . DC  B 2 4  ? 0.088   1.053   10.931  1.00 89.40  ? 4   DC  B "C3'" 1 
ATOM   499 O  "O3'" . DC  B 2 4  ? 0.159   2.373   11.419  1.00 83.99  ? 4   DC  B "O3'" 1 
ATOM   500 C  "C2'" . DC  B 2 4  ? -1.098  0.865   9.967   1.00 93.89  ? 4   DC  B "C2'" 1 
ATOM   501 C  "C1'" . DC  B 2 4  ? -0.438  0.958   8.611   1.00 97.12  ? 4   DC  B "C1'" 1 
ATOM   502 N  N1    . DC  B 2 4  ? -1.155  0.231   7.510   1.00 101.53 ? 4   DC  B N1    1 
ATOM   503 C  C2    . DC  B 2 4  ? -1.980  0.938   6.621   1.00 107.22 ? 4   DC  B C2    1 
ATOM   504 O  O2    . DC  B 2 4  ? -2.138  2.154   6.776   1.00 110.59 ? 4   DC  B O2    1 
ATOM   505 N  N3    . DC  B 2 4  ? -2.593  0.261   5.616   1.00 109.02 ? 4   DC  B N3    1 
ATOM   506 C  C4    . DC  B 2 4  ? -2.400  -1.052  5.480   1.00 110.79 ? 4   DC  B C4    1 
ATOM   507 N  N4    . DC  B 2 4  ? -3.023  -1.678  4.475   1.00 116.36 ? 4   DC  B N4    1 
ATOM   508 C  C5    . DC  B 2 4  ? -1.562  -1.783  6.368   1.00 107.95 ? 4   DC  B C5    1 
ATOM   509 C  C6    . DC  B 2 4  ? -0.970  -1.110  7.358   1.00 103.20 ? 4   DC  B C6    1 
ATOM   510 P  P     . DA  B 2 5  ? -0.045  2.646   12.984  1.00 94.52  ? 5   DA  B P     1 
ATOM   511 O  OP1   . DA  B 2 5  ? 1.227   3.188   13.513  1.00 91.94  ? 5   DA  B OP1   1 
ATOM   512 O  OP2   . DA  B 2 5  ? -0.604  1.396   13.550  1.00 89.81  ? 5   DA  B OP2   1 
ATOM   513 O  "O5'" . DA  B 2 5  ? -1.174  3.783   13.034  1.00 88.31  ? 5   DA  B "O5'" 1 
ATOM   514 C  "C5'" . DA  B 2 5  ? -2.465  3.475   13.549  1.00 84.56  ? 5   DA  B "C5'" 1 
ATOM   515 C  "C4'" . DA  B 2 5  ? -3.528  3.586   12.472  1.00 84.82  ? 5   DA  B "C4'" 1 
ATOM   516 O  "O4'" . DA  B 2 5  ? -3.314  2.562   11.457  1.00 85.91  ? 5   DA  B "O4'" 1 
ATOM   517 C  "C3'" . DA  B 2 5  ? -4.968  3.395   12.973  1.00 83.58  ? 5   DA  B "C3'" 1 
ATOM   518 O  "O3'" . DA  B 2 5  ? -5.816  4.412   12.455  1.00 80.71  ? 5   DA  B "O3'" 1 
ATOM   519 C  "C2'" . DA  B 2 5  ? -5.350  2.026   12.428  1.00 92.78  ? 5   DA  B "C2'" 1 
ATOM   520 C  "C1'" . DA  B 2 5  ? -4.560  1.997   11.131  1.00 90.11  ? 5   DA  B "C1'" 1 
ATOM   521 N  N9    . DA  B 2 5  ? -4.371  0.650   10.589  1.00 96.91  ? 5   DA  B N9    1 
ATOM   522 C  C8    . DA  B 2 5  ? -3.750  -0.410  11.192  1.00 101.98 ? 5   DA  B C8    1 
ATOM   523 N  N7    . DA  B 2 5  ? -3.744  -1.504  10.464  1.00 102.48 ? 5   DA  B N7    1 
ATOM   524 C  C5    . DA  B 2 5  ? -4.429  -1.144  9.317   1.00 99.79  ? 5   DA  B C5    1 
ATOM   525 C  C6    . DA  B 2 5  ? -4.774  -1.856  8.152   1.00 99.78  ? 5   DA  B C6    1 
ATOM   526 N  N6    . DA  B 2 5  ? -4.455  -3.139  7.951   1.00 101.36 ? 5   DA  B N6    1 
ATOM   527 N  N1    . DA  B 2 5  ? -5.462  -1.199  7.198   1.00 104.37 ? 5   DA  B N1    1 
ATOM   528 C  C2    . DA  B 2 5  ? -5.781  0.085   7.400   1.00 107.58 ? 5   DA  B C2    1 
ATOM   529 N  N3    . DA  B 2 5  ? -5.513  0.857   8.450   1.00 103.59 ? 5   DA  B N3    1 
ATOM   530 C  C4    . DA  B 2 5  ? -4.830  0.176   9.381   1.00 99.52  ? 5   DA  B C4    1 
ATOM   531 O  "O5'" . DT  C 3 1  ? 32.365  4.499   -12.950 1.00 134.16 ? 1   DT  C "O5'" 1 
ATOM   532 C  "C5'" . DT  C 3 1  ? 31.540  5.046   -11.935 1.00 132.28 ? 1   DT  C "C5'" 1 
ATOM   533 C  "C4'" . DT  C 3 1  ? 32.233  6.202   -11.239 1.00 132.08 ? 1   DT  C "C4'" 1 
ATOM   534 O  "O4'" . DT  C 3 1  ? 32.517  7.228   -12.210 1.00 130.37 ? 1   DT  C "O4'" 1 
ATOM   535 C  "C3'" . DT  C 3 1  ? 31.419  6.861   -10.134 1.00 131.60 ? 1   DT  C "C3'" 1 
ATOM   536 O  "O3'" . DT  C 3 1  ? 31.818  6.334   -8.873  1.00 135.65 ? 1   DT  C "O3'" 1 
ATOM   537 C  "C2'" . DT  C 3 1  ? 31.783  8.342   -10.239 1.00 129.53 ? 1   DT  C "C2'" 1 
ATOM   538 C  "C1'" . DT  C 3 1  ? 32.270  8.509   -11.679 1.00 133.83 ? 1   DT  C "C1'" 1 
ATOM   539 N  N1    . DT  C 3 1  ? 31.312  9.222   -12.596 1.00 142.41 ? 1   DT  C N1    1 
ATOM   540 C  C2    . DT  C 3 1  ? 30.931  10.520  -12.321 1.00 145.28 ? 1   DT  C C2    1 
ATOM   541 O  O2    . DT  C 3 1  ? 31.312  11.143  -11.344 1.00 143.50 ? 1   DT  C O2    1 
ATOM   542 N  N3    . DT  C 3 1  ? 30.071  11.069  -13.238 1.00 147.51 ? 1   DT  C N3    1 
ATOM   543 C  C4    . DT  C 3 1  ? 29.571  10.471  -14.382 1.00 148.10 ? 1   DT  C C4    1 
ATOM   544 O  O4    . DT  C 3 1  ? 28.800  11.050  -15.145 1.00 144.89 ? 1   DT  C O4    1 
ATOM   545 C  C5    . DT  C 3 1  ? 30.017  9.117   -14.614 1.00 147.57 ? 1   DT  C C5    1 
ATOM   546 C  C7    . DT  C 3 1  ? 29.541  8.361   -15.819 1.00 146.43 ? 1   DT  C C7    1 
ATOM   547 C  C6    . DT  C 3 1  ? 30.858  8.567   -13.724 1.00 143.16 ? 1   DT  C C6    1 
ATOM   548 P  P     . DC  C 3 2  ? 30.922  5.234   -8.118  1.00 142.33 ? 2   DC  C P     1 
ATOM   549 O  OP1   . DC  C 3 2  ? 31.745  4.691   -7.014  1.00 134.68 ? 2   DC  C OP1   1 
ATOM   550 O  OP2   . DC  C 3 2  ? 30.353  4.317   -9.129  1.00 147.22 ? 2   DC  C OP2   1 
ATOM   551 O  "O5'" . DC  C 3 2  ? 29.724  6.080   -7.484  1.00 135.26 ? 2   DC  C "O5'" 1 
ATOM   552 C  "C5'" . DC  C 3 2  ? 29.938  6.819   -6.296  1.00 129.37 ? 2   DC  C "C5'" 1 
ATOM   553 C  "C4'" . DC  C 3 2  ? 29.764  8.304   -6.546  1.00 129.79 ? 2   DC  C "C4'" 1 
ATOM   554 O  "O4'" . DC  C 3 2  ? 29.664  8.551   -7.956  1.00 129.75 ? 2   DC  C "O4'" 1 
ATOM   555 C  "C3'" . DC  C 3 2  ? 28.493  8.896   -5.973  1.00 132.00 ? 2   DC  C "C3'" 1 
ATOM   556 O  "O3'" . DC  C 3 2  ? 28.725  9.329   -4.639  1.00 133.20 ? 2   DC  C "O3'" 1 
ATOM   557 C  "C2'" . DC  C 3 2  ? 28.198  10.081  -6.909  1.00 132.23 ? 2   DC  C "C2'" 1 
ATOM   558 C  "C1'" . DC  C 3 2  ? 29.089  9.823   -8.135  1.00 133.31 ? 2   DC  C "C1'" 1 
ATOM   559 N  N1    . DC  C 3 2  ? 28.365  9.855   -9.469  1.00 133.97 ? 2   DC  C N1    1 
ATOM   560 C  C2    . DC  C 3 2  ? 27.714  11.029  -9.897  1.00 135.48 ? 2   DC  C C2    1 
ATOM   561 O  O2    . DC  C 3 2  ? 27.721  12.028  -9.169  1.00 136.26 ? 2   DC  C O2    1 
ATOM   562 N  N3    . DC  C 3 2  ? 27.086  11.032  -11.102 1.00 134.54 ? 2   DC  C N3    1 
ATOM   563 C  C4    . DC  C 3 2  ? 27.097  9.938   -11.864 1.00 134.83 ? 2   DC  C C4    1 
ATOM   564 N  N4    . DC  C 3 2  ? 26.465  9.991   -13.043 1.00 134.01 ? 2   DC  C N4    1 
ATOM   565 C  C5    . DC  C 3 2  ? 27.758  8.741   -11.454 1.00 134.31 ? 2   DC  C C5    1 
ATOM   566 C  C6    . DC  C 3 2  ? 28.372  8.745   -10.264 1.00 132.45 ? 2   DC  C C6    1 
ATOM   567 P  P     . DG  C 3 3  ? 27.704  8.922   -3.466  1.00 145.32 ? 3   DG  C P     1 
ATOM   568 O  OP1   . DG  C 3 3  ? 28.152  9.597   -2.226  1.00 147.05 ? 3   DG  C OP1   1 
ATOM   569 O  OP2   . DG  C 3 3  ? 27.551  7.449   -3.484  1.00 140.90 ? 3   DG  C OP2   1 
ATOM   570 O  "O5'" . DG  C 3 3  ? 26.318  9.573   -3.928  1.00 137.83 ? 3   DG  C "O5'" 1 
ATOM   571 C  "C5'" . DG  C 3 3  ? 25.870  10.783  -3.326  1.00 135.75 ? 3   DG  C "C5'" 1 
ATOM   572 C  "C4'" . DG  C 3 3  ? 25.394  11.772  -4.377  1.00 131.95 ? 3   DG  C "C4'" 1 
ATOM   573 O  "O4'" . DG  C 3 3  ? 25.656  11.251  -5.685  1.00 130.77 ? 3   DG  C "O4'" 1 
ATOM   574 C  "C3'" . DG  C 3 3  ? 23.900  12.044  -4.370  1.00 133.26 ? 3   DG  C "C3'" 1 
ATOM   575 O  "O3'" . DG  C 3 3  ? 23.619  13.168  -3.542  1.00 137.01 ? 3   DG  C "O3'" 1 
ATOM   576 C  "C2'" . DG  C 3 3  ? 23.566  12.327  -5.850  1.00 130.23 ? 3   DG  C "C2'" 1 
ATOM   577 C  "C1'" . DG  C 3 3  ? 24.849  11.945  -6.600  1.00 131.81 ? 3   DG  C "C1'" 1 
ATOM   578 N  N9    . DG  C 3 3  ? 24.633  11.094  -7.778  1.00 132.14 ? 3   DG  C N9    1 
ATOM   579 C  C8    . DG  C 3 3  ? 25.079  9.805   -7.965  1.00 130.10 ? 3   DG  C C8    1 
ATOM   580 N  N7    . DG  C 3 3  ? 24.744  9.298   -9.122  1.00 128.07 ? 3   DG  C N7    1 
ATOM   581 C  C5    . DG  C 3 3  ? 24.032  10.313  -9.747  1.00 130.45 ? 3   DG  C C5    1 
ATOM   582 C  C6    . DG  C 3 3  ? 23.412  10.345  -11.026 1.00 131.73 ? 3   DG  C C6    1 
ATOM   583 O  O6    . DG  C 3 3  ? 23.379  9.456   -11.891 1.00 133.79 ? 3   DG  C O6    1 
ATOM   584 N  N1    . DG  C 3 3  ? 22.797  11.570  -11.272 1.00 131.15 ? 3   DG  C N1    1 
ATOM   585 C  C2    . DG  C 3 3  ? 22.773  12.629  -10.394 1.00 131.36 ? 3   DG  C C2    1 
ATOM   586 N  N2    . DG  C 3 3  ? 22.124  13.728  -10.806 1.00 130.95 ? 3   DG  C N2    1 
ATOM   587 N  N3    . DG  C 3 3  ? 23.346  12.613  -9.191  1.00 131.00 ? 3   DG  C N3    1 
ATOM   588 C  C4    . DG  C 3 3  ? 23.955  11.429  -8.934  1.00 131.45 ? 3   DG  C C4    1 
ATOM   589 P  P     . DT  C 3 4  ? 22.297  13.190  -2.625  1.00 148.20 ? 4   DT  C P     1 
ATOM   590 O  OP1   . DT  C 3 4  ? 22.397  14.343  -1.699  1.00 144.13 ? 4   DT  C OP1   1 
ATOM   591 O  OP2   . DT  C 3 4  ? 22.115  11.829  -2.073  1.00 146.74 ? 4   DT  C OP2   1 
ATOM   592 O  "O5'" . DT  C 3 4  ? 21.118  13.470  -3.672  1.00 138.80 ? 4   DT  C "O5'" 1 
ATOM   593 C  "C5'" . DT  C 3 4  ? 21.103  14.692  -4.403  1.00 134.87 ? 4   DT  C "C5'" 1 
ATOM   594 C  "C4'" . DT  C 3 4  ? 20.174  14.611  -5.601  1.00 132.28 ? 4   DT  C "C4'" 1 
ATOM   595 O  "O4'" . DT  C 3 4  ? 20.605  13.560  -6.491  1.00 130.16 ? 4   DT  C "O4'" 1 
ATOM   596 C  "C3'" . DT  C 3 4  ? 18.705  14.316  -5.277  1.00 127.66 ? 4   DT  C "C3'" 1 
ATOM   597 O  "O3'" . DT  C 3 4  ? 17.908  15.448  -5.612  1.00 130.21 ? 4   DT  C "O3'" 1 
ATOM   598 C  "C2'" . DT  C 3 4  ? 18.358  13.101  -6.156  1.00 126.89 ? 4   DT  C "C2'" 1 
ATOM   599 C  "C1'" . DT  C 3 4  ? 19.480  13.104  -7.185  1.00 126.75 ? 4   DT  C "C1'" 1 
ATOM   600 N  N1    . DT  C 3 4  ? 19.776  11.757  -7.764  1.00 124.15 ? 4   DT  C N1    1 
ATOM   601 C  C2    . DT  C 3 4  ? 19.286  11.436  -9.010  1.00 123.90 ? 4   DT  C C2    1 
ATOM   602 O  O2    . DT  C 3 4  ? 18.611  12.199  -9.677  1.00 125.03 ? 4   DT  C O2    1 
ATOM   603 N  N3    . DT  C 3 4  ? 19.613  10.182  -9.452  1.00 123.04 ? 4   DT  C N3    1 
ATOM   604 C  C4    . DT  C 3 4  ? 20.368  9.235   -8.785  1.00 124.78 ? 4   DT  C C4    1 
ATOM   605 O  O4    . DT  C 3 4  ? 20.610  8.132   -9.264  1.00 124.70 ? 4   DT  C O4    1 
ATOM   606 C  C5    . DT  C 3 4  ? 20.853  9.634   -7.483  1.00 128.00 ? 4   DT  C C5    1 
ATOM   607 C  C7    . DT  C 3 4  ? 21.684  8.690   -6.664  1.00 130.02 ? 4   DT  C C7    1 
ATOM   608 C  C6    . DT  C 3 4  ? 20.537  10.862  -7.041  1.00 127.08 ? 4   DT  C C6    1 
ATOM   609 P  P     . DG  C 3 5  ? 16.624  15.841  -4.729  1.00 130.67 ? 5   DG  C P     1 
ATOM   610 O  OP1   . DG  C 3 5  ? 16.720  17.287  -4.425  1.00 124.61 ? 5   DG  C OP1   1 
ATOM   611 O  OP2   . DG  C 3 5  ? 16.504  14.858  -3.629  1.00 129.69 ? 5   DG  C OP2   1 
ATOM   612 O  "O5'" . DG  C 3 5  ? 15.395  15.624  -5.730  1.00 128.29 ? 5   DG  C "O5'" 1 
ATOM   613 C  "C5'" . DG  C 3 5  ? 15.311  16.401  -6.914  1.00 130.11 ? 5   DG  C "C5'" 1 
ATOM   614 C  "C4'" . DG  C 3 5  ? 14.513  15.681  -7.987  1.00 131.62 ? 5   DG  C "C4'" 1 
ATOM   615 O  "O4'" . DG  C 3 5  ? 15.204  14.469  -8.394  1.00 133.52 ? 5   DG  C "O4'" 1 
ATOM   616 C  "C3'" . DG  C 3 5  ? 13.103  15.249  -7.575  1.00 128.00 ? 5   DG  C "C3'" 1 
ATOM   617 O  "O3'" . DG  C 3 5  ? 12.173  15.644  -8.576  1.00 130.63 ? 5   DG  C "O3'" 1 
ATOM   618 C  "C2'" . DG  C 3 5  ? 13.214  13.724  -7.483  1.00 125.04 ? 5   DG  C "C2'" 1 
ATOM   619 C  "C1'" . DG  C 3 5  ? 14.254  13.444  -8.553  1.00 127.28 ? 5   DG  C "C1'" 1 
ATOM   620 N  N9    . DG  C 3 5  ? 14.929  12.144  -8.429  1.00 124.42 ? 5   DG  C N9    1 
ATOM   621 C  C8    . DG  C 3 5  ? 15.528  11.624  -7.305  1.00 123.86 ? 5   DG  C C8    1 
ATOM   622 N  N7    . DG  C 3 5  ? 16.058  10.444  -7.496  1.00 120.22 ? 5   DG  C N7    1 
ATOM   623 C  C5    . DG  C 3 5  ? 15.799  10.162  -8.833  1.00 120.03 ? 5   DG  C C5    1 
ATOM   624 C  C6    . DG  C 3 5  ? 16.133  9.020   -9.610  1.00 120.99 ? 5   DG  C C6    1 
ATOM   625 O  O6    . DG  C 3 5  ? 16.750  8.006   -9.262  1.00 122.94 ? 5   DG  C O6    1 
ATOM   626 N  N1    . DG  C 3 5  ? 15.685  9.137   -10.925 1.00 121.54 ? 5   DG  C N1    1 
ATOM   627 C  C2    . DG  C 3 5  ? 14.998  10.216  -11.425 1.00 123.60 ? 5   DG  C C2    1 
ATOM   628 N  N2    . DG  C 3 5  ? 14.641  10.146  -12.718 1.00 126.09 ? 5   DG  C N2    1 
ATOM   629 N  N3    . DG  C 3 5  ? 14.675  11.292  -10.708 1.00 123.53 ? 5   DG  C N3    1 
ATOM   630 C  C4    . DG  C 3 5  ? 15.107  11.196  -9.424  1.00 121.82 ? 5   DG  C C4    1 
ATOM   631 P  P     . DA  C 3 6  ? 10.724  16.197  -8.163  1.00 135.94 ? 6   DA  C P     1 
ATOM   632 O  OP1   . DA  C 3 6  ? 10.233  17.073  -9.253  1.00 127.34 ? 6   DA  C OP1   1 
ATOM   633 O  OP2   . DA  C 3 6  ? 10.834  16.717  -6.782  1.00 130.37 ? 6   DA  C OP2   1 
ATOM   634 O  "O5'" . DA  C 3 6  ? 9.816   14.882  -8.113  1.00 128.68 ? 6   DA  C "O5'" 1 
ATOM   635 C  "C5'" . DA  C 3 6  ? 8.820   14.667  -9.106  1.00 125.12 ? 6   DA  C "C5'" 1 
ATOM   636 C  "C4'" . DA  C 3 6  ? 9.361   13.828  -10.249 1.00 120.47 ? 6   DA  C "C4'" 1 
ATOM   637 O  "O4'" . DA  C 3 6  ? 10.508  13.092  -9.805  1.00 119.64 ? 6   DA  C "O4'" 1 
ATOM   638 C  "C3'" . DA  C 3 6  ? 8.394   12.777  -10.775 1.00 118.00 ? 6   DA  C "C3'" 1 
ATOM   639 O  "O3'" . DA  C 3 6  ? 7.705   13.288  -11.908 1.00 117.47 ? 6   DA  C "O3'" 1 
ATOM   640 C  "C2'" . DA  C 3 6  ? 9.292   11.580  -11.148 1.00 117.56 ? 6   DA  C "C2'" 1 
ATOM   641 C  "C1'" . DA  C 3 6  ? 10.679  11.973  -10.639 1.00 119.85 ? 6   DA  C "C1'" 1 
ATOM   642 N  N9    . DA  C 3 6  ? 11.367  10.941  -9.864  1.00 119.75 ? 6   DA  C N9    1 
ATOM   643 C  C8    . DA  C 3 6  ? 11.688  11.015  -8.539  1.00 121.22 ? 6   DA  C C8    1 
ATOM   644 N  N7    . DA  C 3 6  ? 12.326  9.969   -8.086  1.00 122.38 ? 6   DA  C N7    1 
ATOM   645 C  C5    . DA  C 3 6  ? 12.442  9.143   -9.187  1.00 117.65 ? 6   DA  C C5    1 
ATOM   646 C  C6    . DA  C 3 6  ? 13.021  7.875   -9.347  1.00 114.15 ? 6   DA  C C6    1 
ATOM   647 N  N6    . DA  C 3 6  ? 13.603  7.222   -8.344  1.00 113.00 ? 6   DA  C N6    1 
ATOM   648 N  N1    . DA  C 3 6  ? 12.977  7.304   -10.571 1.00 114.72 ? 6   DA  C N1    1 
ATOM   649 C  C2    . DA  C 3 6  ? 12.385  7.981   -11.571 1.00 117.54 ? 6   DA  C C2    1 
ATOM   650 N  N3    . DA  C 3 6  ? 11.795  9.188   -11.537 1.00 117.60 ? 6   DA  C N3    1 
ATOM   651 C  C4    . DA  C 3 6  ? 11.861  9.721   -10.301 1.00 118.24 ? 6   DA  C C4    1 
ATOM   652 P  P     . DC  C 3 7  ? 6.194   12.837  -12.211 1.00 118.72 ? 7   DC  C P     1 
ATOM   653 O  OP1   . DC  C 3 7  ? 5.931   13.070  -13.649 1.00 114.06 ? 7   DC  C OP1   1 
ATOM   654 O  OP2   . DC  C 3 7  ? 5.323   13.465  -11.192 1.00 121.43 ? 7   DC  C OP2   1 
ATOM   655 O  "O5'" . DC  C 3 7  ? 6.212   11.261  -11.944 1.00 115.08 ? 7   DC  C "O5'" 1 
ATOM   656 C  "C5'" . DC  C 3 7  ? 5.670   10.369  -12.904 1.00 114.87 ? 7   DC  C "C5'" 1 
ATOM   657 C  "C4'" . DC  C 3 7  ? 6.579   9.169   -13.093 1.00 111.87 ? 7   DC  C "C4'" 1 
ATOM   658 O  "O4'" . DC  C 3 7  ? 7.622   9.193   -12.108 1.00 111.42 ? 7   DC  C "O4'" 1 
ATOM   659 C  "C3'" . DC  C 3 7  ? 5.912   7.825   -12.886 1.00 107.73 ? 7   DC  C "C3'" 1 
ATOM   660 O  "O3'" . DC  C 3 7  ? 5.361   7.364   -14.114 1.00 106.90 ? 7   DC  C "O3'" 1 
ATOM   661 C  "C2'" . DC  C 3 7  ? 7.064   6.924   -12.409 1.00 106.67 ? 7   DC  C "C2'" 1 
ATOM   662 C  "C1'" . DC  C 3 7  ? 8.174   7.902   -12.031 1.00 110.23 ? 7   DC  C "C1'" 1 
ATOM   663 N  N1    . DC  C 3 7  ? 8.775   7.702   -10.659 1.00 110.92 ? 7   DC  C N1    1 
ATOM   664 C  C2    . DC  C 3 7  ? 9.554   6.560   -10.378 1.00 110.59 ? 7   DC  C C2    1 
ATOM   665 O  O2    . DC  C 3 7  ? 9.718   5.699   -11.253 1.00 113.31 ? 7   DC  C O2    1 
ATOM   666 N  N3    . DC  C 3 7  ? 10.105  6.427   -9.140  1.00 108.13 ? 7   DC  C N3    1 
ATOM   667 C  C4    . DC  C 3 7  ? 9.910   7.373   -8.219  1.00 109.30 ? 7   DC  C C4    1 
ATOM   668 N  N4    . DC  C 3 7  ? 10.468  7.202   -7.013  1.00 106.62 ? 7   DC  C N4    1 
ATOM   669 C  C5    . DC  C 3 7  ? 9.136   8.540   -8.491  1.00 112.29 ? 7   DC  C C5    1 
ATOM   670 C  C6    . DC  C 3 7  ? 8.597   8.661   -9.707  1.00 111.22 ? 7   DC  C C6    1 
ATOM   671 P  P     . DA  C 3 8  ? 3.840   6.845   -14.171 1.00 108.10 ? 8   DA  C P     1 
ATOM   672 O  OP1   . DA  C 3 8  ? 3.423   6.805   -15.591 1.00 94.10  ? 8   DA  C OP1   1 
ATOM   673 O  OP2   . DA  C 3 8  ? 3.061   7.652   -13.207 1.00 105.83 ? 8   DA  C OP2   1 
ATOM   674 O  "O5'" . DA  C 3 8  ? 3.925   5.346   -13.615 1.00 102.86 ? 8   DA  C "O5'" 1 
ATOM   675 C  "C5'" . DA  C 3 8  ? 4.565   4.339   -14.392 1.00 102.77 ? 8   DA  C "C5'" 1 
ATOM   676 C  "C4'" . DA  C 3 8  ? 5.413   3.431   -13.521 1.00 100.83 ? 8   DA  C "C4'" 1 
ATOM   677 O  "O4'" . DA  C 3 8  ? 6.031   4.201   -12.474 1.00 101.85 ? 8   DA  C "O4'" 1 
ATOM   678 C  "C3'" . DA  C 3 8  ? 4.657   2.297   -12.821 1.00 94.95  ? 8   DA  C "C3'" 1 
ATOM   679 O  "O3'" . DA  C 3 8  ? 5.144   1.055   -13.290 1.00 89.98  ? 8   DA  C "O3'" 1 
ATOM   680 C  "C2'" . DA  C 3 8  ? 4.964   2.497   -11.326 1.00 99.24  ? 8   DA  C "C2'" 1 
ATOM   681 C  "C1'" . DA  C 3 8  ? 6.208   3.373   -11.363 1.00 104.24 ? 8   DA  C "C1'" 1 
ATOM   682 N  N9    . DA  C 3 8  ? 6.399   4.213   -10.171 1.00 102.65 ? 8   DA  C N9    1 
ATOM   683 C  C8    . DA  C 3 8  ? 5.810   5.418   -9.905  1.00 102.41 ? 8   DA  C C8    1 
ATOM   684 N  N7    . DA  C 3 8  ? 6.184   5.952   -8.764  1.00 101.70 ? 8   DA  C N7    1 
ATOM   685 C  C5    . DA  C 3 8  ? 7.072   5.030   -8.238  1.00 98.78  ? 8   DA  C C5    1 
ATOM   686 C  C6    . DA  C 3 8  ? 7.818   5.004   -7.037  1.00 100.10 ? 8   DA  C C6    1 
ATOM   687 N  N6    . DA  C 3 8  ? 7.777   5.976   -6.120  1.00 101.71 ? 8   DA  C N6    1 
ATOM   688 N  N1    . DA  C 3 8  ? 8.612   3.934   -6.818  1.00 103.00 ? 8   DA  C N1    1 
ATOM   689 C  C2    . DA  C 3 8  ? 8.649   2.963   -7.738  1.00 105.76 ? 8   DA  C C2    1 
ATOM   690 N  N3    . DA  C 3 8  ? 7.996   2.878   -8.900  1.00 105.22 ? 8   DA  C N3    1 
ATOM   691 C  C4    . DA  C 3 8  ? 7.218   3.952   -9.092  1.00 101.21 ? 8   DA  C C4    1 
ATOM   692 P  P     . DT  C 3 9  ? 4.197   -0.239  -13.281 1.00 100.34 ? 9   DT  C P     1 
ATOM   693 O  OP1   . DT  C 3 9  ? 4.614   -1.125  -14.393 1.00 105.41 ? 9   DT  C OP1   1 
ATOM   694 O  OP2   . DT  C 3 9  ? 2.804   0.250   -13.203 1.00 104.27 ? 9   DT  C OP2   1 
ATOM   695 O  "O5'" . DT  C 3 9  ? 4.547   -0.946  -11.893 1.00 94.74  ? 9   DT  C "O5'" 1 
ATOM   696 C  "C5'" . DT  C 3 9  ? 5.858   -1.432  -11.664 1.00 93.85  ? 9   DT  C "C5'" 1 
ATOM   697 C  "C4'" . DT  C 3 9  ? 6.064   -1.750  -10.198 1.00 92.78  ? 9   DT  C "C4'" 1 
ATOM   698 O  "O4'" . DT  C 3 9  ? 6.220   -0.521  -9.439  1.00 97.85  ? 9   DT  C "O4'" 1 
ATOM   699 C  "C3'" . DT  C 3 9  ? 4.908   -2.508  -9.527  1.00 94.44  ? 9   DT  C "C3'" 1 
ATOM   700 O  "O3'" . DT  C 3 9  ? 5.412   -3.640  -8.839  1.00 88.15  ? 9   DT  C "O3'" 1 
ATOM   701 C  "C2'" . DT  C 3 9  ? 4.332   -1.478  -8.549  1.00 99.46  ? 9   DT  C "C2'" 1 
ATOM   702 C  "C1'" . DT  C 3 9  ? 5.593   -0.719  -8.203  1.00 96.99  ? 9   DT  C "C1'" 1 
ATOM   703 N  N1    . DT  C 3 9  ? 5.385   0.596   -7.508  1.00 98.39  ? 9   DT  C N1    1 
ATOM   704 C  C2    . DT  C 3 9  ? 6.062   0.825   -6.335  1.00 100.90 ? 9   DT  C C2    1 
ATOM   705 O  O2    . DT  C 3 9  ? 6.820   0.011   -5.839  1.00 103.76 ? 9   DT  C O2    1 
ATOM   706 N  N3    . DT  C 3 9  ? 5.823   2.040   -5.755  1.00 101.76 ? 9   DT  C N3    1 
ATOM   707 C  C4    . DT  C 3 9  ? 4.986   3.034   -6.225  1.00 101.39 ? 9   DT  C C4    1 
ATOM   708 O  O4    . DT  C 3 9  ? 4.834   4.098   -5.633  1.00 104.73 ? 9   DT  C O4    1 
ATOM   709 C  C5    . DT  C 3 9  ? 4.300   2.736   -7.462  1.00 100.16 ? 9   DT  C C5    1 
ATOM   710 C  C7    . DT  C 3 9  ? 3.366   3.743   -8.065  1.00 103.67 ? 9   DT  C C7    1 
ATOM   711 C  C6    . DT  C 3 9  ? 4.528   1.541   -8.039  1.00 100.03 ? 9   DT  C C6    1 
ATOM   712 P  P     . DG  D 4 1  ? -9.066  -0.902  14.578  1.00 102.12 ? 10  DG  D P     1 
ATOM   713 O  OP1   . DG  D 4 1  ? -9.838  -0.356  15.712  1.00 94.33  ? 10  DG  D OP1   1 
ATOM   714 O  OP2   . DG  D 4 1  ? -8.216  -2.100  14.782  1.00 85.95  ? 10  DG  D OP2   1 
ATOM   715 O  "O5'" . DG  D 4 1  ? -8.171  0.278   13.965  1.00 100.35 ? 10  DG  D "O5'" 1 
ATOM   716 C  "C5'" . DG  D 4 1  ? -8.664  1.618   13.940  1.00 100.11 ? 10  DG  D "C5'" 1 
ATOM   717 C  "C4'" . DG  D 4 1  ? -9.167  1.977   12.551  1.00 100.66 ? 10  DG  D "C4'" 1 
ATOM   718 O  "O4'" . DG  D 4 1  ? -8.245  1.460   11.570  1.00 101.70 ? 10  DG  D "O4'" 1 
ATOM   719 C  "C3'" . DG  D 4 1  ? -10.525 1.399   12.195  1.00 105.22 ? 10  DG  D "C3'" 1 
ATOM   720 O  "O3'" . DG  D 4 1  ? -11.529 2.358   12.487  1.00 109.92 ? 10  DG  D "O3'" 1 
ATOM   721 C  "C2'" . DG  D 4 1  ? -10.434 1.140   10.690  1.00 105.38 ? 10  DG  D "C2'" 1 
ATOM   722 C  "C1'" . DG  D 4 1  ? -8.937  0.982   10.437  1.00 101.06 ? 10  DG  D "C1'" 1 
ATOM   723 N  N9    . DG  D 4 1  ? -8.512  -0.392  10.176  1.00 98.83  ? 10  DG  D N9    1 
ATOM   724 C  C8    . DG  D 4 1  ? -7.812  -1.216  11.023  1.00 104.55 ? 10  DG  D C8    1 
ATOM   725 N  N7    . DG  D 4 1  ? -7.557  -2.390  10.513  1.00 106.76 ? 10  DG  D N7    1 
ATOM   726 C  C5    . DG  D 4 1  ? -8.117  -2.339  9.241   1.00 105.76 ? 10  DG  D C5    1 
ATOM   727 C  C6    . DG  D 4 1  ? -8.158  -3.321  8.215   1.00 111.18 ? 10  DG  D C6    1 
ATOM   728 O  O6    . DG  D 4 1  ? -7.690  -4.470  8.225   1.00 112.18 ? 10  DG  D O6    1 
ATOM   729 N  N1    . DG  D 4 1  ? -8.828  -2.858  7.080   1.00 116.46 ? 10  DG  D N1    1 
ATOM   730 C  C2    . DG  D 4 1  ? -9.386  -1.606  6.961   1.00 116.11 ? 10  DG  D C2    1 
ATOM   731 N  N2    . DG  D 4 1  ? -9.996  -1.327  5.798   1.00 122.40 ? 10  DG  D N2    1 
ATOM   732 N  N3    . DG  D 4 1  ? -9.353  -0.682  7.913   1.00 108.86 ? 10  DG  D N3    1 
ATOM   733 C  C4    . DG  D 4 1  ? -8.707  -1.115  9.020   1.00 103.36 ? 10  DG  D C4    1 
ATOM   734 P  P     . DG  D 4 2  ? -13.000 1.880   12.912  1.00 124.16 ? 11  DG  D P     1 
ATOM   735 O  OP1   . DG  D 4 2  ? -13.768 3.079   13.314  1.00 124.33 ? 11  DG  D OP1   1 
ATOM   736 O  OP2   . DG  D 4 2  ? -12.825 0.750   13.854  1.00 119.14 ? 11  DG  D OP2   1 
ATOM   737 O  "O5'" . DG  D 4 2  ? -13.627 1.297   11.561  1.00 116.16 ? 11  DG  D "O5'" 1 
ATOM   738 C  "C5'" . DG  D 4 2  ? -13.755 2.125   10.407  1.00 118.66 ? 11  DG  D "C5'" 1 
ATOM   739 C  "C4'" . DG  D 4 2  ? -14.072 1.280   9.186   1.00 122.88 ? 11  DG  D "C4'" 1 
ATOM   740 O  "O4'" . DG  D 4 2  ? -13.068 0.262   9.043   1.00 114.36 ? 11  DG  D "O4'" 1 
ATOM   741 C  "C3'" . DG  D 4 2  ? -15.409 0.555   9.254   1.00 129.99 ? 11  DG  D "C3'" 1 
ATOM   742 O  "O3'" . DG  D 4 2  ? -16.348 1.222   8.419   1.00 135.12 ? 11  DG  D "O3'" 1 
ATOM   743 C  "C2'" . DG  D 4 2  ? -15.119 -0.877  8.762   1.00 122.98 ? 11  DG  D "C2'" 1 
ATOM   744 C  "C1'" . DG  D 4 2  ? -13.623 -0.881  8.447   1.00 116.33 ? 11  DG  D "C1'" 1 
ATOM   745 N  N9    . DG  D 4 2  ? -12.901 -2.040  8.971   1.00 112.68 ? 11  DG  D N9    1 
ATOM   746 C  C8    . DG  D 4 2  ? -12.434 -2.207  10.253  1.00 114.40 ? 11  DG  D C8    1 
ATOM   747 N  N7    . DG  D 4 2  ? -11.802 -3.333  10.436  1.00 118.51 ? 11  DG  D N7    1 
ATOM   748 C  C5    . DG  D 4 2  ? -11.838 -3.952  9.194   1.00 117.58 ? 11  DG  D C5    1 
ATOM   749 C  C6    . DG  D 4 2  ? -11.310 -5.203  8.779   1.00 121.87 ? 11  DG  D C6    1 
ATOM   750 O  O6    . DG  D 4 2  ? -10.684 -6.043  9.450   1.00 123.91 ? 11  DG  D O6    1 
ATOM   751 N  N1    . DG  D 4 2  ? -11.570 -5.448  7.434   1.00 120.82 ? 11  DG  D N1    1 
ATOM   752 C  C2    . DG  D 4 2  ? -12.251 -4.594  6.595   1.00 121.03 ? 11  DG  D C2    1 
ATOM   753 N  N2    . DG  D 4 2  ? -12.407 -5.005  5.331   1.00 123.11 ? 11  DG  D N2    1 
ATOM   754 N  N3    . DG  D 4 2  ? -12.750 -3.421  6.969   1.00 117.04 ? 11  DG  D N3    1 
ATOM   755 C  C4    . DG  D 4 2  ? -12.507 -3.166  8.276   1.00 113.95 ? 11  DG  D C4    1 
ATOM   756 P  P     . DT  D 4 3  ? -17.909 0.857   8.493   1.00 148.48 ? 12  DT  D P     1 
ATOM   757 O  OP1   . DT  D 4 3  ? -18.677 2.117   8.373   1.00 151.97 ? 12  DT  D OP1   1 
ATOM   758 O  OP2   . DT  D 4 3  ? -18.105 -0.026  9.667   1.00 138.01 ? 12  DT  D OP2   1 
ATOM   759 O  "O5'" . DT  D 4 3  ? -18.147 -0.022  7.182   1.00 129.50 ? 12  DT  D "O5'" 1 
ATOM   760 C  "C5'" . DT  D 4 3  ? -18.311 -1.420  7.303   1.00 119.76 ? 12  DT  D "C5'" 1 
ATOM   761 C  "C4'" . DT  D 4 3  ? -18.196 -2.094  5.955   1.00 120.79 ? 12  DT  D "C4'" 1 
ATOM   762 O  "O4'" . DT  D 4 3  ? -16.851 -2.590  5.779   1.00 120.38 ? 12  DT  D "O4'" 1 
ATOM   763 C  "C3'" . DT  D 4 3  ? -19.143 -3.265  5.768   1.00 125.16 ? 12  DT  D "C3'" 1 
ATOM   764 O  "O3'" . DT  D 4 3  ? -20.114 -2.917  4.801   1.00 131.56 ? 12  DT  D "O3'" 1 
ATOM   765 C  "C2'" . DT  D 4 3  ? -18.271 -4.430  5.292   1.00 123.68 ? 12  DT  D "C2'" 1 
ATOM   766 C  "C1'" . DT  D 4 3  ? -16.845 -3.982  5.550   1.00 124.48 ? 12  DT  D "C1'" 1 
ATOM   767 N  N1    . DT  D 4 3  ? -16.156 -4.651  6.706   1.00 127.25 ? 12  DT  D N1    1 
ATOM   768 C  C2    . DT  D 4 3  ? -15.342 -5.741  6.470   1.00 127.63 ? 12  DT  D C2    1 
ATOM   769 O  O2    . DT  D 4 3  ? -15.178 -6.224  5.364   1.00 127.54 ? 12  DT  D O2    1 
ATOM   770 N  N3    . DT  D 4 3  ? -14.731 -6.256  7.587   1.00 127.31 ? 12  DT  D N3    1 
ATOM   771 C  C4    . DT  D 4 3  ? -14.844 -5.785  8.887   1.00 129.43 ? 12  DT  D C4    1 
ATOM   772 O  O4    . DT  D 4 3  ? -14.258 -6.308  9.830   1.00 129.42 ? 12  DT  D O4    1 
ATOM   773 C  C5    . DT  D 4 3  ? -15.703 -4.635  9.058   1.00 127.69 ? 12  DT  D C5    1 
ATOM   774 C  C7    . DT  D 4 3  ? -15.904 -4.040  10.421  1.00 126.79 ? 12  DT  D C7    1 
ATOM   775 C  C6    . DT  D 4 3  ? -16.303 -4.128  7.974   1.00 124.39 ? 12  DT  D C6    1 
ATOM   776 P  P     . DC  D 4 4  ? -21.427 -3.820  4.616   1.00 145.36 ? 13  DC  D P     1 
ATOM   777 O  OP1   . DC  D 4 4  ? -22.535 -2.923  4.210   1.00 149.76 ? 13  DC  D OP1   1 
ATOM   778 O  OP2   . DC  D 4 4  ? -21.565 -4.661  5.827   1.00 132.19 ? 13  DC  D OP2   1 
ATOM   779 O  "O5'" . DC  D 4 4  ? -21.063 -4.771  3.382   1.00 133.70 ? 13  DC  D "O5'" 1 
ATOM   780 C  "C5'" . DC  D 4 4  ? -21.718 -6.023  3.236   1.00 129.11 ? 13  DC  D "C5'" 1 
ATOM   781 C  "C4'" . DC  D 4 4  ? -20.783 -7.151  3.602   1.00 125.85 ? 13  DC  D "C4'" 1 
ATOM   782 O  "O4'" . DC  D 4 4  ? -19.958 -6.740  4.693   1.00 120.93 ? 13  DC  D "O4'" 1 
ATOM   783 C  "C3'" . DC  D 4 4  ? -21.466 -8.416  4.085   1.00 133.64 ? 13  DC  D "C3'" 1 
ATOM   784 O  "O3'" . DC  D 4 4  ? -21.639 -9.301  2.983   1.00 141.06 ? 13  DC  D "O3'" 1 
ATOM   785 C  "C2'" . DC  D 4 4  ? -20.487 -8.986  5.133   1.00 133.63 ? 13  DC  D "C2'" 1 
ATOM   786 C  "C1'" . DC  D 4 4  ? -19.444 -7.879  5.318   1.00 126.00 ? 13  DC  D "C1'" 1 
ATOM   787 N  N1    . DC  D 4 4  ? -19.158 -7.539  6.754   1.00 128.34 ? 13  DC  D N1    1 
ATOM   788 C  C2    . DC  D 4 4  ? -18.106 -8.176  7.422   1.00 133.26 ? 13  DC  D C2    1 
ATOM   789 O  O2    . DC  D 4 4  ? -17.437 -9.014  6.818   1.00 133.27 ? 13  DC  D O2    1 
ATOM   790 N  N3    . DC  D 4 4  ? -17.856 -7.864  8.722   1.00 136.89 ? 13  DC  D N3    1 
ATOM   791 C  C4    . DC  D 4 4  ? -18.607 -6.944  9.336   1.00 134.90 ? 13  DC  D C4    1 
ATOM   792 N  N4    . DC  D 4 4  ? -18.328 -6.656  10.614  1.00 134.19 ? 13  DC  D N4    1 
ATOM   793 C  C5    . DC  D 4 4  ? -19.681 -6.280  8.668   1.00 128.82 ? 13  DC  D C5    1 
ATOM   794 C  C6    . DC  D 4 4  ? -19.916 -6.605  7.392   1.00 126.74 ? 13  DC  D C6    1 
ATOM   795 P  P     . DT  D 4 5  ? -22.661 -10.538 3.071   1.00 161.28 ? 14  DT  D P     1 
ATOM   796 O  OP1   . DT  D 4 5  ? -23.669 -10.370 1.999   1.00 156.80 ? 14  DT  D OP1   1 
ATOM   797 O  OP2   . DT  D 4 5  ? -23.109 -10.673 4.475   1.00 174.07 ? 14  DT  D OP2   1 
ATOM   798 O  "O5'" . DT  D 4 5  ? -21.744 -11.801 2.718   1.00 149.44 ? 14  DT  D "O5'" 1 
ATOM   799 C  "C5'" . DT  D 4 5  ? -20.427 -11.893 3.254   1.00 151.34 ? 14  DT  D "C5'" 1 
ATOM   800 C  "C4'" . DT  D 4 5  ? -20.190 -13.260 3.862   1.00 156.74 ? 14  DT  D "C4'" 1 
ATOM   801 O  "O4'" . DT  D 4 5  ? -19.430 -13.119 5.097   1.00 157.87 ? 14  DT  D "O4'" 1 
ATOM   802 C  "C3'" . DT  D 4 5  ? -21.458 -14.003 4.248   1.00 157.98 ? 14  DT  D "C3'" 1 
ATOM   803 O  "O3'" . DT  D 4 5  ? -21.255 -15.405 4.121   1.00 159.14 ? 14  DT  D "O3'" 1 
ATOM   804 C  "C2'" . DT  D 4 5  ? -21.643 -13.587 5.703   1.00 161.22 ? 14  DT  D "C2'" 1 
ATOM   805 C  "C1'" . DT  D 4 5  ? -20.203 -13.571 6.196   1.00 159.40 ? 14  DT  D "C1'" 1 
ATOM   806 N  N1    . DT  D 4 5  ? -19.970 -12.643 7.347   1.00 153.28 ? 14  DT  D N1    1 
ATOM   807 C  C2    . DT  D 4 5  ? -18.981 -12.930 8.265   1.00 148.48 ? 14  DT  D C2    1 
ATOM   808 O  O2    . DT  D 4 5  ? -18.268 -13.918 8.195   1.00 145.83 ? 14  DT  D O2    1 
ATOM   809 N  N3    . DT  D 4 5  ? -18.854 -12.006 9.275   1.00 145.66 ? 14  DT  D N3    1 
ATOM   810 C  C4    . DT  D 4 5  ? -19.602 -10.852 9.448   1.00 141.51 ? 14  DT  D C4    1 
ATOM   811 O  O4    . DT  D 4 5  ? -19.415 -10.082 10.382  1.00 139.54 ? 14  DT  D O4    1 
ATOM   812 C  C5    . DT  D 4 5  ? -20.621 -10.619 8.454   1.00 140.18 ? 14  DT  D C5    1 
ATOM   813 C  C7    . DT  D 4 5  ? -21.497 -9.406  8.543   1.00 132.01 ? 14  DT  D C7    1 
ATOM   814 C  C6    . DT  D 4 5  ? -20.755 -11.514 7.468   1.00 146.87 ? 14  DT  D C6    1 
ATOM   815 P  P     . DG  D 4 6  ? -22.476 -16.360 3.699   1.00 159.27 ? 15  DG  D P     1 
ATOM   816 O  OP1   . DG  D 4 6  ? -22.187 -16.926 2.365   1.00 170.44 ? 15  DG  D OP1   1 
ATOM   817 O  OP2   . DG  D 4 6  ? -23.723 -15.601 3.943   1.00 153.33 ? 15  DG  D OP2   1 
ATOM   818 O  "O5'" . DG  D 4 6  ? -22.426 -17.554 4.758   1.00 154.82 ? 15  DG  D "O5'" 1 
ATOM   819 C  "C5'" . DG  D 4 6  ? -21.245 -18.322 4.915   1.00 150.19 ? 15  DG  D "C5'" 1 
ATOM   820 C  "C4'" . DG  D 4 6  ? -21.018 -18.611 6.380   1.00 152.70 ? 15  DG  D "C4'" 1 
ATOM   821 O  "O4'" . DG  D 4 6  ? -20.789 -17.361 7.062   1.00 156.97 ? 15  DG  D "O4'" 1 
ATOM   822 C  "C3'" . DG  D 4 6  ? -22.208 -19.260 7.075   1.00 152.44 ? 15  DG  D "C3'" 1 
ATOM   823 O  "O3'" . DG  D 4 6  ? -22.047 -20.695 7.138   1.00 152.89 ? 15  DG  D "O3'" 1 
ATOM   824 C  "C2'" . DG  D 4 6  ? -22.248 -18.627 8.463   1.00 152.00 ? 15  DG  D "C2'" 1 
ATOM   825 C  "C1'" . DG  D 4 6  ? -21.372 -17.379 8.347   1.00 156.26 ? 15  DG  D "C1'" 1 
ATOM   826 N  N9    . DG  D 4 6  ? -22.087 -16.113 8.551   1.00 160.13 ? 15  DG  D N9    1 
ATOM   827 C  C8    . DG  D 4 6  ? -23.149 -15.625 7.826   1.00 161.29 ? 15  DG  D C8    1 
ATOM   828 N  N7    . DG  D 4 6  ? -23.566 -14.454 8.235   1.00 160.25 ? 15  DG  D N7    1 
ATOM   829 C  C5    . DG  D 4 6  ? -22.724 -14.146 9.298   1.00 155.53 ? 15  DG  D C5    1 
ATOM   830 C  C6    . DG  D 4 6  ? -22.691 -13.005 10.141  1.00 146.95 ? 15  DG  D C6    1 
ATOM   831 O  O6    . DG  D 4 6  ? -23.423 -12.005 10.116  1.00 137.23 ? 15  DG  D O6    1 
ATOM   832 N  N1    . DG  D 4 6  ? -21.679 -13.101 11.091  1.00 146.78 ? 15  DG  D N1    1 
ATOM   833 C  C2    . DG  D 4 6  ? -20.811 -14.161 11.212  1.00 149.65 ? 15  DG  D C2    1 
ATOM   834 N  N2    . DG  D 4 6  ? -19.906 -14.074 12.192  1.00 145.64 ? 15  DG  D N2    1 
ATOM   835 N  N3    . DG  D 4 6  ? -20.830 -15.230 10.432  1.00 153.54 ? 15  DG  D N3    1 
ATOM   836 C  C4    . DG  D 4 6  ? -21.809 -15.157 9.502   1.00 157.23 ? 15  DG  D C4    1 
ATOM   837 P  P     . DC  D 4 7  ? -21.004 -21.398 8.150   1.00 162.44 ? 16  DC  D P     1 
ATOM   838 O  OP1   . DC  D 4 7  ? -19.783 -20.584 8.303   1.00 159.27 ? 16  DC  D OP1   1 
ATOM   839 O  OP2   . DC  D 4 7  ? -20.880 -22.799 7.698   1.00 157.27 ? 16  DC  D OP2   1 
ATOM   840 O  "O5'" . DC  D 4 7  ? -21.753 -21.428 9.562   1.00 152.79 ? 16  DC  D "O5'" 1 
ATOM   841 C  "C5'" . DC  D 4 7  ? -21.160 -22.129 10.647  1.00 152.06 ? 16  DC  D "C5'" 1 
ATOM   842 C  "C4'" . DC  D 4 7  ? -21.115 -21.279 11.910  1.00 151.89 ? 16  DC  D "C4'" 1 
ATOM   843 O  "O4'" . DC  D 4 7  ? -21.219 -19.879 11.591  1.00 163.23 ? 16  DC  D "O4'" 1 
ATOM   844 C  "C3'" . DC  D 4 7  ? -22.253 -21.502 12.881  1.00 146.52 ? 16  DC  D "C3'" 1 
ATOM   845 O  "O3'" . DC  D 4 7  ? -21.994 -22.651 13.675  1.00 145.28 ? 16  DC  D "O3'" 1 
ATOM   846 C  "C2'" . DC  D 4 7  ? -22.223 -20.218 13.720  1.00 143.74 ? 16  DC  D "C2'" 1 
ATOM   847 C  "C1'" . DC  D 4 7  ? -21.576 -19.191 12.779  1.00 152.52 ? 16  DC  D "C1'" 1 
ATOM   848 N  N1    . DC  D 4 7  ? -22.472 -18.039 12.441  1.00 151.19 ? 16  DC  D N1    1 
ATOM   849 C  C2    . DC  D 4 7  ? -22.379 -16.854 13.174  1.00 151.29 ? 16  DC  D C2    1 
ATOM   850 O  O2    . DC  D 4 7  ? -21.569 -16.776 14.099  1.00 151.42 ? 16  DC  D O2    1 
ATOM   851 N  N3    . DC  D 4 7  ? -23.199 -15.819 12.864  1.00 151.40 ? 16  DC  D N3    1 
ATOM   852 C  C4    . DC  D 4 7  ? -24.073 -15.934 11.867  1.00 151.55 ? 16  DC  D C4    1 
ATOM   853 N  N4    . DC  D 4 7  ? -24.857 -14.883 11.595  1.00 150.18 ? 16  DC  D N4    1 
ATOM   854 C  C5    . DC  D 4 7  ? -24.180 -17.134 11.103  1.00 151.67 ? 16  DC  D C5    1 
ATOM   855 C  C6    . DC  D 4 7  ? -23.376 -18.153 11.431  1.00 152.33 ? 16  DC  D C6    1 
HETATM 856 C  C01   . ZQQ E 5 .  ? 12.286  1.923   -14.546 1.00 114.86 ? 101 ZQQ A C01   1 
HETATM 857 C  C03   . ZQQ E 5 .  ? 12.524  0.742   -12.691 1.00 109.29 ? 101 ZQQ A C03   1 
HETATM 858 C  C04   . ZQQ E 5 .  ? 12.429  -0.189  -13.726 1.00 112.25 ? 101 ZQQ A C04   1 
HETATM 859 C  C06   . ZQQ E 5 .  ? 12.148  -0.092  -16.198 1.00 121.85 ? 101 ZQQ A C06   1 
HETATM 860 C  C07   . ZQQ E 5 .  ? 12.151  3.040   -15.553 1.00 116.71 ? 101 ZQQ A C07   1 
HETATM 861 C  C10   . ZQQ E 5 .  ? 12.833  5.411   -16.138 1.00 117.79 ? 101 ZQQ A C10   1 
HETATM 862 C  C11   . ZQQ E 5 .  ? 12.725  5.483   -17.538 1.00 116.48 ? 101 ZQQ A C11   1 
HETATM 863 C  C13   . ZQQ E 5 .  ? 12.919  7.637   -16.771 1.00 119.35 ? 101 ZQQ A C13   1 
HETATM 864 C  C14   . ZQQ E 5 .  ? 12.955  6.755   -15.687 1.00 119.69 ? 101 ZQQ A C14   1 
HETATM 865 C  C15   . ZQQ E 5 .  ? 12.694  7.249   -19.323 1.00 123.00 ? 101 ZQQ A C15   1 
HETATM 866 C  C16   . ZQQ E 5 .  ? 13.014  9.134   -16.847 1.00 120.95 ? 101 ZQQ A C16   1 
HETATM 867 C  C19   . ZQQ E 5 .  ? 14.245  11.182  -15.854 1.00 129.15 ? 101 ZQQ A C19   1 
HETATM 868 C  C20   . ZQQ E 5 .  ? 13.534  12.247  -16.447 1.00 131.63 ? 101 ZQQ A C20   1 
HETATM 869 C  C22   . ZQQ E 5 .  ? 15.231  13.190  -15.218 1.00 138.65 ? 101 ZQQ A C22   1 
HETATM 870 C  C23   . ZQQ E 5 .  ? 15.294  11.793  -15.099 1.00 133.17 ? 101 ZQQ A C23   1 
HETATM 871 C  C24   . ZQQ E 5 .  ? 13.621  14.773  -16.517 1.00 141.93 ? 101 ZQQ A C24   1 
HETATM 872 C  C25   . ZQQ E 5 .  ? 16.095  14.266  -14.629 1.00 142.95 ? 101 ZQQ A C25   1 
HETATM 873 C  C28   . ZQQ E 5 .  ? 17.871  14.908  -12.957 1.00 141.78 ? 101 ZQQ A C28   1 
HETATM 874 C  C29   . ZQQ E 5 .  ? 17.220  15.527  -11.679 1.00 145.80 ? 101 ZQQ A C29   1 
HETATM 875 C  C30   . ZQQ E 5 .  ? 18.173  15.842  -10.529 1.00 149.12 ? 101 ZQQ A C30   1 
HETATM 876 C  C33   . ZQQ E 5 .  ? 17.491  18.257  -10.630 1.00 150.03 ? 101 ZQQ A C33   1 
HETATM 877 C  C34   . ZQQ E 5 .  ? 16.666  19.061  -9.585  1.00 148.48 ? 101 ZQQ A C34   1 
HETATM 878 C  C35   . ZQQ E 5 .  ? 17.524  20.014  -8.729  1.00 151.02 ? 101 ZQQ A C35   1 
HETATM 879 C  C37   . ZQQ E 5 .  ? 15.690  20.620  -7.130  1.00 146.35 ? 101 ZQQ A C37   1 
HETATM 880 C  C38   . ZQQ E 5 .  ? 18.040  20.727  -6.336  1.00 158.85 ? 101 ZQQ A C38   1 
HETATM 881 N  N02   . ZQQ E 5 .  ? 12.441  2.034   -13.195 1.00 110.28 ? 101 ZQQ A N02   1 
HETATM 882 N  N05   . ZQQ E 5 .  ? 12.281  0.551   -14.892 1.00 117.31 ? 101 ZQQ A N05   1 
HETATM 883 N  N08   . ZQQ E 5 .  ? 12.827  4.236   -15.334 1.00 118.06 ? 101 ZQQ A N08   1 
HETATM 884 N  N12   . ZQQ E 5 .  ? 12.778  6.820   -17.923 1.00 119.11 ? 101 ZQQ A N12   1 
HETATM 885 N  N17   . ZQQ E 5 .  ? 13.934  9.796   -16.010 1.00 123.05 ? 101 ZQQ A N17   1 
HETATM 886 N  N21   . ZQQ E 5 .  ? 14.113  13.456  -16.076 1.00 138.55 ? 101 ZQQ A N21   1 
HETATM 887 N  N27   . ZQQ E 5 .  ? 16.980  13.917  -13.592 1.00 141.18 ? 101 ZQQ A N27   1 
HETATM 888 N  N31   . ZQQ E 5 .  ? 18.271  17.158  -10.060 1.00 154.28 ? 101 ZQQ A N31   1 
HETATM 889 N  N36   . ZQQ E 5 .  ? 17.068  19.990  -7.250  1.00 157.84 ? 101 ZQQ A N36   1 
HETATM 890 O  O09   . ZQQ E 5 .  ? 11.439  2.892   -16.540 1.00 116.02 ? 101 ZQQ A O09   1 
HETATM 891 O  O18   . ZQQ E 5 .  ? 12.301  9.789   -17.604 1.00 117.61 ? 101 ZQQ A O18   1 
HETATM 892 O  O26   . ZQQ E 5 .  ? 16.095  15.439  -14.988 1.00 144.36 ? 101 ZQQ A O26   1 
HETATM 893 O  O32   . ZQQ E 5 .  ? 18.867  14.984  -9.992  1.00 144.77 ? 101 ZQQ A O32   1 
HETATM 894 MG MG    . MG  F 6 .  ? -2.766  9.799   15.756  1.00 85.83  ? 101 MG  B MG    1 
HETATM 895 C  C01   . ZQQ G 5 .  ? 11.510  12.849  -13.816 1.00 133.82 ? 101 ZQQ C C01   1 
HETATM 896 C  C03   . ZQQ G 5 .  ? 12.931  13.887  -12.478 1.00 137.94 ? 101 ZQQ C C03   1 
HETATM 897 C  C04   . ZQQ G 5 .  ? 11.858  14.765  -12.654 1.00 137.00 ? 101 ZQQ C C04   1 
HETATM 898 C  C06   . ZQQ G 5 .  ? 9.706   14.717  -13.911 1.00 134.34 ? 101 ZQQ C C06   1 
HETATM 899 C  C07   . ZQQ G 5 .  ? 10.803  11.858  -14.695 1.00 127.17 ? 101 ZQQ C C07   1 
HETATM 900 C  C10   . ZQQ G 5 .  ? 10.047  9.443   -14.870 1.00 121.21 ? 101 ZQQ C C10   1 
HETATM 901 C  C11   . ZQQ G 5 .  ? 9.082   9.465   -15.895 1.00 119.67 ? 101 ZQQ C C11   1 
HETATM 902 C  C13   . ZQQ G 5 .  ? 9.469   7.266   -15.386 1.00 115.71 ? 101 ZQQ C C13   1 
HETATM 903 C  C14   . ZQQ G 5 .  ? 10.265  8.074   -14.574 1.00 119.25 ? 101 ZQQ C C14   1 
HETATM 904 C  C15   . ZQQ G 5 .  ? 7.753   7.812   -17.239 1.00 120.51 ? 101 ZQQ C C15   1 
HETATM 905 C  C16   . ZQQ G 5 .  ? 9.321   5.781   -15.471 1.00 112.19 ? 101 ZQQ C C16   1 
HETATM 906 C  C19   . ZQQ G 5 .  ? 9.025   3.661   -14.056 1.00 111.81 ? 101 ZQQ C C19   1 
HETATM 907 C  C20   . ZQQ G 5 .  ? 8.517   2.722   -14.984 1.00 115.62 ? 101 ZQQ C C20   1 
HETATM 908 C  C22   . ZQQ G 5 .  ? 9.074   1.567   -13.095 1.00 106.94 ? 101 ZQQ C C22   1 
HETATM 909 C  C23   . ZQQ G 5 .  ? 9.363   2.920   -12.897 1.00 108.72 ? 101 ZQQ C C23   1 
HETATM 910 C  C24   . ZQQ G 5 .  ? 8.082   0.228   -15.086 1.00 117.30 ? 101 ZQQ C C24   1 
HETATM 911 C  C25   . ZQQ G 5 .  ? 9.244   0.407   -12.185 1.00 102.40 ? 101 ZQQ C C25   1 
HETATM 912 C  C28   . ZQQ G 5 .  ? 9.379   -0.384  -9.796  1.00 104.85 ? 101 ZQQ C C28   1 
HETATM 913 C  C29   . ZQQ G 5 .  ? 10.426  0.038   -8.713  1.00 109.24 ? 101 ZQQ C C29   1 
HETATM 914 C  C30   . ZQQ G 5 .  ? 10.629  -0.953  -7.566  1.00 112.18 ? 101 ZQQ C C30   1 
HETATM 915 C  C33   . ZQQ G 5 .  ? 10.766  -1.426  -5.117  1.00 109.75 ? 101 ZQQ C C33   1 
HETATM 916 C  C34   . ZQQ G 5 .  ? 9.486   -2.250  -4.790  1.00 105.35 ? 101 ZQQ C C34   1 
HETATM 917 C  C35   . ZQQ G 5 .  ? 9.661   -3.772  -4.968  1.00 113.86 ? 101 ZQQ C C35   1 
HETATM 918 C  C37   . ZQQ G 5 .  ? 8.495   -4.586  -7.061  1.00 118.81 ? 101 ZQQ C C37   1 
HETATM 919 C  C38   . ZQQ G 5 .  ? 10.841  -5.309  -6.628  1.00 116.13 ? 101 ZQQ C C38   1 
HETATM 920 N  N02   . ZQQ G 5 .  ? 12.713  12.706  -13.186 1.00 135.57 ? 101 ZQQ C N02   1 
HETATM 921 N  N05   . ZQQ G 5 .  ? 10.964  14.109  -13.490 1.00 140.10 ? 101 ZQQ C N05   1 
HETATM 922 N  N08   . ZQQ G 5 .  ? 10.666  10.553  -14.244 1.00 122.96 ? 101 ZQQ C N08   1 
HETATM 923 N  N12   . ZQQ G 5 .  ? 8.735   8.154   -16.208 1.00 118.19 ? 101 ZQQ C N12   1 
HETATM 924 N  N17   . ZQQ G 5 .  ? 9.163   5.053   -14.283 1.00 111.35 ? 101 ZQQ C N17   1 
HETATM 925 N  N21   . ZQQ G 5 .  ? 8.541   1.456   -14.412 1.00 115.53 ? 101 ZQQ C N21   1 
HETATM 926 N  N27   . ZQQ G 5 .  ? 9.217   0.668   -10.807 1.00 105.01 ? 101 ZQQ C N27   1 
HETATM 927 N  N31   . ZQQ G 5 .  ? 10.583  -0.508  -6.239  1.00 112.32 ? 101 ZQQ C N31   1 
HETATM 928 N  N36   . ZQQ G 5 .  ? 9.836   -4.168  -6.462  1.00 118.58 ? 101 ZQQ C N36   1 
HETATM 929 O  O09   . ZQQ G 5 .  ? 10.374  12.210  -15.788 1.00 127.27 ? 101 ZQQ C O09   1 
HETATM 930 O  O18   . ZQQ G 5 .  ? 9.359   5.190   -16.547 1.00 110.42 ? 101 ZQQ C O18   1 
HETATM 931 O  O26   . ZQQ G 5 .  ? 9.415   -0.749  -12.555 1.00 102.44 ? 101 ZQQ C O26   1 
HETATM 932 O  O32   . ZQQ G 5 .  ? 10.842  -2.144  -7.760  1.00 108.74 ? 101 ZQQ C O32   1 
HETATM 933 MG MG    . MG  H 6 .  ? -7.293  -5.848  11.425  1.00 81.92  ? 101 MG  D MG    1 
HETATM 934 O  O     . HOH I 7 .  ? 16.031  7.133   -5.498  1.00 84.84  ? 201 HOH C O     1 
# 
loop_
_pdbx_poly_seq_scheme.asym_id 
_pdbx_poly_seq_scheme.entity_id 
_pdbx_poly_seq_scheme.seq_id 
_pdbx_poly_seq_scheme.mon_id 
_pdbx_poly_seq_scheme.ndb_seq_num 
_pdbx_poly_seq_scheme.pdb_seq_num 
_pdbx_poly_seq_scheme.auth_seq_num 
_pdbx_poly_seq_scheme.pdb_mon_id 
_pdbx_poly_seq_scheme.auth_mon_id 
_pdbx_poly_seq_scheme.pdb_strand_id 
_pdbx_poly_seq_scheme.pdb_ins_code 
_pdbx_poly_seq_scheme.hetero 
A 1 1  DG 1  1  1  DG DG A . n 
A 1 2  DA 2  2  2  DA DA A . n 
A 1 3  DG 3  3  3  DG DG A . n 
A 1 4  DC 4  4  4  DC DC A . n 
A 1 5  DA 5  5  5  DA DA A . n 
A 1 6  DG 6  6  6  DG DG A . n 
A 1 7  DA 7  7  7  DA DA A . n 
A 1 8  DC 8  8  8  DC DC A . n 
A 1 9  DC 9  9  9  DC DC A . n 
A 1 10 DT 10 10 10 DT DT A . n 
A 1 11 DG 11 11 11 DG DG A . n 
A 1 12 DA 12 12 12 DA DA A . n 
A 1 13 DC 13 13 13 DC DC A . n 
A 1 14 DG 14 14 14 DG DG A . n 
A 1 15 DA 15 15 15 DA DA A . n 
A 1 16 DT 16 16 16 DT DT A . n 
A 1 17 DG 17 17 17 DG DG A . n 
A 1 18 DT 18 18 18 DT DT A . n 
A 1 19 DC 19 19 19 DC DC A . n 
A 1 20 DA 20 20 20 DA DA A . n 
A 1 21 DC 21 21 21 DC DC A . n 
B 2 1  DC 1  1  1  DC DC B . n 
B 2 2  DG 2  2  2  DG DG B . n 
B 2 3  DT 3  3  3  DT DT B . n 
B 2 4  DC 4  4  4  DC DC B . n 
B 2 5  DA 5  5  5  DA DA B . n 
C 3 1  DT 1  1  1  DT DT C . n 
C 3 2  DC 2  2  2  DC DC C . n 
C 3 3  DG 3  3  3  DG DG C . n 
C 3 4  DT 4  4  4  DT DT C . n 
C 3 5  DG 5  5  5  DG DG C . n 
C 3 6  DA 6  6  6  DA DA C . n 
C 3 7  DC 7  7  7  DC DC C . n 
C 3 8  DA 8  8  8  DA DA C . n 
C 3 9  DT 9  9  9  DT DT C . n 
D 4 1  DG 1  10 10 DG DG D . n 
D 4 2  DG 2  11 11 DG DG D . n 
D 4 3  DT 3  12 12 DT DT D . n 
D 4 4  DC 4  13 13 DC DC D . n 
D 4 5  DT 5  14 14 DT DT D . n 
D 4 6  DG 6  15 15 DG DG D . n 
D 4 7  DC 7  16 16 DC DC D . n 
# 
_pdbx_contact_author.id                 2 
_pdbx_contact_author.email              hao.yan@asu.edu 
_pdbx_contact_author.name_first         Hao 
_pdbx_contact_author.name_last          Yan 
_pdbx_contact_author.name_mi            ? 
_pdbx_contact_author.role               'principal investigator/group leader' 
_pdbx_contact_author.identifier_ORCID   0000-0001-7397-9852 
# 
loop_
_pdbx_nonpoly_scheme.asym_id 
_pdbx_nonpoly_scheme.entity_id 
_pdbx_nonpoly_scheme.mon_id 
_pdbx_nonpoly_scheme.ndb_seq_num 
_pdbx_nonpoly_scheme.pdb_seq_num 
_pdbx_nonpoly_scheme.auth_seq_num 
_pdbx_nonpoly_scheme.pdb_mon_id 
_pdbx_nonpoly_scheme.auth_mon_id 
_pdbx_nonpoly_scheme.pdb_strand_id 
_pdbx_nonpoly_scheme.pdb_ins_code 
E 5 ZQQ 1 101 2 ZQQ DER A . 
F 6 MG  1 101 2 MG  MG  B . 
G 5 ZQQ 1 101 1 ZQQ DER C . 
H 6 MG  1 101 1 MG  MG  D . 
I 7 HOH 1 201 1 HOH HOH C . 
# 
_pdbx_struct_assembly.id                   1 
_pdbx_struct_assembly.details              author_defined_assembly 
_pdbx_struct_assembly.method_details       ? 
_pdbx_struct_assembly.oligomeric_details   tetrameric 
_pdbx_struct_assembly.oligomeric_count     4 
# 
_pdbx_struct_assembly_gen.assembly_id       1 
_pdbx_struct_assembly_gen.oper_expression   1 
_pdbx_struct_assembly_gen.asym_id_list      A,B,C,D,E,F,G,H,I 
# 
_pdbx_struct_oper_list.id                   1 
_pdbx_struct_oper_list.type                 'identity operation' 
_pdbx_struct_oper_list.name                 1_555 
_pdbx_struct_oper_list.symmetry_operation   x,y,z 
_pdbx_struct_oper_list.matrix[1][1]         1.0000000000 
_pdbx_struct_oper_list.matrix[1][2]         0.0000000000 
_pdbx_struct_oper_list.matrix[1][3]         0.0000000000 
_pdbx_struct_oper_list.vector[1]            0.0000000000 
_pdbx_struct_oper_list.matrix[2][1]         0.0000000000 
_pdbx_struct_oper_list.matrix[2][2]         1.0000000000 
_pdbx_struct_oper_list.matrix[2][3]         0.0000000000 
_pdbx_struct_oper_list.vector[2]            0.0000000000 
_pdbx_struct_oper_list.matrix[3][1]         0.0000000000 
_pdbx_struct_oper_list.matrix[3][2]         0.0000000000 
_pdbx_struct_oper_list.matrix[3][3]         1.0000000000 
_pdbx_struct_oper_list.vector[3]            0.0000000000 
# 
_pdbx_audit_revision_history.ordinal             1 
_pdbx_audit_revision_history.data_content_type   'Structure model' 
_pdbx_audit_revision_history.major_revision      1 
_pdbx_audit_revision_history.minor_revision      0 
_pdbx_audit_revision_history.revision_date       2023-12-20 
# 
_pdbx_audit_revision_details.ordinal             1 
_pdbx_audit_revision_details.revision_ordinal    1 
_pdbx_audit_revision_details.data_content_type   'Structure model' 
_pdbx_audit_revision_details.provider            repository 
_pdbx_audit_revision_details.type                'Initial release' 
_pdbx_audit_revision_details.description         ? 
_pdbx_audit_revision_details.details             ? 
# 
loop_
_software.citation_id 
_software.classification 
_software.compiler_name 
_software.compiler_version 
_software.contact_author 
_software.contact_author_email 
_software.date 
_software.description 
_software.dependencies 
_software.hardware 
_software.language 
_software.location 
_software.mods 
_software.name 
_software.os 
_software.os_version 
_software.type 
_software.version 
_software.pdbx_ordinal 
? refinement       ? ? ? ? ? ? ? ? ? ? ? PHENIX   ? ? ? '(1.19.2_4158: ???)' 1 
? 'data scaling'   ? ? ? ? ? ? ? ? ? ? ? HKL-2000 ? ? ? .                    2 
? 'data reduction' ? ? ? ? ? ? ? ? ? ? ? HKL-2000 ? ? ? .                    3 
? phasing          ? ? ? ? ? ? ? ? ? ? ? PHASER   ? ? ? .                    4 
# 
_pdbx_entry_details.entry_id                 8TC4 
_pdbx_entry_details.has_ligand_of_interest   N 
_pdbx_entry_details.compound_details         ? 
_pdbx_entry_details.source_details           ? 
_pdbx_entry_details.nonpolymer_details       ? 
_pdbx_entry_details.sequence_details         ? 
# 
loop_
_pdbx_validate_rmsd_angle.id 
_pdbx_validate_rmsd_angle.PDB_model_num 
_pdbx_validate_rmsd_angle.auth_atom_id_1 
_pdbx_validate_rmsd_angle.auth_asym_id_1 
_pdbx_validate_rmsd_angle.auth_comp_id_1 
_pdbx_validate_rmsd_angle.auth_seq_id_1 
_pdbx_validate_rmsd_angle.PDB_ins_code_1 
_pdbx_validate_rmsd_angle.label_alt_id_1 
_pdbx_validate_rmsd_angle.auth_atom_id_2 
_pdbx_validate_rmsd_angle.auth_asym_id_2 
_pdbx_validate_rmsd_angle.auth_comp_id_2 
_pdbx_validate_rmsd_angle.auth_seq_id_2 
_pdbx_validate_rmsd_angle.PDB_ins_code_2 
_pdbx_validate_rmsd_angle.label_alt_id_2 
_pdbx_validate_rmsd_angle.auth_atom_id_3 
_pdbx_validate_rmsd_angle.auth_asym_id_3 
_pdbx_validate_rmsd_angle.auth_comp_id_3 
_pdbx_validate_rmsd_angle.auth_seq_id_3 
_pdbx_validate_rmsd_angle.PDB_ins_code_3 
_pdbx_validate_rmsd_angle.label_alt_id_3 
_pdbx_validate_rmsd_angle.angle_value 
_pdbx_validate_rmsd_angle.angle_target_value 
_pdbx_validate_rmsd_angle.angle_deviation 
_pdbx_validate_rmsd_angle.angle_standard_deviation 
_pdbx_validate_rmsd_angle.linker_flag 
1 1 "O4'" A DT 16 ? ? "C1'" A DT 16 ? ? N1 A DT 16 ? ? 110.41 108.30 2.11 0.30 N 
2 1 "O4'" C DT 9  ? ? "C1'" C DT 9  ? ? N1 C DT 9  ? ? 110.28 108.30 1.98 0.30 N 
# 
loop_
_chem_comp_atom.comp_id 
_chem_comp_atom.atom_id 
_chem_comp_atom.type_symbol 
_chem_comp_atom.pdbx_aromatic_flag 
_chem_comp_atom.pdbx_stereo_config 
_chem_comp_atom.pdbx_ordinal 
DA  OP3    O  N N 1   
DA  P      P  N N 2   
DA  OP1    O  N N 3   
DA  OP2    O  N N 4   
DA  "O5'"  O  N N 5   
DA  "C5'"  C  N N 6   
DA  "C4'"  C  N R 7   
DA  "O4'"  O  N N 8   
DA  "C3'"  C  N S 9   
DA  "O3'"  O  N N 10  
DA  "C2'"  C  N N 11  
DA  "C1'"  C  N R 12  
DA  N9     N  Y N 13  
DA  C8     C  Y N 14  
DA  N7     N  Y N 15  
DA  C5     C  Y N 16  
DA  C6     C  Y N 17  
DA  N6     N  N N 18  
DA  N1     N  Y N 19  
DA  C2     C  Y N 20  
DA  N3     N  Y N 21  
DA  C4     C  Y N 22  
DA  HOP3   H  N N 23  
DA  HOP2   H  N N 24  
DA  "H5'"  H  N N 25  
DA  "H5''" H  N N 26  
DA  "H4'"  H  N N 27  
DA  "H3'"  H  N N 28  
DA  "HO3'" H  N N 29  
DA  "H2'"  H  N N 30  
DA  "H2''" H  N N 31  
DA  "H1'"  H  N N 32  
DA  H8     H  N N 33  
DA  H61    H  N N 34  
DA  H62    H  N N 35  
DA  H2     H  N N 36  
DC  OP3    O  N N 37  
DC  P      P  N N 38  
DC  OP1    O  N N 39  
DC  OP2    O  N N 40  
DC  "O5'"  O  N N 41  
DC  "C5'"  C  N N 42  
DC  "C4'"  C  N R 43  
DC  "O4'"  O  N N 44  
DC  "C3'"  C  N S 45  
DC  "O3'"  O  N N 46  
DC  "C2'"  C  N N 47  
DC  "C1'"  C  N R 48  
DC  N1     N  N N 49  
DC  C2     C  N N 50  
DC  O2     O  N N 51  
DC  N3     N  N N 52  
DC  C4     C  N N 53  
DC  N4     N  N N 54  
DC  C5     C  N N 55  
DC  C6     C  N N 56  
DC  HOP3   H  N N 57  
DC  HOP2   H  N N 58  
DC  "H5'"  H  N N 59  
DC  "H5''" H  N N 60  
DC  "H4'"  H  N N 61  
DC  "H3'"  H  N N 62  
DC  "HO3'" H  N N 63  
DC  "H2'"  H  N N 64  
DC  "H2''" H  N N 65  
DC  "H1'"  H  N N 66  
DC  H41    H  N N 67  
DC  H42    H  N N 68  
DC  H5     H  N N 69  
DC  H6     H  N N 70  
DG  OP3    O  N N 71  
DG  P      P  N N 72  
DG  OP1    O  N N 73  
DG  OP2    O  N N 74  
DG  "O5'"  O  N N 75  
DG  "C5'"  C  N N 76  
DG  "C4'"  C  N R 77  
DG  "O4'"  O  N N 78  
DG  "C3'"  C  N S 79  
DG  "O3'"  O  N N 80  
DG  "C2'"  C  N N 81  
DG  "C1'"  C  N R 82  
DG  N9     N  Y N 83  
DG  C8     C  Y N 84  
DG  N7     N  Y N 85  
DG  C5     C  Y N 86  
DG  C6     C  N N 87  
DG  O6     O  N N 88  
DG  N1     N  N N 89  
DG  C2     C  N N 90  
DG  N2     N  N N 91  
DG  N3     N  N N 92  
DG  C4     C  Y N 93  
DG  HOP3   H  N N 94  
DG  HOP2   H  N N 95  
DG  "H5'"  H  N N 96  
DG  "H5''" H  N N 97  
DG  "H4'"  H  N N 98  
DG  "H3'"  H  N N 99  
DG  "HO3'" H  N N 100 
DG  "H2'"  H  N N 101 
DG  "H2''" H  N N 102 
DG  "H1'"  H  N N 103 
DG  H8     H  N N 104 
DG  H1     H  N N 105 
DG  H21    H  N N 106 
DG  H22    H  N N 107 
DT  OP3    O  N N 108 
DT  P      P  N N 109 
DT  OP1    O  N N 110 
DT  OP2    O  N N 111 
DT  "O5'"  O  N N 112 
DT  "C5'"  C  N N 113 
DT  "C4'"  C  N R 114 
DT  "O4'"  O  N N 115 
DT  "C3'"  C  N S 116 
DT  "O3'"  O  N N 117 
DT  "C2'"  C  N N 118 
DT  "C1'"  C  N R 119 
DT  N1     N  N N 120 
DT  C2     C  N N 121 
DT  O2     O  N N 122 
DT  N3     N  N N 123 
DT  C4     C  N N 124 
DT  O4     O  N N 125 
DT  C5     C  N N 126 
DT  C7     C  N N 127 
DT  C6     C  N N 128 
DT  HOP3   H  N N 129 
DT  HOP2   H  N N 130 
DT  "H5'"  H  N N 131 
DT  "H5''" H  N N 132 
DT  "H4'"  H  N N 133 
DT  "H3'"  H  N N 134 
DT  "HO3'" H  N N 135 
DT  "H2'"  H  N N 136 
DT  "H2''" H  N N 137 
DT  "H1'"  H  N N 138 
DT  H3     H  N N 139 
DT  H71    H  N N 140 
DT  H72    H  N N 141 
DT  H73    H  N N 142 
DT  H6     H  N N 143 
HOH O      O  N N 144 
HOH H1     H  N N 145 
HOH H2     H  N N 146 
MG  MG     MG N N 147 
ZQQ C01    C  Y N 148 
ZQQ C03    C  Y N 149 
ZQQ C04    C  Y N 150 
ZQQ C06    C  N N 151 
ZQQ C07    C  N N 152 
ZQQ C10    C  Y N 153 
ZQQ C11    C  Y N 154 
ZQQ C13    C  Y N 155 
ZQQ C14    C  Y N 156 
ZQQ C15    C  N N 157 
ZQQ C16    C  N N 158 
ZQQ C19    C  Y N 159 
ZQQ C20    C  Y N 160 
ZQQ C22    C  Y N 161 
ZQQ C23    C  Y N 162 
ZQQ C24    C  N N 163 
ZQQ C25    C  N N 164 
ZQQ C28    C  N N 165 
ZQQ C29    C  N N 166 
ZQQ C30    C  N N 167 
ZQQ C33    C  N N 168 
ZQQ C34    C  N N 169 
ZQQ C35    C  N N 170 
ZQQ C37    C  N N 171 
ZQQ C38    C  N N 172 
ZQQ N02    N  Y N 173 
ZQQ N05    N  Y N 174 
ZQQ N08    N  N N 175 
ZQQ N12    N  Y N 176 
ZQQ N17    N  N N 177 
ZQQ N21    N  Y N 178 
ZQQ N27    N  N N 179 
ZQQ N31    N  N N 180 
ZQQ N36    N  N N 181 
ZQQ O09    O  N N 182 
ZQQ O18    O  N N 183 
ZQQ O26    O  N N 184 
ZQQ O32    O  N N 185 
ZQQ H1     H  N N 186 
ZQQ H2     H  N N 187 
ZQQ H3     H  N N 188 
ZQQ H4     H  N N 189 
ZQQ H5     H  N N 190 
ZQQ H6     H  N N 191 
ZQQ H7     H  N N 192 
ZQQ H8     H  N N 193 
ZQQ H9     H  N N 194 
ZQQ H10    H  N N 195 
ZQQ H11    H  N N 196 
ZQQ H12    H  N N 197 
ZQQ H13    H  N N 198 
ZQQ H14    H  N N 199 
ZQQ H15    H  N N 200 
ZQQ H16    H  N N 201 
ZQQ H17    H  N N 202 
ZQQ H18    H  N N 203 
ZQQ H19    H  N N 204 
ZQQ H20    H  N N 205 
ZQQ H21    H  N N 206 
ZQQ H22    H  N N 207 
ZQQ H23    H  N N 208 
ZQQ H24    H  N N 209 
ZQQ H25    H  N N 210 
ZQQ H26    H  N N 211 
ZQQ H27    H  N N 212 
ZQQ H28    H  N N 213 
ZQQ H29    H  N N 214 
ZQQ H30    H  N N 215 
ZQQ H31    H  N N 216 
ZQQ H32    H  N N 217 
ZQQ H33    H  N N 218 
ZQQ H34    H  N N 219 
ZQQ H35    H  N N 220 
# 
loop_
_chem_comp_bond.comp_id 
_chem_comp_bond.atom_id_1 
_chem_comp_bond.atom_id_2 
_chem_comp_bond.value_order 
_chem_comp_bond.pdbx_aromatic_flag 
_chem_comp_bond.pdbx_stereo_config 
_chem_comp_bond.pdbx_ordinal 
DA  OP3   P      sing N N 1   
DA  OP3   HOP3   sing N N 2   
DA  P     OP1    doub N N 3   
DA  P     OP2    sing N N 4   
DA  P     "O5'"  sing N N 5   
DA  OP2   HOP2   sing N N 6   
DA  "O5'" "C5'"  sing N N 7   
DA  "C5'" "C4'"  sing N N 8   
DA  "C5'" "H5'"  sing N N 9   
DA  "C5'" "H5''" sing N N 10  
DA  "C4'" "O4'"  sing N N 11  
DA  "C4'" "C3'"  sing N N 12  
DA  "C4'" "H4'"  sing N N 13  
DA  "O4'" "C1'"  sing N N 14  
DA  "C3'" "O3'"  sing N N 15  
DA  "C3'" "C2'"  sing N N 16  
DA  "C3'" "H3'"  sing N N 17  
DA  "O3'" "HO3'" sing N N 18  
DA  "C2'" "C1'"  sing N N 19  
DA  "C2'" "H2'"  sing N N 20  
DA  "C2'" "H2''" sing N N 21  
DA  "C1'" N9     sing N N 22  
DA  "C1'" "H1'"  sing N N 23  
DA  N9    C8     sing Y N 24  
DA  N9    C4     sing Y N 25  
DA  C8    N7     doub Y N 26  
DA  C8    H8     sing N N 27  
DA  N7    C5     sing Y N 28  
DA  C5    C6     sing Y N 29  
DA  C5    C4     doub Y N 30  
DA  C6    N6     sing N N 31  
DA  C6    N1     doub Y N 32  
DA  N6    H61    sing N N 33  
DA  N6    H62    sing N N 34  
DA  N1    C2     sing Y N 35  
DA  C2    N3     doub Y N 36  
DA  C2    H2     sing N N 37  
DA  N3    C4     sing Y N 38  
DC  OP3   P      sing N N 39  
DC  OP3   HOP3   sing N N 40  
DC  P     OP1    doub N N 41  
DC  P     OP2    sing N N 42  
DC  P     "O5'"  sing N N 43  
DC  OP2   HOP2   sing N N 44  
DC  "O5'" "C5'"  sing N N 45  
DC  "C5'" "C4'"  sing N N 46  
DC  "C5'" "H5'"  sing N N 47  
DC  "C5'" "H5''" sing N N 48  
DC  "C4'" "O4'"  sing N N 49  
DC  "C4'" "C3'"  sing N N 50  
DC  "C4'" "H4'"  sing N N 51  
DC  "O4'" "C1'"  sing N N 52  
DC  "C3'" "O3'"  sing N N 53  
DC  "C3'" "C2'"  sing N N 54  
DC  "C3'" "H3'"  sing N N 55  
DC  "O3'" "HO3'" sing N N 56  
DC  "C2'" "C1'"  sing N N 57  
DC  "C2'" "H2'"  sing N N 58  
DC  "C2'" "H2''" sing N N 59  
DC  "C1'" N1     sing N N 60  
DC  "C1'" "H1'"  sing N N 61  
DC  N1    C2     sing N N 62  
DC  N1    C6     sing N N 63  
DC  C2    O2     doub N N 64  
DC  C2    N3     sing N N 65  
DC  N3    C4     doub N N 66  
DC  C4    N4     sing N N 67  
DC  C4    C5     sing N N 68  
DC  N4    H41    sing N N 69  
DC  N4    H42    sing N N 70  
DC  C5    C6     doub N N 71  
DC  C5    H5     sing N N 72  
DC  C6    H6     sing N N 73  
DG  OP3   P      sing N N 74  
DG  OP3   HOP3   sing N N 75  
DG  P     OP1    doub N N 76  
DG  P     OP2    sing N N 77  
DG  P     "O5'"  sing N N 78  
DG  OP2   HOP2   sing N N 79  
DG  "O5'" "C5'"  sing N N 80  
DG  "C5'" "C4'"  sing N N 81  
DG  "C5'" "H5'"  sing N N 82  
DG  "C5'" "H5''" sing N N 83  
DG  "C4'" "O4'"  sing N N 84  
DG  "C4'" "C3'"  sing N N 85  
DG  "C4'" "H4'"  sing N N 86  
DG  "O4'" "C1'"  sing N N 87  
DG  "C3'" "O3'"  sing N N 88  
DG  "C3'" "C2'"  sing N N 89  
DG  "C3'" "H3'"  sing N N 90  
DG  "O3'" "HO3'" sing N N 91  
DG  "C2'" "C1'"  sing N N 92  
DG  "C2'" "H2'"  sing N N 93  
DG  "C2'" "H2''" sing N N 94  
DG  "C1'" N9     sing N N 95  
DG  "C1'" "H1'"  sing N N 96  
DG  N9    C8     sing Y N 97  
DG  N9    C4     sing Y N 98  
DG  C8    N7     doub Y N 99  
DG  C8    H8     sing N N 100 
DG  N7    C5     sing Y N 101 
DG  C5    C6     sing N N 102 
DG  C5    C4     doub Y N 103 
DG  C6    O6     doub N N 104 
DG  C6    N1     sing N N 105 
DG  N1    C2     sing N N 106 
DG  N1    H1     sing N N 107 
DG  C2    N2     sing N N 108 
DG  C2    N3     doub N N 109 
DG  N2    H21    sing N N 110 
DG  N2    H22    sing N N 111 
DG  N3    C4     sing N N 112 
DT  OP3   P      sing N N 113 
DT  OP3   HOP3   sing N N 114 
DT  P     OP1    doub N N 115 
DT  P     OP2    sing N N 116 
DT  P     "O5'"  sing N N 117 
DT  OP2   HOP2   sing N N 118 
DT  "O5'" "C5'"  sing N N 119 
DT  "C5'" "C4'"  sing N N 120 
DT  "C5'" "H5'"  sing N N 121 
DT  "C5'" "H5''" sing N N 122 
DT  "C4'" "O4'"  sing N N 123 
DT  "C4'" "C3'"  sing N N 124 
DT  "C4'" "H4'"  sing N N 125 
DT  "O4'" "C1'"  sing N N 126 
DT  "C3'" "O3'"  sing N N 127 
DT  "C3'" "C2'"  sing N N 128 
DT  "C3'" "H3'"  sing N N 129 
DT  "O3'" "HO3'" sing N N 130 
DT  "C2'" "C1'"  sing N N 131 
DT  "C2'" "H2'"  sing N N 132 
DT  "C2'" "H2''" sing N N 133 
DT  "C1'" N1     sing N N 134 
DT  "C1'" "H1'"  sing N N 135 
DT  N1    C2     sing N N 136 
DT  N1    C6     sing N N 137 
DT  C2    O2     doub N N 138 
DT  C2    N3     sing N N 139 
DT  N3    C4     sing N N 140 
DT  N3    H3     sing N N 141 
DT  C4    O4     doub N N 142 
DT  C4    C5     sing N N 143 
DT  C5    C7     sing N N 144 
DT  C5    C6     doub N N 145 
DT  C7    H71    sing N N 146 
DT  C7    H72    sing N N 147 
DT  C7    H73    sing N N 148 
DT  C6    H6     sing N N 149 
HOH O     H1     sing N N 150 
HOH O     H2     sing N N 151 
ZQQ C34   C33    sing N N 152 
ZQQ C34   C35    sing N N 153 
ZQQ C33   N31    sing N N 154 
ZQQ N31   C30    sing N N 155 
ZQQ C35   N36    sing N N 156 
ZQQ C03   C04    doub Y N 157 
ZQQ C03   N02    sing Y N 158 
ZQQ C04   N05    sing Y N 159 
ZQQ C37   N36    sing N N 160 
ZQQ N36   C38    sing N N 161 
ZQQ N02   C01    doub Y N 162 
ZQQ C30   O32    doub N N 163 
ZQQ C30   C29    sing N N 164 
ZQQ N05   C01    sing Y N 165 
ZQQ N05   C06    sing N N 166 
ZQQ C01   C07    sing N N 167 
ZQQ C29   C28    sing N N 168 
ZQQ C28   N27    sing N N 169 
ZQQ C07   N08    sing N N 170 
ZQQ C07   O09    doub N N 171 
ZQQ N08   C10    sing N N 172 
ZQQ N27   C25    sing N N 173 
ZQQ C10   C14    sing Y N 174 
ZQQ C10   C11    doub Y N 175 
ZQQ C14   C13    doub Y N 176 
ZQQ C23   C22    doub Y N 177 
ZQQ C23   C19    sing Y N 178 
ZQQ C25   O26    doub N N 179 
ZQQ C25   C22    sing N N 180 
ZQQ C22   N21    sing Y N 181 
ZQQ N17   C19    sing N N 182 
ZQQ N17   C16    sing N N 183 
ZQQ C11   N12    sing Y N 184 
ZQQ C19   C20    doub Y N 185 
ZQQ C13   C16    sing N N 186 
ZQQ C13   N12    sing Y N 187 
ZQQ C16   O18    doub N N 188 
ZQQ N12   C15    sing N N 189 
ZQQ N21   C20    sing Y N 190 
ZQQ N21   C24    sing N N 191 
ZQQ C03   H1     sing N N 192 
ZQQ C04   H2     sing N N 193 
ZQQ C06   H3     sing N N 194 
ZQQ C06   H4     sing N N 195 
ZQQ C06   H5     sing N N 196 
ZQQ C11   H6     sing N N 197 
ZQQ C14   H7     sing N N 198 
ZQQ C15   H8     sing N N 199 
ZQQ C15   H9     sing N N 200 
ZQQ C15   H10    sing N N 201 
ZQQ C20   H11    sing N N 202 
ZQQ C23   H12    sing N N 203 
ZQQ C24   H13    sing N N 204 
ZQQ C24   H14    sing N N 205 
ZQQ C24   H15    sing N N 206 
ZQQ C28   H16    sing N N 207 
ZQQ C28   H17    sing N N 208 
ZQQ C29   H18    sing N N 209 
ZQQ C29   H19    sing N N 210 
ZQQ C33   H20    sing N N 211 
ZQQ C33   H21    sing N N 212 
ZQQ C34   H22    sing N N 213 
ZQQ C34   H23    sing N N 214 
ZQQ C35   H24    sing N N 215 
ZQQ C35   H25    sing N N 216 
ZQQ C37   H26    sing N N 217 
ZQQ C37   H27    sing N N 218 
ZQQ C37   H28    sing N N 219 
ZQQ C38   H29    sing N N 220 
ZQQ C38   H30    sing N N 221 
ZQQ C38   H31    sing N N 222 
ZQQ N08   H32    sing N N 223 
ZQQ N17   H33    sing N N 224 
ZQQ N27   H34    sing N N 225 
ZQQ N31   H35    sing N N 226 
# 
loop_
_ndb_struct_conf_na.entry_id 
_ndb_struct_conf_na.feature 
8TC4 'double helix'        
8TC4 'b-form double helix' 
# 
loop_
_ndb_struct_na_base_pair.model_number 
_ndb_struct_na_base_pair.i_label_asym_id 
_ndb_struct_na_base_pair.i_label_comp_id 
_ndb_struct_na_base_pair.i_label_seq_id 
_ndb_struct_na_base_pair.i_symmetry 
_ndb_struct_na_base_pair.j_label_asym_id 
_ndb_struct_na_base_pair.j_label_comp_id 
_ndb_struct_na_base_pair.j_label_seq_id 
_ndb_struct_na_base_pair.j_symmetry 
_ndb_struct_na_base_pair.shear 
_ndb_struct_na_base_pair.stretch 
_ndb_struct_na_base_pair.stagger 
_ndb_struct_na_base_pair.buckle 
_ndb_struct_na_base_pair.propeller 
_ndb_struct_na_base_pair.opening 
_ndb_struct_na_base_pair.pair_number 
_ndb_struct_na_base_pair.pair_name 
_ndb_struct_na_base_pair.i_auth_asym_id 
_ndb_struct_na_base_pair.i_auth_seq_id 
_ndb_struct_na_base_pair.i_PDB_ins_code 
_ndb_struct_na_base_pair.j_auth_asym_id 
_ndb_struct_na_base_pair.j_auth_seq_id 
_ndb_struct_na_base_pair.j_PDB_ins_code 
_ndb_struct_na_base_pair.hbond_type_28 
_ndb_struct_na_base_pair.hbond_type_12 
1 A DG 3  1_555 D DC 7 1_555 -0.230 -0.191 -0.606 -4.916  -12.470 5.845   1  A_DG3:DC16_D A 3  ? D 16 ? 19 1 
1 A DC 4  1_555 D DG 6 1_555 -0.399 1.322  -0.318 -5.017  -16.685 19.906  2  A_DC4:DG15_D A 4  ? D 15 ? ?  1 
1 A DA 5  1_555 D DT 5 1_555 0.209  -0.131 -1.049 -11.345 1.741   -6.394  3  A_DA5:DT14_D A 5  ? D 14 ? 20 1 
1 A DG 6  1_555 D DC 4 1_555 -0.279 0.003  -0.725 -6.688  -8.054  8.625   4  A_DG6:DC13_D A 6  ? D 13 ? 19 1 
1 A DA 7  1_555 D DT 3 1_555 0.055  -0.121 -0.834 -7.205  -13.369 -2.355  5  A_DA7:DT12_D A 7  ? D 12 ? 20 1 
1 A DC 8  1_555 D DG 2 1_555 0.231  -0.098 -0.213 -3.257  -7.957  2.698   6  A_DC8:DG11_D A 8  ? D 11 ? 19 1 
1 A DC 9  1_555 D DG 1 1_555 0.143  -0.007 0.050  -4.554  -6.858  1.745   7  A_DC9:DG10_D A 9  ? D 10 ? 19 1 
1 A DT 10 1_555 B DA 5 1_555 -1.491 0.266  0.534  -8.783  -15.317 8.727   8  A_DT10:DA5_B A 10 ? B 5  ? ?  ? 
1 A DG 11 1_555 B DC 4 1_555 -0.196 -0.115 -0.088 1.535   -11.114 0.184   9  A_DG11:DC4_B A 11 ? B 4  ? 19 1 
1 A DA 12 1_555 B DT 3 1_555 0.074  -0.075 -0.392 -4.199  -12.974 -0.130  10 A_DA12:DT3_B A 12 ? B 3  ? 20 1 
1 A DC 13 1_555 B DG 2 1_555 0.131  -0.159 -0.062 -7.109  -13.386 1.196   11 A_DC13:DG2_B A 13 ? B 2  ? 19 1 
1 A DG 14 1_555 B DC 1 1_555 -0.107 -0.343 1.044  6.362   -3.468  -2.135  12 A_DG14:DC1_B A 14 ? B 1  ? 19 1 
1 A DA 15 1_555 C DT 9 1_555 0.024  -0.097 0.386  -6.227  -1.325  -0.693  13 A_DA15:DT9_C A 15 ? C 9  ? 20 1 
1 A DT 16 1_555 C DA 8 1_555 -0.158 -0.047 0.453  -2.445  0.129   -0.759  14 A_DT16:DA8_C A 16 ? C 8  ? 20 1 
1 A DG 17 1_555 C DC 7 1_555 -0.135 -0.196 0.805  -1.128  -0.961  -2.254  15 A_DG17:DC7_C A 17 ? C 7  ? 19 1 
1 A DT 18 1_555 C DA 6 1_555 -0.344 -0.066 0.783  2.633   -6.667  -17.231 16 A_DT18:DA6_C A 18 ? C 6  ? 20 1 
1 A DC 19 1_555 C DG 5 1_555 0.065  -0.164 0.834  1.067   -8.191  -3.424  17 A_DC19:DG5_C A 19 ? C 5  ? 19 1 
1 A DC 21 1_555 C DG 3 1_555 0.131  -0.213 0.968  -1.428  -8.430  -2.144  18 A_DC21:DG3_C A 21 ? C 3  ? 19 1 
# 
loop_
_ndb_struct_na_base_pair_step.model_number 
_ndb_struct_na_base_pair_step.i_label_asym_id_1 
_ndb_struct_na_base_pair_step.i_label_comp_id_1 
_ndb_struct_na_base_pair_step.i_label_seq_id_1 
_ndb_struct_na_base_pair_step.i_symmetry_1 
_ndb_struct_na_base_pair_step.j_label_asym_id_1 
_ndb_struct_na_base_pair_step.j_label_comp_id_1 
_ndb_struct_na_base_pair_step.j_label_seq_id_1 
_ndb_struct_na_base_pair_step.j_symmetry_1 
_ndb_struct_na_base_pair_step.i_label_asym_id_2 
_ndb_struct_na_base_pair_step.i_label_comp_id_2 
_ndb_struct_na_base_pair_step.i_label_seq_id_2 
_ndb_struct_na_base_pair_step.i_symmetry_2 
_ndb_struct_na_base_pair_step.j_label_asym_id_2 
_ndb_struct_na_base_pair_step.j_label_comp_id_2 
_ndb_struct_na_base_pair_step.j_label_seq_id_2 
_ndb_struct_na_base_pair_step.j_symmetry_2 
_ndb_struct_na_base_pair_step.shift 
_ndb_struct_na_base_pair_step.slide 
_ndb_struct_na_base_pair_step.rise 
_ndb_struct_na_base_pair_step.tilt 
_ndb_struct_na_base_pair_step.roll 
_ndb_struct_na_base_pair_step.twist 
_ndb_struct_na_base_pair_step.x_displacement 
_ndb_struct_na_base_pair_step.y_displacement 
_ndb_struct_na_base_pair_step.helical_rise 
_ndb_struct_na_base_pair_step.inclination 
_ndb_struct_na_base_pair_step.tip 
_ndb_struct_na_base_pair_step.helical_twist 
_ndb_struct_na_base_pair_step.step_number 
_ndb_struct_na_base_pair_step.step_name 
_ndb_struct_na_base_pair_step.i_auth_asym_id_1 
_ndb_struct_na_base_pair_step.i_auth_seq_id_1 
_ndb_struct_na_base_pair_step.i_PDB_ins_code_1 
_ndb_struct_na_base_pair_step.j_auth_asym_id_1 
_ndb_struct_na_base_pair_step.j_auth_seq_id_1 
_ndb_struct_na_base_pair_step.j_PDB_ins_code_1 
_ndb_struct_na_base_pair_step.i_auth_asym_id_2 
_ndb_struct_na_base_pair_step.i_auth_seq_id_2 
_ndb_struct_na_base_pair_step.i_PDB_ins_code_2 
_ndb_struct_na_base_pair_step.j_auth_asym_id_2 
_ndb_struct_na_base_pair_step.j_auth_seq_id_2 
_ndb_struct_na_base_pair_step.j_PDB_ins_code_2 
1 A DG 3  1_555 D DC 7 1_555 A DC 4  1_555 D DG 6 1_555 0.756  0.284  3.066 -0.512 1.618  30.980 0.239  -1.505 3.064 3.027  0.957  
31.026 1  AA_DG3DC4:DG15DC16_DD A 3  ? D 16 ? A 4  ? D 15 ? 
1 A DC 4  1_555 D DG 6 1_555 A DA 5  1_555 D DT 5 1_555 -2.114 1.384  3.276 -5.733 8.485  41.427 0.976  2.281  3.723 11.779 7.959  
42.619 2  AA_DC4DA5:DT14DG15_DD A 4  ? D 15 ? A 5  ? D 14 ? 
1 A DA 5  1_555 D DT 5 1_555 A DG 6  1_555 D DC 4 1_555 1.546  -0.885 3.201 -2.626 11.228 26.235 -4.092 -3.667 2.459 23.355 5.461  
28.616 3  AA_DA5DG6:DC13DT14_DD A 5  ? D 14 ? A 6  ? D 13 ? 
1 A DG 6  1_555 D DC 4 1_555 A DA 7  1_555 D DT 3 1_555 -1.943 0.882  3.240 -9.329 0.512  38.529 1.239  1.708  3.606 0.762  13.890 
39.603 4  AA_DG6DA7:DT12DC13_DD A 6  ? D 13 ? A 7  ? D 12 ? 
1 A DA 7  1_555 D DT 3 1_555 A DC 8  1_555 D DG 2 1_555 0.657  -0.694 3.040 -6.354 -1.185 34.986 -0.978 -1.925 2.901 -1.951 10.459 
35.560 5  AA_DA7DC8:DG11DT12_DD A 7  ? D 12 ? A 8  ? D 11 ? 
1 A DC 8  1_555 D DG 2 1_555 A DC 9  1_555 D DG 1 1_555 -0.606 -0.960 3.574 -7.220 -1.370 34.948 -1.345 -0.179 3.656 -2.251 11.861 
35.689 6  AA_DC8DC9:DG10DG11_DD A 8  ? D 11 ? A 9  ? D 10 ? 
1 A DC 9  1_555 D DG 1 1_555 A DT 10 1_555 B DA 5 1_555 -0.652 -1.686 3.440 -4.915 -2.625 18.267 -3.587 -0.837 3.689 -8.030 15.035 
19.091 7  AA_DC9DT10:DA5DG10_BD A 9  ? D 10 ? A 10 ? B 5  ? 
1 A DT 10 1_555 B DA 5 1_555 A DG 11 1_555 B DC 4 1_555 -1.062 1.395  3.250 -0.548 7.428  41.462 1.150  1.420  3.452 10.391 0.766  
42.096 8  AA_DT10DG11:DC4DA5_BB A 10 ? B 5  ? A 11 ? B 4  ? 
1 A DG 11 1_555 B DC 4 1_555 A DA 12 1_555 B DT 3 1_555 -0.255 -0.223 3.408 -2.583 1.654  35.548 -0.614 0.026  3.404 2.703  4.221  
35.676 9  AA_DG11DA12:DT3DC4_BB A 11 ? B 4  ? A 12 ? B 3  ? 
1 A DA 12 1_555 B DT 3 1_555 A DC 13 1_555 B DG 2 1_555 0.450  -0.891 3.312 -0.679 -2.755 32.611 -1.096 -0.918 3.364 -4.894 1.207  
32.731 10 AA_DA12DC13:DG2DT3_BB A 12 ? B 3  ? A 13 ? B 2  ? 
1 A DC 13 1_555 B DG 2 1_555 A DG 14 1_555 B DC 1 1_555 0.266  -0.054 3.057 -8.714 -4.675 38.798 0.419  -1.318 2.919 -6.901 12.865 
39.992 11 AA_DC13DG14:DC1DG2_BB A 13 ? B 2  ? A 14 ? B 1  ? 
1 A DG 14 1_555 B DC 1 1_555 A DA 15 1_555 C DT 9 1_555 -0.851 -1.140 3.538 3.010  2.536  31.880 -2.540 2.109  3.347 4.595  -5.453 
32.115 12 AA_DG14DA15:DT9DC1_CB A 14 ? B 1  ? A 15 ? C 9  ? 
1 A DA 15 1_555 C DT 9 1_555 A DT 16 1_555 C DA 8 1_555 -0.018 -1.047 3.326 -0.799 3.939  29.897 -2.811 -0.127 3.164 7.592  1.540  
30.160 13 AA_DA15DT16:DA8DT9_CC A 15 ? C 9  ? A 16 ? C 8  ? 
1 A DT 16 1_555 C DA 8 1_555 A DG 17 1_555 C DC 7 1_555 -1.170 0.136  3.278 -6.264 4.588  40.629 -0.315 0.965  3.409 6.535  8.923  
41.333 14 AA_DT16DG17:DC7DA8_CC A 16 ? C 8  ? A 17 ? C 7  ? 
1 A DG 17 1_555 C DC 7 1_555 A DT 18 1_555 C DA 6 1_555 -1.198 -0.829 3.109 -1.186 2.226  32.923 -1.817 1.917  3.087 3.921  2.089  
33.017 15 AA_DG17DT18:DA6DC7_CC A 17 ? C 7  ? A 18 ? C 6  ? 
1 A DT 18 1_555 C DA 6 1_555 A DC 19 1_555 C DG 5 1_555 0.309  -0.217 3.261 1.001  -1.641 36.627 -0.121 -0.355 3.275 -2.609 -1.592 
36.675 16 AA_DT18DC19:DG5DA6_CC A 18 ? C 6  ? A 19 ? C 5  ? 
1 A DC 19 1_555 C DG 5 1_555 A DC 21 1_555 C DG 3 1_555 0.959  -1.164 7.099 -5.418 2.267  68.732 -1.208 -1.276 6.980 2.004  4.790  
68.952 17 AA_DC19DC21:DG3DG5_CC A 19 ? C 5  ? A 21 ? C 3  ? 
# 
loop_
_pdbx_audit_support.funding_organization 
_pdbx_audit_support.country 
_pdbx_audit_support.grant_number 
_pdbx_audit_support.ordinal 
'National Science Foundation (NSF, United States)'                                         'United States' 1360635     1 
'National Institutes of Health/National Institute of General Medical Sciences (NIH/NIGMS)' 'United States' R01GM104960 2 
'National Science Foundation (NSF, United States)'                                         'United States' NSF2004250  3 
# 
loop_
_pdbx_entity_nonpoly.entity_id 
_pdbx_entity_nonpoly.name 
_pdbx_entity_nonpoly.comp_id 
5 
;N-[5-({5-[(3-{[3-(dimethylamino)propyl]amino}-3-oxopropyl)carbamoyl]-1-methyl-1H-pyrrol-3-yl}carbamoyl)-1-methyl-1H-pyrrol-3-yl]-1-methyl-1H-imidazole-2-carboxamide
;
ZQQ 
6 'MAGNESIUM ION' MG  
7 water HOH 
# 
_pdbx_initial_refinement_model.id               1 
_pdbx_initial_refinement_model.entity_id_list   ? 
_pdbx_initial_refinement_model.type             'experimental model' 
_pdbx_initial_refinement_model.source_name      PDB 
_pdbx_initial_refinement_model.accession_code   5KEK 
_pdbx_initial_refinement_model.details          ? 
# 
